data_7P4N
#
_entry.id   7P4N
#
_entity_poly.entity_id   1
_entity_poly.type   'polypeptide(L)'
_entity_poly.pdbx_seq_one_letter_code
;GSMATACTIQLRGGQIMTLKRDETLQDGCDTHFCKVNERGEYFWEKRVTGCPPFDEHKCLAEGGKIMKIPGTCCDTCE
;
_entity_poly.pdbx_strand_id   A
#
# COMPACT_ATOMS: atom_id res chain seq x y z
N GLY A 1 -4.34 30.01 -3.61
CA GLY A 1 -4.02 29.61 -4.97
C GLY A 1 -4.38 28.16 -5.25
N SER A 2 -3.41 27.39 -5.69
CA SER A 2 -3.60 25.98 -5.91
C SER A 2 -3.46 25.22 -4.58
N MET A 3 -4.42 24.33 -4.33
CA MET A 3 -4.43 23.55 -3.11
C MET A 3 -4.59 22.07 -3.47
N ALA A 4 -4.48 21.21 -2.48
CA ALA A 4 -4.65 19.78 -2.70
C ALA A 4 -6.11 19.45 -2.91
N THR A 5 -6.37 18.60 -3.90
CA THR A 5 -7.72 18.19 -4.16
C THR A 5 -7.88 16.68 -3.99
N ALA A 6 -6.77 16.01 -3.68
CA ALA A 6 -6.79 14.57 -3.48
C ALA A 6 -5.42 14.09 -3.00
N CYS A 7 -5.28 12.79 -2.83
CA CYS A 7 -4.03 12.18 -2.43
C CYS A 7 -3.50 11.35 -3.60
N THR A 8 -2.34 11.73 -4.10
CA THR A 8 -1.73 11.02 -5.21
C THR A 8 -0.72 10.02 -4.68
N ILE A 9 -1.13 8.76 -4.65
CA ILE A 9 -0.34 7.71 -4.02
C ILE A 9 0.39 6.88 -5.08
N GLN A 10 1.28 6.02 -4.61
CA GLN A 10 1.94 5.07 -5.50
C GLN A 10 1.98 3.69 -4.84
N LEU A 11 1.31 2.73 -5.45
CA LEU A 11 1.32 1.36 -4.94
C LEU A 11 2.70 0.74 -5.12
N ARG A 12 3.05 -0.16 -4.22
CA ARG A 12 4.35 -0.85 -4.24
C ARG A 12 4.56 -1.60 -5.55
N GLY A 13 3.46 -1.92 -6.23
CA GLY A 13 3.54 -2.66 -7.48
C GLY A 13 3.79 -1.74 -8.67
N GLY A 14 3.97 -0.46 -8.41
CA GLY A 14 4.24 0.48 -9.49
C GLY A 14 2.97 1.00 -10.12
N GLN A 15 2.19 1.74 -9.32
CA GLN A 15 0.92 2.30 -9.78
C GLN A 15 0.59 3.58 -9.05
N ILE A 16 0.54 4.68 -9.76
CA ILE A 16 0.18 5.96 -9.18
C ILE A 16 -1.34 6.11 -9.18
N MET A 17 -1.93 6.12 -8.00
CA MET A 17 -3.37 6.08 -7.86
C MET A 17 -3.88 7.41 -7.29
N THR A 18 -5.08 7.78 -7.67
CA THR A 18 -5.69 9.01 -7.19
C THR A 18 -6.82 8.72 -6.21
N LEU A 19 -6.62 9.11 -4.96
CA LEU A 19 -7.64 8.97 -3.94
C LEU A 19 -8.16 10.33 -3.53
N LYS A 20 -9.47 10.46 -3.49
CA LYS A 20 -10.10 11.68 -2.99
C LYS A 20 -10.29 11.56 -1.49
N ARG A 21 -10.94 12.54 -0.88
CA ARG A 21 -11.14 12.48 0.57
C ARG A 21 -12.02 11.30 0.93
N ASP A 22 -11.67 10.64 2.03
CA ASP A 22 -12.44 9.53 2.57
C ASP A 22 -12.32 8.29 1.68
N GLU A 23 -11.50 8.40 0.64
CA GLU A 23 -11.22 7.28 -0.24
C GLU A 23 -10.04 6.49 0.31
N THR A 24 -10.06 5.19 0.07
CA THR A 24 -8.97 4.33 0.47
C THR A 24 -8.57 3.46 -0.71
N LEU A 25 -7.45 2.79 -0.62
CA LEU A 25 -6.98 1.98 -1.72
C LEU A 25 -7.06 0.53 -1.31
N GLN A 26 -7.88 -0.22 -2.02
CA GLN A 26 -8.06 -1.63 -1.74
C GLN A 26 -7.05 -2.44 -2.51
N ASP A 27 -5.99 -2.83 -1.82
CA ASP A 27 -4.94 -3.68 -2.35
C ASP A 27 -4.32 -4.40 -1.18
N GLY A 28 -3.88 -5.63 -1.35
CA GLY A 28 -3.19 -6.27 -0.26
C GLY A 28 -1.84 -5.62 -0.08
N CYS A 29 -1.79 -4.66 0.82
CA CYS A 29 -0.59 -3.92 1.11
C CYS A 29 -0.82 -3.12 2.37
N ASP A 30 0.14 -2.30 2.75
CA ASP A 30 -0.04 -1.35 3.84
C ASP A 30 -1.15 -0.38 3.45
N THR A 31 -2.26 -0.45 4.19
CA THR A 31 -3.51 0.22 3.81
C THR A 31 -3.34 1.72 3.59
N HIS A 32 -3.81 2.20 2.45
CA HIS A 32 -3.66 3.61 2.10
C HIS A 32 -4.96 4.36 2.36
N PHE A 33 -4.88 5.37 3.22
CA PHE A 33 -6.02 6.24 3.51
C PHE A 33 -5.78 7.65 2.98
N CYS A 34 -6.84 8.30 2.50
CA CYS A 34 -6.77 9.70 2.12
C CYS A 34 -7.80 10.51 2.90
N LYS A 35 -7.31 11.44 3.71
CA LYS A 35 -8.20 12.25 4.54
C LYS A 35 -7.92 13.73 4.31
N VAL A 36 -8.85 14.58 4.74
CA VAL A 36 -8.71 16.01 4.60
C VAL A 36 -8.69 16.70 5.97
N ASN A 37 -7.84 17.71 6.11
CA ASN A 37 -7.78 18.49 7.35
C ASN A 37 -8.85 19.58 7.36
N GLU A 38 -8.94 20.29 8.46
CA GLU A 38 -9.95 21.34 8.63
C GLU A 38 -9.69 22.54 7.73
N ARG A 39 -8.56 22.52 7.01
CA ARG A 39 -8.19 23.64 6.16
C ARG A 39 -8.48 23.31 4.69
N GLY A 40 -8.71 22.03 4.41
CA GLY A 40 -9.02 21.61 3.06
C GLY A 40 -7.91 20.80 2.40
N GLU A 41 -6.83 20.54 3.12
CA GLU A 41 -5.69 19.84 2.54
C GLU A 41 -5.83 18.33 2.76
N TYR A 42 -5.26 17.58 1.82
CA TYR A 42 -5.39 16.13 1.83
C TYR A 42 -4.14 15.46 2.43
N PHE A 43 -4.38 14.49 3.29
CA PHE A 43 -3.33 13.73 3.94
C PHE A 43 -3.36 12.28 3.50
N TRP A 44 -2.19 11.74 3.15
CA TRP A 44 -2.08 10.35 2.77
C TRP A 44 -1.51 9.53 3.92
N GLU A 45 -2.39 8.82 4.59
CA GLU A 45 -1.99 8.00 5.73
C GLU A 45 -1.75 6.56 5.27
N LYS A 46 -0.55 6.07 5.51
CA LYS A 46 -0.23 4.69 5.20
C LYS A 46 -0.27 3.86 6.46
N ARG A 47 -1.20 2.92 6.51
CA ARG A 47 -1.30 2.02 7.63
C ARG A 47 -0.28 0.91 7.46
N VAL A 48 0.80 0.97 8.22
CA VAL A 48 1.94 0.10 7.99
C VAL A 48 2.19 -0.81 9.19
N THR A 49 2.60 -2.03 8.93
CA THR A 49 2.93 -2.98 9.97
C THR A 49 4.23 -3.69 9.60
N GLY A 50 4.63 -4.67 10.40
CA GLY A 50 5.85 -5.40 10.13
C GLY A 50 5.55 -6.74 9.50
N CYS A 51 6.11 -6.98 8.34
CA CYS A 51 5.89 -8.25 7.65
C CYS A 51 6.86 -9.30 8.16
N PRO A 52 6.44 -10.58 8.18
CA PRO A 52 7.30 -11.67 8.64
C PRO A 52 8.50 -11.85 7.72
N PRO A 53 9.69 -12.09 8.28
CA PRO A 53 10.88 -12.39 7.48
C PRO A 53 10.64 -13.60 6.59
N PHE A 54 11.02 -13.46 5.34
CA PHE A 54 10.68 -14.46 4.34
C PHE A 54 11.91 -15.10 3.73
N ASP A 55 11.81 -16.39 3.45
CA ASP A 55 12.88 -17.13 2.82
C ASP A 55 12.51 -17.40 1.36
N GLU A 56 13.05 -16.59 0.46
CA GLU A 56 12.75 -16.76 -0.95
C GLU A 56 13.46 -17.99 -1.49
N HIS A 57 14.47 -18.43 -0.77
CA HIS A 57 15.18 -19.66 -1.09
C HIS A 57 14.35 -20.86 -0.66
N LYS A 58 13.61 -20.68 0.43
CA LYS A 58 12.72 -21.71 0.92
C LYS A 58 11.53 -21.84 -0.01
N CYS A 59 11.40 -20.87 -0.88
CA CYS A 59 10.45 -20.94 -1.96
C CYS A 59 11.20 -21.07 -3.27
N LEU A 60 10.49 -21.07 -4.40
CA LEU A 60 11.10 -21.18 -5.72
C LEU A 60 11.77 -22.54 -5.90
N ALA A 61 12.94 -22.71 -5.28
CA ALA A 61 13.73 -23.92 -5.41
C ALA A 61 13.00 -25.12 -4.80
N GLU A 62 12.12 -24.83 -3.84
CA GLU A 62 11.33 -25.87 -3.20
C GLU A 62 10.05 -26.16 -3.99
N GLY A 63 9.82 -25.38 -5.04
CA GLY A 63 8.67 -25.61 -5.89
C GLY A 63 7.51 -24.67 -5.63
N GLY A 64 7.82 -23.44 -5.23
CA GLY A 64 6.77 -22.48 -4.92
C GLY A 64 6.95 -21.17 -5.65
N LYS A 65 5.98 -20.28 -5.51
CA LYS A 65 6.03 -18.97 -6.14
C LYS A 65 5.79 -17.88 -5.11
N ILE A 66 6.24 -16.67 -5.40
CA ILE A 66 6.25 -15.60 -4.43
C ILE A 66 5.04 -14.70 -4.61
N MET A 67 4.25 -14.57 -3.55
CA MET A 67 3.02 -13.79 -3.57
C MET A 67 3.17 -12.52 -2.72
N LYS A 68 2.09 -11.76 -2.62
CA LYS A 68 2.09 -10.51 -1.87
C LYS A 68 1.24 -10.67 -0.60
N ILE A 69 1.69 -10.08 0.49
CA ILE A 69 0.99 -10.22 1.77
C ILE A 69 -0.17 -9.23 1.87
N PRO A 70 -1.33 -9.70 2.39
CA PRO A 70 -2.45 -8.81 2.70
C PRO A 70 -2.22 -8.05 4.01
N GLY A 71 -2.23 -6.72 3.94
CA GLY A 71 -2.07 -5.93 5.14
C GLY A 71 -0.75 -5.18 5.16
N THR A 72 0.20 -5.67 4.39
CA THR A 72 1.48 -5.01 4.23
C THR A 72 2.17 -5.54 2.99
N CYS A 73 3.09 -4.79 2.45
CA CYS A 73 3.77 -5.24 1.25
C CYS A 73 5.09 -5.87 1.59
N CYS A 74 5.21 -7.15 1.25
CA CYS A 74 6.38 -7.93 1.55
C CYS A 74 6.38 -9.16 0.66
N ASP A 75 7.43 -9.95 0.72
CA ASP A 75 7.51 -11.17 -0.07
C ASP A 75 6.98 -12.35 0.73
N THR A 76 6.31 -13.28 0.07
CA THR A 76 5.84 -14.49 0.73
C THR A 76 5.71 -15.62 -0.29
N CYS A 77 5.58 -16.84 0.19
CA CYS A 77 5.50 -18.01 -0.67
C CYS A 77 4.13 -18.66 -0.54
N GLU A 78 3.63 -19.22 -1.64
CA GLU A 78 2.33 -19.91 -1.66
C GLU A 78 2.19 -20.85 -0.46
N GLY A 1 1.04 24.53 -0.59
CA GLY A 1 1.62 25.04 -1.82
C GLY A 1 0.80 24.65 -3.03
N SER A 2 0.66 23.35 -3.23
CA SER A 2 -0.12 22.83 -4.34
C SER A 2 -1.56 22.58 -3.89
N MET A 3 -2.52 23.08 -4.66
CA MET A 3 -3.93 22.88 -4.35
C MET A 3 -4.38 21.51 -4.83
N ALA A 4 -4.64 20.62 -3.89
CA ALA A 4 -5.08 19.29 -4.22
C ALA A 4 -6.57 19.15 -4.00
N THR A 5 -7.22 18.39 -4.85
CA THR A 5 -8.64 18.11 -4.69
C THR A 5 -8.84 16.62 -4.42
N ALA A 6 -7.71 15.93 -4.27
CA ALA A 6 -7.68 14.52 -3.98
C ALA A 6 -6.27 14.12 -3.57
N CYS A 7 -6.06 12.85 -3.29
CA CYS A 7 -4.75 12.37 -2.86
C CYS A 7 -4.14 11.46 -3.94
N THR A 8 -3.00 11.89 -4.46
CA THR A 8 -2.29 11.12 -5.46
C THR A 8 -1.38 10.10 -4.79
N ILE A 9 -1.83 8.84 -4.76
CA ILE A 9 -1.10 7.79 -4.07
C ILE A 9 -0.40 6.88 -5.07
N GLN A 10 0.42 5.99 -4.57
CA GLN A 10 1.01 4.95 -5.38
C GLN A 10 1.09 3.65 -4.57
N LEU A 11 0.43 2.62 -5.06
CA LEU A 11 0.50 1.31 -4.42
C LEU A 11 1.94 0.83 -4.41
N ARG A 12 2.35 0.11 -3.37
CA ARG A 12 3.72 -0.34 -3.25
C ARG A 12 4.06 -1.35 -4.35
N GLY A 13 3.03 -1.92 -4.96
CA GLY A 13 3.22 -2.80 -6.10
C GLY A 13 3.63 -2.04 -7.35
N GLY A 14 3.40 -0.74 -7.35
CA GLY A 14 3.80 0.10 -8.45
C GLY A 14 2.61 0.61 -9.27
N GLN A 15 1.68 1.29 -8.61
CA GLN A 15 0.48 1.76 -9.29
C GLN A 15 0.00 3.08 -8.70
N ILE A 16 0.06 4.14 -9.49
CA ILE A 16 -0.42 5.45 -9.05
C ILE A 16 -1.94 5.47 -9.07
N MET A 17 -2.55 5.79 -7.93
CA MET A 17 -3.99 5.76 -7.78
C MET A 17 -4.51 7.11 -7.29
N THR A 18 -5.73 7.45 -7.66
CA THR A 18 -6.33 8.70 -7.24
C THR A 18 -7.39 8.47 -6.16
N LEU A 19 -7.09 8.89 -4.94
CA LEU A 19 -8.04 8.80 -3.85
C LEU A 19 -8.71 10.14 -3.61
N LYS A 20 -10.02 10.12 -3.43
CA LYS A 20 -10.77 11.32 -3.12
C LYS A 20 -10.89 11.48 -1.62
N ARG A 21 -11.54 12.55 -1.15
CA ARG A 21 -11.72 12.72 0.29
C ARG A 21 -12.52 11.55 0.87
N ASP A 22 -12.06 11.04 2.02
CA ASP A 22 -12.75 9.96 2.72
C ASP A 22 -12.57 8.64 1.98
N GLU A 23 -11.72 8.65 0.96
CA GLU A 23 -11.41 7.46 0.22
C GLU A 23 -10.16 6.79 0.77
N THR A 24 -10.20 5.48 0.80
CA THR A 24 -9.06 4.69 1.21
C THR A 24 -8.80 3.65 0.13
N LEU A 25 -7.62 3.07 0.10
CA LEU A 25 -7.29 2.14 -0.96
C LEU A 25 -7.22 0.75 -0.39
N GLN A 26 -8.10 -0.11 -0.88
CA GLN A 26 -8.16 -1.47 -0.40
C GLN A 26 -7.36 -2.39 -1.32
N ASP A 27 -6.17 -2.68 -0.86
CA ASP A 27 -5.26 -3.60 -1.53
C ASP A 27 -4.44 -4.25 -0.45
N GLY A 28 -4.05 -5.51 -0.61
CA GLY A 28 -3.17 -6.08 0.38
C GLY A 28 -1.82 -5.40 0.34
N CYS A 29 -1.69 -4.38 1.17
CA CYS A 29 -0.52 -3.54 1.22
C CYS A 29 -0.62 -2.69 2.48
N ASP A 30 0.29 -1.75 2.67
CA ASP A 30 0.11 -0.76 3.72
C ASP A 30 -1.13 0.06 3.41
N THR A 31 -1.90 0.38 4.43
CA THR A 31 -3.21 0.98 4.23
C THR A 31 -3.12 2.46 3.88
N HIS A 32 -3.53 2.79 2.66
CA HIS A 32 -3.46 4.15 2.17
C HIS A 32 -4.74 4.92 2.53
N PHE A 33 -4.57 6.01 3.27
CA PHE A 33 -5.70 6.85 3.65
C PHE A 33 -5.63 8.21 2.95
N CYS A 34 -6.80 8.73 2.58
CA CYS A 34 -6.90 10.10 2.07
C CYS A 34 -7.91 10.88 2.89
N LYS A 35 -7.43 11.85 3.64
CA LYS A 35 -8.30 12.65 4.51
C LYS A 35 -7.99 14.14 4.36
N VAL A 36 -8.95 14.96 4.75
CA VAL A 36 -8.84 16.40 4.58
C VAL A 36 -8.88 17.15 5.90
N ASN A 37 -8.02 18.15 6.04
CA ASN A 37 -8.05 19.05 7.20
C ASN A 37 -8.98 20.23 6.91
N GLU A 38 -9.36 20.97 7.94
CA GLU A 38 -10.31 22.08 7.81
C GLU A 38 -9.84 23.11 6.80
N ARG A 39 -8.53 23.14 6.52
CA ARG A 39 -7.96 24.08 5.56
C ARG A 39 -8.24 23.64 4.13
N GLY A 40 -8.66 22.39 3.96
CA GLY A 40 -8.90 21.86 2.63
C GLY A 40 -7.76 21.01 2.12
N GLU A 41 -6.73 20.87 2.95
CA GLU A 41 -5.55 20.11 2.58
C GLU A 41 -5.82 18.62 2.59
N TYR A 42 -5.39 17.93 1.55
CA TYR A 42 -5.53 16.48 1.46
C TYR A 42 -4.27 15.78 1.96
N PHE A 43 -4.44 14.92 2.95
CA PHE A 43 -3.33 14.22 3.57
C PHE A 43 -3.31 12.75 3.17
N TRP A 44 -2.18 12.32 2.62
CA TRP A 44 -1.98 10.91 2.32
C TRP A 44 -0.96 10.30 3.26
N GLU A 45 -1.43 9.51 4.20
CA GLU A 45 -0.56 8.81 5.11
C GLU A 45 -0.76 7.31 4.94
N LYS A 46 0.33 6.57 5.05
CA LYS A 46 0.29 5.13 4.85
C LYS A 46 0.38 4.43 6.19
N ARG A 47 -0.65 3.66 6.52
CA ARG A 47 -0.65 2.89 7.75
C ARG A 47 -0.02 1.53 7.50
N VAL A 48 1.19 1.35 8.03
CA VAL A 48 1.99 0.17 7.76
C VAL A 48 1.90 -0.82 8.93
N THR A 49 2.12 -2.08 8.62
CA THR A 49 2.14 -3.12 9.63
C THR A 49 3.45 -3.91 9.50
N GLY A 50 3.67 -4.85 10.40
CA GLY A 50 4.89 -5.61 10.40
C GLY A 50 4.69 -6.99 9.80
N CYS A 51 5.43 -7.27 8.73
CA CYS A 51 5.36 -8.57 8.09
C CYS A 51 6.54 -9.44 8.54
N PRO A 52 6.43 -10.78 8.44
CA PRO A 52 7.49 -11.69 8.83
C PRO A 52 8.61 -11.75 7.81
N PRO A 53 9.87 -11.91 8.27
CA PRO A 53 11.02 -12.06 7.39
C PRO A 53 10.86 -13.28 6.49
N PHE A 54 11.35 -13.18 5.27
CA PHE A 54 11.10 -14.20 4.26
C PHE A 54 12.39 -14.57 3.53
N ASP A 55 12.56 -15.86 3.29
CA ASP A 55 13.68 -16.34 2.50
C ASP A 55 13.22 -16.75 1.11
N GLU A 56 13.49 -15.90 0.13
CA GLU A 56 13.13 -16.20 -1.26
C GLU A 56 13.90 -17.44 -1.74
N HIS A 57 15.02 -17.72 -1.10
CA HIS A 57 15.79 -18.95 -1.36
C HIS A 57 14.96 -20.17 -0.96
N LYS A 58 14.20 -20.02 0.10
CA LYS A 58 13.41 -21.11 0.63
C LYS A 58 12.20 -21.35 -0.25
N CYS A 59 11.98 -20.43 -1.15
CA CYS A 59 10.95 -20.56 -2.15
C CYS A 59 11.62 -20.67 -3.51
N LEU A 60 10.83 -20.77 -4.58
CA LEU A 60 11.35 -20.89 -5.94
C LEU A 60 12.08 -22.22 -6.14
N ALA A 61 13.20 -22.36 -5.45
CA ALA A 61 14.01 -23.57 -5.50
C ALA A 61 13.21 -24.78 -5.03
N GLU A 62 12.33 -24.54 -4.05
CA GLU A 62 11.49 -25.59 -3.49
C GLU A 62 10.20 -25.77 -4.30
N GLY A 63 10.05 -24.99 -5.37
CA GLY A 63 8.88 -25.13 -6.21
C GLY A 63 7.73 -24.24 -5.79
N GLY A 64 8.05 -23.06 -5.25
CA GLY A 64 7.02 -22.14 -4.82
C GLY A 64 7.07 -20.83 -5.57
N LYS A 65 6.02 -20.03 -5.41
CA LYS A 65 5.92 -18.72 -6.05
C LYS A 65 5.97 -17.62 -5.01
N ILE A 66 6.38 -16.43 -5.40
CA ILE A 66 6.47 -15.30 -4.47
C ILE A 66 5.28 -14.38 -4.65
N MET A 67 4.51 -14.21 -3.58
CA MET A 67 3.31 -13.38 -3.61
C MET A 67 3.43 -12.25 -2.61
N LYS A 68 2.38 -11.45 -2.51
CA LYS A 68 2.31 -10.39 -1.51
C LYS A 68 1.38 -10.82 -0.39
N ILE A 69 1.88 -10.76 0.84
CA ILE A 69 1.12 -11.20 2.02
C ILE A 69 -0.26 -10.54 2.09
N PRO A 70 -1.32 -11.34 2.21
CA PRO A 70 -2.69 -10.79 2.26
C PRO A 70 -2.85 -9.81 3.42
N GLY A 71 -3.09 -8.55 3.08
CA GLY A 71 -3.26 -7.53 4.09
C GLY A 71 -2.11 -6.53 4.12
N THR A 72 -1.02 -6.84 3.44
CA THR A 72 0.13 -5.94 3.40
C THR A 72 1.03 -6.26 2.21
N CYS A 73 2.06 -5.46 1.99
CA CYS A 73 3.02 -5.77 0.95
C CYS A 73 4.29 -6.30 1.56
N CYS A 74 4.58 -7.55 1.24
CA CYS A 74 5.77 -8.23 1.73
C CYS A 74 6.02 -9.46 0.87
N ASP A 75 7.20 -10.03 0.96
CA ASP A 75 7.49 -11.25 0.21
C ASP A 75 6.96 -12.47 0.95
N THR A 76 6.29 -13.35 0.24
CA THR A 76 5.85 -14.61 0.83
C THR A 76 5.79 -15.68 -0.26
N CYS A 77 5.80 -16.93 0.15
CA CYS A 77 5.87 -18.03 -0.80
C CYS A 77 4.55 -18.81 -0.84
N GLU A 78 4.14 -19.15 -2.06
CA GLU A 78 2.96 -20.00 -2.26
C GLU A 78 3.42 -21.37 -2.77
N GLY A 1 -1.07 23.60 -9.97
CA GLY A 1 -1.05 22.96 -8.67
C GLY A 1 -1.21 23.97 -7.55
N SER A 2 -2.41 24.48 -7.38
CA SER A 2 -2.67 25.48 -6.36
C SER A 2 -3.06 24.82 -5.04
N MET A 3 -3.97 23.85 -5.13
CA MET A 3 -4.43 23.09 -3.98
C MET A 3 -4.67 21.65 -4.38
N ALA A 4 -4.86 20.77 -3.41
CA ALA A 4 -5.15 19.38 -3.70
C ALA A 4 -6.64 19.12 -3.58
N THR A 5 -7.17 18.36 -4.52
CA THR A 5 -8.57 17.98 -4.48
C THR A 5 -8.73 16.50 -4.19
N ALA A 6 -7.61 15.84 -3.93
CA ALA A 6 -7.59 14.42 -3.62
C ALA A 6 -6.18 14.02 -3.20
N CYS A 7 -5.98 12.74 -2.94
CA CYS A 7 -4.67 12.24 -2.58
C CYS A 7 -4.15 11.37 -3.71
N THR A 8 -3.15 11.87 -4.41
CA THR A 8 -2.53 11.14 -5.49
C THR A 8 -1.44 10.23 -4.94
N ILE A 9 -1.78 8.96 -4.78
CA ILE A 9 -0.91 8.01 -4.14
C ILE A 9 -0.19 7.16 -5.18
N GLN A 10 0.78 6.40 -4.73
CA GLN A 10 1.46 5.46 -5.61
C GLN A 10 1.70 4.16 -4.83
N LEU A 11 1.06 3.08 -5.29
CA LEU A 11 1.25 1.78 -4.68
C LEU A 11 2.72 1.38 -4.73
N ARG A 12 3.16 0.62 -3.74
CA ARG A 12 4.56 0.19 -3.67
C ARG A 12 4.95 -0.60 -4.93
N GLY A 13 3.96 -1.19 -5.59
CA GLY A 13 4.20 -1.94 -6.81
C GLY A 13 4.42 -1.05 -8.01
N GLY A 14 4.23 0.26 -7.84
CA GLY A 14 4.48 1.20 -8.91
C GLY A 14 3.22 1.54 -9.68
N GLN A 15 2.18 1.93 -8.95
CA GLN A 15 0.89 2.27 -9.57
C GLN A 15 0.31 3.52 -8.93
N ILE A 16 0.13 4.57 -9.73
CA ILE A 16 -0.39 5.82 -9.22
C ILE A 16 -1.91 5.76 -9.14
N MET A 17 -2.44 5.99 -7.95
CA MET A 17 -3.88 5.87 -7.71
C MET A 17 -4.42 7.17 -7.16
N THR A 18 -5.71 7.42 -7.33
CA THR A 18 -6.33 8.64 -6.86
C THR A 18 -7.36 8.37 -5.77
N LEU A 19 -7.04 8.77 -4.54
CA LEU A 19 -7.98 8.64 -3.43
C LEU A 19 -8.63 9.99 -3.15
N LYS A 20 -9.94 9.96 -2.91
CA LYS A 20 -10.64 11.18 -2.56
C LYS A 20 -10.76 11.32 -1.05
N ARG A 21 -11.47 12.35 -0.61
CA ARG A 21 -11.61 12.62 0.81
C ARG A 21 -12.28 11.45 1.55
N ASP A 22 -11.57 10.92 2.54
CA ASP A 22 -12.04 9.85 3.39
C ASP A 22 -12.11 8.52 2.66
N GLU A 23 -11.46 8.46 1.51
CA GLU A 23 -11.39 7.22 0.76
C GLU A 23 -10.12 6.46 1.14
N THR A 24 -10.16 5.16 0.96
CA THR A 24 -9.02 4.32 1.27
C THR A 24 -8.70 3.42 0.08
N LEU A 25 -7.52 2.86 0.05
CA LEU A 25 -7.13 2.05 -1.09
C LEU A 25 -7.00 0.60 -0.67
N GLN A 26 -7.89 -0.22 -1.20
CA GLN A 26 -7.83 -1.65 -0.94
C GLN A 26 -7.08 -2.37 -2.04
N ASP A 27 -5.82 -2.67 -1.74
CA ASP A 27 -4.93 -3.41 -2.63
C ASP A 27 -3.89 -4.04 -1.75
N GLY A 28 -3.38 -5.22 -2.08
CA GLY A 28 -2.44 -5.85 -1.17
C GLY A 28 -1.15 -5.08 -1.08
N CYS A 29 -1.10 -4.21 -0.09
CA CYS A 29 0.09 -3.46 0.28
C CYS A 29 -0.20 -2.76 1.60
N ASP A 30 0.72 -1.92 2.06
CA ASP A 30 0.45 -1.08 3.23
C ASP A 30 -0.82 -0.28 2.98
N THR A 31 -1.73 -0.30 3.93
CA THR A 31 -3.03 0.32 3.75
C THR A 31 -2.90 1.83 3.56
N HIS A 32 -3.49 2.34 2.48
CA HIS A 32 -3.42 3.75 2.14
C HIS A 32 -4.70 4.46 2.56
N PHE A 33 -4.55 5.56 3.29
CA PHE A 33 -5.68 6.37 3.73
C PHE A 33 -5.58 7.78 3.15
N CYS A 34 -6.71 8.34 2.76
CA CYS A 34 -6.79 9.74 2.34
C CYS A 34 -7.86 10.45 3.14
N LYS A 35 -7.47 11.47 3.87
CA LYS A 35 -8.40 12.21 4.70
C LYS A 35 -8.15 13.71 4.59
N VAL A 36 -9.13 14.50 4.99
CA VAL A 36 -9.02 15.94 4.94
C VAL A 36 -9.28 16.56 6.30
N ASN A 37 -8.38 17.44 6.71
CA ASN A 37 -8.51 18.15 7.98
C ASN A 37 -9.11 19.53 7.76
N GLU A 38 -9.16 20.30 8.85
CA GLU A 38 -9.76 21.63 8.83
C GLU A 38 -9.07 22.55 7.81
N ARG A 39 -7.82 22.24 7.49
CA ARG A 39 -7.04 23.04 6.56
C ARG A 39 -7.46 22.80 5.11
N GLY A 40 -8.35 21.84 4.90
CA GLY A 40 -8.76 21.50 3.55
C GLY A 40 -7.66 20.77 2.80
N GLU A 41 -6.67 20.29 3.54
CA GLU A 41 -5.54 19.58 2.97
C GLU A 41 -5.87 18.10 2.86
N TYR A 42 -5.34 17.45 1.84
CA TYR A 42 -5.51 16.03 1.67
C TYR A 42 -4.31 15.26 2.21
N PHE A 43 -4.54 14.50 3.26
CA PHE A 43 -3.50 13.77 3.96
C PHE A 43 -3.46 12.32 3.50
N TRP A 44 -2.29 11.88 3.04
CA TRP A 44 -2.09 10.50 2.64
C TRP A 44 -1.29 9.75 3.69
N GLU A 45 -1.92 8.77 4.32
CA GLU A 45 -1.27 7.98 5.33
C GLU A 45 -1.02 6.56 4.81
N LYS A 46 0.18 6.05 5.05
CA LYS A 46 0.46 4.65 4.75
C LYS A 46 0.55 3.88 6.06
N ARG A 47 -0.38 2.97 6.26
CA ARG A 47 -0.40 2.17 7.47
C ARG A 47 0.50 0.95 7.27
N VAL A 48 1.65 0.96 7.93
CA VAL A 48 2.61 -0.12 7.76
C VAL A 48 2.76 -0.91 9.05
N THR A 49 2.74 -2.23 8.94
CA THR A 49 2.89 -3.09 10.08
C THR A 49 4.13 -3.97 9.90
N GLY A 50 4.35 -4.91 10.80
CA GLY A 50 5.48 -5.80 10.70
C GLY A 50 5.09 -7.13 10.12
N CYS A 51 5.62 -7.44 8.95
CA CYS A 51 5.29 -8.69 8.28
C CYS A 51 6.18 -9.82 8.78
N PRO A 52 5.67 -11.07 8.75
CA PRO A 52 6.43 -12.24 9.18
C PRO A 52 7.70 -12.43 8.35
N PRO A 53 8.80 -12.85 8.99
CA PRO A 53 10.04 -13.15 8.27
C PRO A 53 9.85 -14.26 7.26
N PHE A 54 10.34 -14.03 6.06
CA PHE A 54 10.09 -14.93 4.96
C PHE A 54 11.39 -15.41 4.34
N ASP A 55 11.48 -16.71 4.11
CA ASP A 55 12.64 -17.31 3.47
C ASP A 55 12.37 -17.49 1.98
N GLU A 56 12.83 -16.54 1.19
CA GLU A 56 12.64 -16.60 -0.26
C GLU A 56 13.44 -17.77 -0.84
N HIS A 57 14.47 -18.18 -0.10
CA HIS A 57 15.27 -19.34 -0.45
C HIS A 57 14.43 -20.62 -0.39
N LYS A 58 13.48 -20.63 0.54
CA LYS A 58 12.66 -21.81 0.76
C LYS A 58 11.51 -21.83 -0.24
N CYS A 59 11.38 -20.77 -0.98
CA CYS A 59 10.47 -20.73 -2.10
C CYS A 59 11.30 -20.65 -3.37
N LEU A 60 10.65 -20.64 -4.54
CA LEU A 60 11.35 -20.56 -5.84
C LEU A 60 12.12 -21.84 -6.11
N ALA A 61 13.12 -22.10 -5.27
CA ALA A 61 13.97 -23.27 -5.38
C ALA A 61 13.15 -24.56 -5.24
N GLU A 62 11.99 -24.44 -4.59
CA GLU A 62 11.10 -25.57 -4.45
C GLU A 62 9.98 -25.54 -5.49
N GLY A 63 10.02 -24.53 -6.37
CA GLY A 63 9.04 -24.44 -7.44
C GLY A 63 7.89 -23.52 -7.09
N GLY A 64 7.96 -22.86 -5.94
CA GLY A 64 6.89 -21.99 -5.51
C GLY A 64 7.01 -20.60 -6.10
N LYS A 65 6.05 -19.74 -5.80
CA LYS A 65 6.04 -18.39 -6.30
C LYS A 65 5.87 -17.40 -5.16
N ILE A 66 6.37 -16.18 -5.34
CA ILE A 66 6.35 -15.18 -4.29
C ILE A 66 5.17 -14.24 -4.47
N MET A 67 4.36 -14.14 -3.45
CA MET A 67 3.16 -13.31 -3.45
C MET A 67 3.33 -12.16 -2.46
N LYS A 68 2.30 -11.34 -2.33
CA LYS A 68 2.30 -10.27 -1.35
C LYS A 68 1.39 -10.62 -0.19
N ILE A 69 1.65 -10.03 0.96
CA ILE A 69 0.84 -10.26 2.14
C ILE A 69 -0.35 -9.29 2.17
N PRO A 70 -1.57 -9.80 2.38
CA PRO A 70 -2.76 -8.96 2.51
C PRO A 70 -2.67 -8.04 3.73
N GLY A 71 -2.63 -6.73 3.48
CA GLY A 71 -2.66 -5.77 4.57
C GLY A 71 -1.34 -5.03 4.75
N THR A 72 -0.32 -5.43 3.99
CA THR A 72 0.96 -4.74 4.03
C THR A 72 1.78 -5.15 2.81
N CYS A 73 2.88 -4.47 2.56
CA CYS A 73 3.73 -4.89 1.48
C CYS A 73 4.90 -5.71 2.02
N CYS A 74 4.92 -6.97 1.62
CA CYS A 74 5.94 -7.90 2.04
C CYS A 74 5.91 -9.08 1.07
N ASP A 75 6.90 -9.94 1.14
CA ASP A 75 6.95 -11.09 0.25
C ASP A 75 6.58 -12.35 1.01
N THR A 76 5.87 -13.24 0.34
CA THR A 76 5.52 -14.53 0.91
C THR A 76 5.48 -15.58 -0.19
N CYS A 77 5.39 -16.84 0.17
CA CYS A 77 5.38 -17.91 -0.82
C CYS A 77 4.00 -18.53 -0.93
N GLU A 78 3.62 -18.91 -2.14
CA GLU A 78 2.34 -19.56 -2.40
C GLU A 78 2.26 -20.89 -1.67
N GLY A 1 -0.37 26.89 -2.21
CA GLY A 1 0.59 26.20 -3.04
C GLY A 1 -0.11 25.37 -4.10
N SER A 2 0.53 24.27 -4.49
CA SER A 2 -0.06 23.36 -5.45
C SER A 2 -1.26 22.64 -4.82
N MET A 3 -2.46 23.13 -5.11
CA MET A 3 -3.68 22.61 -4.49
C MET A 3 -3.98 21.21 -4.99
N ALA A 4 -4.72 20.46 -4.18
CA ALA A 4 -5.14 19.12 -4.53
C ALA A 4 -6.58 18.90 -4.14
N THR A 5 -7.30 18.17 -4.96
CA THR A 5 -8.67 17.85 -4.67
C THR A 5 -8.82 16.36 -4.34
N ALA A 6 -7.69 15.73 -4.08
CA ALA A 6 -7.63 14.33 -3.70
C ALA A 6 -6.22 13.97 -3.27
N CYS A 7 -5.98 12.69 -3.00
CA CYS A 7 -4.65 12.24 -2.60
C CYS A 7 -4.06 11.36 -3.69
N THR A 8 -3.03 11.89 -4.34
CA THR A 8 -2.30 11.13 -5.34
C THR A 8 -1.36 10.13 -4.66
N ILE A 9 -1.78 8.87 -4.64
CA ILE A 9 -0.98 7.84 -4.00
C ILE A 9 -0.26 7.01 -5.05
N GLN A 10 0.67 6.19 -4.61
CA GLN A 10 1.33 5.27 -5.50
C GLN A 10 1.47 3.91 -4.84
N LEU A 11 0.84 2.90 -5.42
CA LEU A 11 1.00 1.54 -4.96
C LEU A 11 2.47 1.15 -5.10
N ARG A 12 2.98 0.36 -4.16
CA ARG A 12 4.39 0.00 -4.14
C ARG A 12 4.80 -0.67 -5.47
N GLY A 13 3.84 -1.35 -6.09
CA GLY A 13 4.11 -2.02 -7.36
C GLY A 13 4.27 -1.06 -8.54
N GLY A 14 4.03 0.22 -8.30
CA GLY A 14 4.19 1.20 -9.35
C GLY A 14 2.88 1.56 -10.02
N GLN A 15 1.88 1.88 -9.22
CA GLN A 15 0.58 2.27 -9.73
C GLN A 15 0.06 3.50 -9.01
N ILE A 16 0.02 4.62 -9.73
CA ILE A 16 -0.45 5.86 -9.16
C ILE A 16 -1.99 5.87 -9.14
N MET A 17 -2.55 5.99 -7.94
CA MET A 17 -4.00 5.92 -7.77
C MET A 17 -4.52 7.22 -7.19
N THR A 18 -5.72 7.58 -7.57
CA THR A 18 -6.33 8.81 -7.10
C THR A 18 -7.40 8.54 -6.05
N LEU A 19 -7.09 8.88 -4.80
CA LEU A 19 -8.04 8.70 -3.71
C LEU A 19 -8.64 10.03 -3.31
N LYS A 20 -9.95 10.07 -3.18
CA LYS A 20 -10.62 11.29 -2.74
C LYS A 20 -10.81 11.27 -1.23
N ARG A 21 -11.55 12.23 -0.71
CA ARG A 21 -11.72 12.35 0.73
C ARG A 21 -12.42 11.12 1.30
N ASP A 22 -11.86 10.57 2.38
CA ASP A 22 -12.43 9.41 3.08
C ASP A 22 -12.13 8.12 2.31
N GLU A 23 -11.49 8.25 1.16
CA GLU A 23 -11.22 7.10 0.33
C GLU A 23 -9.99 6.37 0.82
N THR A 24 -10.05 5.06 0.74
CA THR A 24 -8.93 4.22 1.07
C THR A 24 -8.66 3.31 -0.12
N LEU A 25 -7.49 2.72 -0.19
CA LEU A 25 -7.16 1.90 -1.34
C LEU A 25 -7.08 0.45 -0.91
N GLN A 26 -7.87 -0.38 -1.57
CA GLN A 26 -7.91 -1.80 -1.27
C GLN A 26 -7.08 -2.57 -2.28
N ASP A 27 -5.88 -2.89 -1.88
CA ASP A 27 -4.93 -3.66 -2.65
C ASP A 27 -3.94 -4.24 -1.67
N GLY A 28 -3.42 -5.44 -1.89
CA GLY A 28 -2.52 -5.99 -0.91
C GLY A 28 -1.21 -5.21 -0.85
N CYS A 29 -1.17 -4.25 0.04
CA CYS A 29 0.01 -3.45 0.31
C CYS A 29 -0.27 -2.64 1.57
N ASP A 30 0.65 -1.76 1.93
CA ASP A 30 0.44 -0.85 3.05
C ASP A 30 -0.86 -0.09 2.86
N THR A 31 -1.82 -0.30 3.75
CA THR A 31 -3.16 0.25 3.59
C THR A 31 -3.14 1.77 3.45
N HIS A 32 -3.56 2.24 2.28
CA HIS A 32 -3.49 3.66 1.95
C HIS A 32 -4.75 4.40 2.39
N PHE A 33 -4.55 5.51 3.09
CA PHE A 33 -5.67 6.34 3.55
C PHE A 33 -5.58 7.76 2.98
N CYS A 34 -6.73 8.32 2.66
CA CYS A 34 -6.84 9.72 2.24
C CYS A 34 -7.92 10.43 3.06
N LYS A 35 -7.52 11.45 3.79
CA LYS A 35 -8.46 12.19 4.62
C LYS A 35 -8.20 13.69 4.53
N VAL A 36 -9.21 14.48 4.86
CA VAL A 36 -9.11 15.93 4.80
C VAL A 36 -9.28 16.55 6.18
N ASN A 37 -8.34 17.42 6.54
CA ASN A 37 -8.44 18.20 7.76
C ASN A 37 -9.31 19.42 7.50
N GLU A 38 -9.77 20.09 8.56
CA GLU A 38 -10.62 21.27 8.43
C GLU A 38 -9.90 22.42 7.72
N ARG A 39 -8.61 22.24 7.45
CA ARG A 39 -7.85 23.17 6.63
C ARG A 39 -8.20 23.02 5.16
N GLY A 40 -8.77 21.88 4.79
CA GLY A 40 -9.13 21.63 3.41
C GLY A 40 -8.04 20.91 2.66
N GLU A 41 -7.08 20.36 3.40
CA GLU A 41 -5.93 19.69 2.80
C GLU A 41 -6.11 18.19 2.82
N TYR A 42 -5.68 17.54 1.74
CA TYR A 42 -5.73 16.09 1.62
C TYR A 42 -4.44 15.47 2.14
N PHE A 43 -4.58 14.56 3.10
CA PHE A 43 -3.43 13.89 3.71
C PHE A 43 -3.37 12.43 3.27
N TRP A 44 -2.23 12.03 2.74
CA TRP A 44 -2.00 10.63 2.38
C TRP A 44 -1.23 9.92 3.48
N GLU A 45 -1.83 8.87 4.01
CA GLU A 45 -1.24 8.10 5.08
C GLU A 45 -1.09 6.63 4.66
N LYS A 46 0.05 6.04 4.93
CA LYS A 46 0.24 4.63 4.69
C LYS A 46 0.25 3.87 6.00
N ARG A 47 -0.73 3.01 6.18
CA ARG A 47 -0.77 2.16 7.36
C ARG A 47 0.15 0.97 7.14
N VAL A 48 1.28 0.97 7.83
CA VAL A 48 2.25 -0.10 7.70
C VAL A 48 2.27 -0.96 8.96
N THR A 49 2.24 -2.26 8.76
CA THR A 49 2.28 -3.19 9.88
C THR A 49 3.60 -3.93 9.85
N GLY A 50 3.77 -4.90 10.74
CA GLY A 50 5.02 -5.63 10.80
C GLY A 50 4.93 -6.96 10.11
N CYS A 51 5.49 -7.04 8.90
CA CYS A 51 5.52 -8.29 8.17
C CYS A 51 6.70 -9.14 8.62
N PRO A 52 6.47 -10.44 8.83
CA PRO A 52 7.51 -11.36 9.31
C PRO A 52 8.61 -11.60 8.28
N PRO A 53 9.78 -12.07 8.73
CA PRO A 53 10.89 -12.41 7.84
C PRO A 53 10.52 -13.53 6.87
N PHE A 54 11.02 -13.42 5.65
CA PHE A 54 10.72 -14.39 4.62
C PHE A 54 11.99 -14.83 3.89
N ASP A 55 12.13 -16.13 3.74
CA ASP A 55 13.25 -16.70 3.01
C ASP A 55 12.80 -17.03 1.59
N GLU A 56 13.13 -16.16 0.65
CA GLU A 56 12.77 -16.38 -0.74
C GLU A 56 13.49 -17.62 -1.29
N HIS A 57 14.62 -17.97 -0.65
CA HIS A 57 15.35 -19.19 -0.99
C HIS A 57 14.52 -20.41 -0.63
N LYS A 58 13.72 -20.29 0.41
CA LYS A 58 12.92 -21.40 0.89
C LYS A 58 11.67 -21.54 0.06
N CYS A 59 11.51 -20.60 -0.85
CA CYS A 59 10.50 -20.68 -1.89
C CYS A 59 11.22 -20.82 -3.22
N LEU A 60 10.46 -20.92 -4.31
CA LEU A 60 11.02 -21.04 -5.67
C LEU A 60 11.74 -22.37 -5.86
N ALA A 61 12.80 -22.57 -5.09
CA ALA A 61 13.60 -23.79 -5.13
C ALA A 61 12.77 -24.99 -4.68
N GLU A 62 11.78 -24.74 -3.83
CA GLU A 62 10.89 -25.80 -3.37
C GLU A 62 9.73 -26.00 -4.35
N GLY A 63 9.61 -25.10 -5.31
CA GLY A 63 8.54 -25.20 -6.29
C GLY A 63 7.37 -24.28 -5.97
N GLY A 64 7.66 -23.14 -5.36
CA GLY A 64 6.61 -22.20 -5.01
C GLY A 64 6.81 -20.87 -5.69
N LYS A 65 5.85 -19.97 -5.52
CA LYS A 65 5.92 -18.64 -6.12
C LYS A 65 5.66 -17.57 -5.07
N ILE A 66 6.17 -16.37 -5.32
CA ILE A 66 6.16 -15.31 -4.32
C ILE A 66 4.95 -14.41 -4.50
N MET A 67 4.15 -14.29 -3.43
CA MET A 67 2.95 -13.47 -3.41
C MET A 67 3.18 -12.29 -2.47
N LYS A 68 2.15 -11.48 -2.28
CA LYS A 68 2.22 -10.36 -1.36
C LYS A 68 1.42 -10.69 -0.10
N ILE A 69 1.72 -9.98 0.98
CA ILE A 69 0.99 -10.13 2.23
C ILE A 69 -0.22 -9.21 2.26
N PRO A 70 -1.40 -9.71 2.66
CA PRO A 70 -2.57 -8.87 2.83
C PRO A 70 -2.39 -7.89 4.00
N GLY A 71 -2.47 -6.59 3.70
CA GLY A 71 -2.40 -5.58 4.74
C GLY A 71 -1.13 -4.73 4.68
N THR A 72 -0.12 -5.22 3.99
CA THR A 72 1.13 -4.48 3.85
C THR A 72 1.93 -5.02 2.68
N CYS A 73 3.00 -4.35 2.29
CA CYS A 73 3.82 -4.88 1.22
C CYS A 73 5.02 -5.61 1.80
N CYS A 74 5.03 -6.92 1.55
CA CYS A 74 6.13 -7.80 1.94
C CYS A 74 5.99 -9.07 1.12
N ASP A 75 7.05 -9.83 1.02
CA ASP A 75 7.06 -11.03 0.18
C ASP A 75 6.61 -12.24 0.99
N THR A 76 5.95 -13.18 0.32
CA THR A 76 5.54 -14.43 0.94
C THR A 76 5.47 -15.55 -0.11
N CYS A 77 5.50 -16.80 0.33
CA CYS A 77 5.52 -17.92 -0.59
C CYS A 77 4.17 -18.61 -0.67
N GLU A 78 3.78 -19.01 -1.87
CA GLU A 78 2.55 -19.73 -2.10
C GLU A 78 2.78 -20.91 -3.03
N GLY A 1 -3.10 30.04 -3.39
CA GLY A 1 -2.35 29.35 -4.42
C GLY A 1 -3.14 28.21 -5.03
N SER A 2 -2.46 27.11 -5.32
CA SER A 2 -3.11 25.93 -5.88
C SER A 2 -3.25 24.86 -4.81
N MET A 3 -4.39 24.18 -4.79
CA MET A 3 -4.68 23.17 -3.77
C MET A 3 -4.90 21.81 -4.42
N ALA A 4 -4.77 20.76 -3.62
CA ALA A 4 -5.05 19.42 -4.09
C ALA A 4 -6.50 19.07 -3.83
N THR A 5 -7.09 18.33 -4.76
CA THR A 5 -8.46 17.87 -4.62
C THR A 5 -8.50 16.37 -4.34
N ALA A 6 -7.34 15.78 -4.11
CA ALA A 6 -7.22 14.36 -3.83
C ALA A 6 -5.81 14.05 -3.35
N CYS A 7 -5.55 12.78 -3.09
CA CYS A 7 -4.25 12.34 -2.60
C CYS A 7 -3.55 11.50 -3.67
N THR A 8 -2.48 12.05 -4.23
CA THR A 8 -1.69 11.35 -5.23
C THR A 8 -0.78 10.33 -4.56
N ILE A 9 -1.11 9.06 -4.72
CA ILE A 9 -0.33 7.98 -4.13
C ILE A 9 0.38 7.19 -5.21
N GLN A 10 1.25 6.28 -4.81
CA GLN A 10 1.89 5.38 -5.75
C GLN A 10 2.02 3.99 -5.14
N LEU A 11 1.37 3.02 -5.75
CA LEU A 11 1.44 1.64 -5.31
C LEU A 11 2.83 1.08 -5.59
N ARG A 12 3.27 0.15 -4.75
CA ARG A 12 4.58 -0.46 -4.91
C ARG A 12 4.63 -1.34 -6.15
N GLY A 13 3.45 -1.63 -6.70
CA GLY A 13 3.36 -2.38 -7.94
C GLY A 13 3.72 -1.54 -9.14
N GLY A 14 3.89 -0.23 -8.92
CA GLY A 14 4.30 0.65 -9.98
C GLY A 14 3.14 1.38 -10.61
N GLN A 15 2.24 1.89 -9.78
CA GLN A 15 1.04 2.58 -10.26
C GLN A 15 0.74 3.82 -9.45
N ILE A 16 0.69 4.96 -10.11
CA ILE A 16 0.31 6.21 -9.46
C ILE A 16 -1.20 6.31 -9.42
N MET A 17 -1.75 6.41 -8.22
CA MET A 17 -3.20 6.40 -8.04
C MET A 17 -3.67 7.69 -7.41
N THR A 18 -4.92 8.04 -7.67
CA THR A 18 -5.51 9.23 -7.09
C THR A 18 -6.65 8.87 -6.13
N LEU A 19 -6.42 9.09 -4.84
CA LEU A 19 -7.45 8.81 -3.85
C LEU A 19 -8.20 10.09 -3.53
N LYS A 20 -9.52 10.00 -3.52
CA LYS A 20 -10.35 11.15 -3.22
C LYS A 20 -10.58 11.26 -1.71
N ARG A 21 -11.40 12.23 -1.32
CA ARG A 21 -11.68 12.51 0.07
C ARG A 21 -12.26 11.27 0.77
N ASP A 22 -11.47 10.71 1.67
CA ASP A 22 -11.86 9.54 2.48
C ASP A 22 -11.96 8.27 1.65
N GLU A 23 -11.23 8.26 0.54
CA GLU A 23 -11.09 7.05 -0.25
C GLU A 23 -9.82 6.32 0.17
N THR A 24 -9.86 5.00 0.15
CA THR A 24 -8.73 4.19 0.56
C THR A 24 -8.30 3.29 -0.59
N LEU A 25 -7.04 2.89 -0.59
CA LEU A 25 -6.55 2.01 -1.65
C LEU A 25 -6.24 0.66 -1.04
N GLN A 26 -6.98 -0.32 -1.48
CA GLN A 26 -6.85 -1.65 -0.93
C GLN A 26 -6.02 -2.51 -1.85
N ASP A 27 -4.76 -2.63 -1.49
CA ASP A 27 -3.77 -3.41 -2.20
C ASP A 27 -2.87 -4.01 -1.15
N GLY A 28 -2.34 -5.22 -1.35
CA GLY A 28 -1.56 -5.80 -0.28
C GLY A 28 -0.24 -5.08 -0.10
N CYS A 29 -0.28 -4.10 0.79
CA CYS A 29 0.88 -3.30 1.16
C CYS A 29 0.46 -2.46 2.36
N ASP A 30 1.31 -1.55 2.82
CA ASP A 30 0.87 -0.57 3.79
C ASP A 30 -0.25 0.29 3.18
N THR A 31 -1.45 0.13 3.73
CA THR A 31 -2.68 0.63 3.12
C THR A 31 -2.73 2.16 3.05
N HIS A 32 -3.12 2.67 1.89
CA HIS A 32 -3.12 4.09 1.63
C HIS A 32 -4.46 4.72 1.97
N PHE A 33 -4.45 5.74 2.83
CA PHE A 33 -5.66 6.44 3.22
C PHE A 33 -5.58 7.91 2.79
N CYS A 34 -6.70 8.44 2.31
CA CYS A 34 -6.82 9.86 2.01
C CYS A 34 -7.99 10.43 2.78
N LYS A 35 -7.76 11.49 3.54
CA LYS A 35 -8.83 12.12 4.31
C LYS A 35 -8.70 13.64 4.27
N VAL A 36 -9.77 14.32 4.65
CA VAL A 36 -9.76 15.77 4.72
C VAL A 36 -10.20 16.26 6.09
N ASN A 37 -9.45 17.20 6.64
CA ASN A 37 -9.85 17.85 7.87
C ASN A 37 -10.52 19.18 7.55
N GLU A 38 -11.09 19.83 8.53
CA GLU A 38 -11.85 21.08 8.31
C GLU A 38 -10.96 22.23 7.84
N ARG A 39 -9.73 21.94 7.45
CA ARG A 39 -8.83 22.94 6.90
C ARG A 39 -8.70 22.77 5.39
N GLY A 40 -9.36 21.74 4.87
CA GLY A 40 -9.39 21.53 3.42
C GLY A 40 -8.16 20.79 2.91
N GLU A 41 -7.40 20.20 3.81
CA GLU A 41 -6.19 19.50 3.43
C GLU A 41 -6.47 18.02 3.20
N TYR A 42 -5.91 17.48 2.13
CA TYR A 42 -6.00 16.04 1.87
C TYR A 42 -4.79 15.34 2.48
N PHE A 43 -5.05 14.62 3.56
CA PHE A 43 -4.01 13.94 4.31
C PHE A 43 -3.84 12.51 3.81
N TRP A 44 -2.66 12.20 3.29
CA TRP A 44 -2.35 10.85 2.87
C TRP A 44 -1.54 10.14 3.95
N GLU A 45 -2.08 9.05 4.45
CA GLU A 45 -1.40 8.24 5.44
C GLU A 45 -1.28 6.80 4.96
N LYS A 46 -0.29 6.10 5.46
CA LYS A 46 -0.08 4.71 5.10
C LYS A 46 -0.15 3.83 6.35
N ARG A 47 -1.13 2.94 6.38
CA ARG A 47 -1.33 2.02 7.50
C ARG A 47 -0.29 0.90 7.44
N VAL A 48 0.68 0.94 8.32
CA VAL A 48 1.79 0.00 8.28
C VAL A 48 1.65 -1.10 9.33
N THR A 49 2.27 -2.24 9.05
CA THR A 49 2.41 -3.31 10.01
C THR A 49 3.70 -4.08 9.71
N GLY A 50 4.05 -5.02 10.58
CA GLY A 50 5.31 -5.72 10.41
C GLY A 50 5.13 -7.10 9.80
N CYS A 51 6.06 -7.51 8.97
CA CYS A 51 5.99 -8.80 8.30
C CYS A 51 7.11 -9.73 8.75
N PRO A 52 6.86 -11.06 8.75
CA PRO A 52 7.84 -12.05 9.18
C PRO A 52 8.97 -12.23 8.16
N PRO A 53 10.09 -12.87 8.56
CA PRO A 53 11.22 -13.15 7.67
C PRO A 53 10.83 -14.14 6.58
N PHE A 54 11.37 -13.97 5.39
CA PHE A 54 10.99 -14.82 4.27
C PHE A 54 12.18 -15.59 3.71
N ASP A 55 11.90 -16.78 3.20
CA ASP A 55 12.90 -17.60 2.52
C ASP A 55 12.49 -17.81 1.07
N GLU A 56 13.14 -17.12 0.15
CA GLU A 56 12.82 -17.27 -1.26
C GLU A 56 13.44 -18.56 -1.80
N HIS A 57 14.43 -19.07 -1.06
CA HIS A 57 15.04 -20.36 -1.35
C HIS A 57 14.12 -21.49 -0.93
N LYS A 58 13.42 -21.29 0.19
CA LYS A 58 12.47 -22.27 0.64
C LYS A 58 11.21 -22.21 -0.21
N CYS A 59 11.18 -21.24 -1.09
CA CYS A 59 10.17 -21.17 -2.13
C CYS A 59 10.84 -21.35 -3.49
N LEU A 60 10.07 -21.24 -4.57
CA LEU A 60 10.59 -21.40 -5.94
C LEU A 60 11.10 -22.81 -6.18
N ALA A 61 12.25 -23.12 -5.58
CA ALA A 61 12.90 -24.41 -5.72
C ALA A 61 11.99 -25.52 -5.18
N GLU A 62 11.10 -25.15 -4.27
CA GLU A 62 10.19 -26.11 -3.65
C GLU A 62 8.87 -26.19 -4.41
N GLY A 63 8.73 -25.34 -5.43
CA GLY A 63 7.53 -25.36 -6.25
C GLY A 63 6.43 -24.45 -5.73
N GLY A 64 6.82 -23.35 -5.09
CA GLY A 64 5.86 -22.39 -4.58
C GLY A 64 6.01 -21.05 -5.28
N LYS A 65 5.06 -20.16 -5.03
CA LYS A 65 5.07 -18.85 -5.66
C LYS A 65 5.24 -17.75 -4.62
N ILE A 66 5.75 -16.61 -5.05
CA ILE A 66 6.04 -15.50 -4.14
C ILE A 66 4.93 -14.45 -4.23
N MET A 67 4.27 -14.25 -3.11
CA MET A 67 3.11 -13.36 -3.04
C MET A 67 3.40 -12.22 -2.07
N LYS A 68 2.42 -11.35 -1.88
CA LYS A 68 2.55 -10.24 -0.95
C LYS A 68 1.74 -10.52 0.31
N ILE A 69 2.16 -9.94 1.41
CA ILE A 69 1.44 -10.09 2.66
C ILE A 69 0.37 -9.02 2.80
N PRO A 70 -0.87 -9.41 3.09
CA PRO A 70 -1.97 -8.46 3.26
C PRO A 70 -1.76 -7.54 4.46
N GLY A 71 -1.63 -6.25 4.19
CA GLY A 71 -1.50 -5.28 5.26
C GLY A 71 -0.13 -4.64 5.32
N THR A 72 0.82 -5.19 4.58
CA THR A 72 2.16 -4.64 4.54
C THR A 72 2.85 -5.06 3.26
N CYS A 73 4.00 -4.47 2.95
CA CYS A 73 4.74 -4.92 1.80
C CYS A 73 5.87 -5.83 2.23
N CYS A 74 5.76 -7.07 1.84
CA CYS A 74 6.75 -8.10 2.09
C CYS A 74 6.48 -9.27 1.17
N ASP A 75 7.48 -10.09 0.94
CA ASP A 75 7.31 -11.27 0.10
C ASP A 75 7.03 -12.49 0.94
N THR A 76 6.12 -13.33 0.47
CA THR A 76 5.79 -14.56 1.14
C THR A 76 5.61 -15.67 0.11
N CYS A 77 5.65 -16.92 0.55
CA CYS A 77 5.54 -18.04 -0.37
C CYS A 77 4.20 -18.72 -0.17
N GLU A 78 3.50 -18.96 -1.26
CA GLU A 78 2.19 -19.63 -1.21
C GLU A 78 2.09 -20.68 -2.31
N GLY A 1 -5.24 30.42 -4.31
CA GLY A 1 -4.17 29.48 -4.06
C GLY A 1 -4.50 28.09 -4.56
N SER A 2 -3.54 27.44 -5.20
CA SER A 2 -3.74 26.11 -5.74
C SER A 2 -3.59 25.05 -4.65
N MET A 3 -4.72 24.48 -4.24
CA MET A 3 -4.72 23.47 -3.20
C MET A 3 -4.96 22.09 -3.81
N ALA A 4 -4.67 21.05 -3.05
CA ALA A 4 -4.93 19.70 -3.49
C ALA A 4 -6.41 19.40 -3.40
N THR A 5 -6.92 18.67 -4.37
CA THR A 5 -8.32 18.29 -4.38
C THR A 5 -8.50 16.80 -4.09
N ALA A 6 -7.38 16.13 -3.89
CA ALA A 6 -7.38 14.70 -3.62
C ALA A 6 -5.98 14.26 -3.21
N CYS A 7 -5.80 12.97 -3.00
CA CYS A 7 -4.49 12.44 -2.70
C CYS A 7 -4.02 11.57 -3.86
N THR A 8 -3.04 12.06 -4.60
CA THR A 8 -2.48 11.31 -5.71
C THR A 8 -1.35 10.44 -5.19
N ILE A 9 -1.63 9.15 -5.07
CA ILE A 9 -0.69 8.22 -4.48
C ILE A 9 -0.04 7.35 -5.55
N GLN A 10 0.95 6.59 -5.16
CA GLN A 10 1.52 5.58 -6.04
C GLN A 10 1.74 4.29 -5.25
N LEU A 11 1.16 3.21 -5.74
CA LEU A 11 1.34 1.90 -5.13
C LEU A 11 2.81 1.50 -5.23
N ARG A 12 3.25 0.59 -4.37
CA ARG A 12 4.65 0.15 -4.36
C ARG A 12 5.06 -0.44 -5.72
N GLY A 13 4.08 -0.95 -6.46
CA GLY A 13 4.35 -1.51 -7.77
C GLY A 13 4.59 -0.43 -8.82
N GLY A 14 4.22 0.80 -8.52
CA GLY A 14 4.45 1.89 -9.46
C GLY A 14 3.18 2.38 -10.11
N GLN A 15 2.04 1.99 -9.56
CA GLN A 15 0.74 2.39 -10.08
C GLN A 15 0.24 3.63 -9.38
N ILE A 16 0.05 4.70 -10.14
CA ILE A 16 -0.45 5.96 -9.59
C ILE A 16 -1.96 5.89 -9.41
N MET A 17 -2.43 6.14 -8.21
CA MET A 17 -3.85 6.01 -7.90
C MET A 17 -4.39 7.33 -7.35
N THR A 18 -5.65 7.60 -7.60
CA THR A 18 -6.26 8.83 -7.12
C THR A 18 -7.23 8.55 -5.97
N LEU A 19 -6.84 8.98 -4.77
CA LEU A 19 -7.70 8.84 -3.61
C LEU A 19 -8.40 10.16 -3.32
N LYS A 20 -9.69 10.10 -3.10
CA LYS A 20 -10.45 11.28 -2.75
C LYS A 20 -10.59 11.40 -1.23
N ARG A 21 -11.32 12.40 -0.79
CA ARG A 21 -11.48 12.67 0.63
C ARG A 21 -12.08 11.48 1.37
N ASP A 22 -11.38 11.05 2.41
CA ASP A 22 -11.85 10.01 3.32
C ASP A 22 -11.89 8.65 2.61
N GLU A 23 -11.24 8.59 1.45
CA GLU A 23 -11.16 7.36 0.69
C GLU A 23 -9.91 6.59 1.05
N THR A 24 -9.92 5.30 0.77
CA THR A 24 -8.78 4.45 1.04
C THR A 24 -8.45 3.63 -0.20
N LEU A 25 -7.27 3.06 -0.25
CA LEU A 25 -6.89 2.27 -1.40
C LEU A 25 -6.75 0.81 -1.00
N GLN A 26 -7.62 -0.02 -1.54
CA GLN A 26 -7.58 -1.43 -1.24
C GLN A 26 -6.87 -2.19 -2.35
N ASP A 27 -5.62 -2.50 -2.07
CA ASP A 27 -4.76 -3.29 -2.94
C ASP A 27 -3.88 -4.11 -2.01
N GLY A 28 -3.50 -5.33 -2.36
CA GLY A 28 -2.72 -6.09 -1.42
C GLY A 28 -1.34 -5.49 -1.24
N CYS A 29 -1.26 -4.64 -0.23
CA CYS A 29 -0.04 -3.96 0.17
C CYS A 29 -0.32 -3.26 1.49
N ASP A 30 0.63 -2.47 1.97
CA ASP A 30 0.38 -1.56 3.09
C ASP A 30 -0.76 -0.61 2.71
N THR A 31 -1.70 -0.42 3.63
CA THR A 31 -2.95 0.24 3.32
C THR A 31 -2.80 1.76 3.24
N HIS A 32 -3.34 2.35 2.17
CA HIS A 32 -3.24 3.78 1.95
C HIS A 32 -4.54 4.49 2.33
N PHE A 33 -4.40 5.64 2.97
CA PHE A 33 -5.55 6.44 3.38
C PHE A 33 -5.42 7.87 2.84
N CYS A 34 -6.55 8.48 2.54
CA CYS A 34 -6.59 9.89 2.17
C CYS A 34 -7.60 10.61 3.03
N LYS A 35 -7.13 11.52 3.87
CA LYS A 35 -8.01 12.22 4.79
C LYS A 35 -7.85 13.73 4.66
N VAL A 36 -8.88 14.46 5.03
CA VAL A 36 -8.86 15.91 4.94
C VAL A 36 -9.01 16.56 6.31
N ASN A 37 -8.12 17.50 6.59
CA ASN A 37 -8.23 18.35 7.77
C ASN A 37 -9.09 19.55 7.39
N GLU A 38 -9.65 20.25 8.37
CA GLU A 38 -10.61 21.33 8.10
C GLU A 38 -9.99 22.45 7.24
N ARG A 39 -8.68 22.46 7.13
CA ARG A 39 -7.97 23.46 6.33
C ARG A 39 -8.19 23.18 4.85
N GLY A 40 -8.71 21.99 4.54
CA GLY A 40 -8.92 21.60 3.15
C GLY A 40 -7.74 20.84 2.59
N GLU A 41 -6.83 20.45 3.46
CA GLU A 41 -5.63 19.75 3.06
C GLU A 41 -5.87 18.24 3.02
N TYR A 42 -5.38 17.62 1.96
CA TYR A 42 -5.47 16.18 1.80
C TYR A 42 -4.19 15.51 2.28
N PHE A 43 -4.34 14.58 3.19
CA PHE A 43 -3.20 13.88 3.78
C PHE A 43 -3.17 12.43 3.31
N TRP A 44 -2.08 12.04 2.67
CA TRP A 44 -1.90 10.66 2.26
C TRP A 44 -1.22 9.86 3.38
N GLU A 45 -2.03 9.25 4.21
CA GLU A 45 -1.56 8.42 5.31
C GLU A 45 -1.31 7.00 4.81
N LYS A 46 -0.25 6.39 5.30
CA LYS A 46 0.08 5.03 4.92
C LYS A 46 0.14 4.15 6.14
N ARG A 47 -0.72 3.15 6.20
CA ARG A 47 -0.75 2.24 7.33
C ARG A 47 0.18 1.07 7.06
N VAL A 48 1.30 1.05 7.76
CA VAL A 48 2.31 0.03 7.56
C VAL A 48 2.48 -0.78 8.85
N THR A 49 2.69 -2.07 8.69
CA THR A 49 2.86 -2.96 9.83
C THR A 49 4.08 -3.86 9.59
N GLY A 50 4.30 -4.82 10.47
CA GLY A 50 5.45 -5.69 10.35
C GLY A 50 5.06 -7.04 9.77
N CYS A 51 5.85 -7.53 8.83
CA CYS A 51 5.59 -8.81 8.21
C CYS A 51 6.50 -9.89 8.80
N PRO A 52 6.06 -11.16 8.75
CA PRO A 52 6.86 -12.29 9.24
C PRO A 52 8.12 -12.52 8.40
N PRO A 53 9.20 -13.02 9.04
CA PRO A 53 10.44 -13.35 8.33
C PRO A 53 10.22 -14.38 7.24
N PHE A 54 10.90 -14.20 6.11
CA PHE A 54 10.71 -15.07 4.96
C PHE A 54 12.03 -15.62 4.45
N ASP A 55 12.00 -16.88 4.03
CA ASP A 55 13.14 -17.53 3.40
C ASP A 55 12.80 -17.85 1.95
N GLU A 56 13.33 -17.04 1.03
CA GLU A 56 13.02 -17.22 -0.38
C GLU A 56 13.67 -18.49 -0.95
N HIS A 57 14.76 -18.93 -0.35
CA HIS A 57 15.41 -20.18 -0.78
C HIS A 57 14.54 -21.37 -0.40
N LYS A 58 13.77 -21.19 0.67
CA LYS A 58 12.86 -22.23 1.11
C LYS A 58 11.67 -22.31 0.17
N CYS A 59 11.60 -21.34 -0.71
CA CYS A 59 10.63 -21.34 -1.76
C CYS A 59 11.36 -21.47 -3.09
N LEU A 60 10.62 -21.42 -4.20
CA LEU A 60 11.18 -21.50 -5.55
C LEU A 60 11.77 -22.88 -5.82
N ALA A 61 12.83 -23.19 -5.09
CA ALA A 61 13.52 -24.46 -5.21
C ALA A 61 12.59 -25.62 -4.90
N GLU A 62 11.61 -25.37 -4.03
CA GLU A 62 10.63 -26.37 -3.65
C GLU A 62 9.41 -26.34 -4.57
N GLY A 63 9.42 -25.44 -5.54
CA GLY A 63 8.33 -25.37 -6.50
C GLY A 63 7.24 -24.40 -6.07
N GLY A 64 7.54 -23.55 -5.10
CA GLY A 64 6.58 -22.59 -4.65
C GLY A 64 6.75 -21.25 -5.33
N LYS A 65 5.78 -20.38 -5.15
CA LYS A 65 5.83 -19.04 -5.75
C LYS A 65 5.85 -17.97 -4.68
N ILE A 66 6.45 -16.84 -5.01
CA ILE A 66 6.57 -15.75 -4.05
C ILE A 66 5.43 -14.75 -4.26
N MET A 67 4.58 -14.65 -3.25
CA MET A 67 3.40 -13.81 -3.33
C MET A 67 3.52 -12.62 -2.38
N LYS A 68 2.50 -11.80 -2.33
CA LYS A 68 2.49 -10.64 -1.45
C LYS A 68 1.49 -10.84 -0.33
N ILE A 69 1.83 -10.34 0.85
CA ILE A 69 1.00 -10.48 2.04
C ILE A 69 -0.17 -9.49 2.02
N PRO A 70 -1.37 -9.92 2.41
CA PRO A 70 -2.53 -9.03 2.55
C PRO A 70 -2.42 -8.12 3.77
N GLY A 71 -2.42 -6.81 3.52
CA GLY A 71 -2.38 -5.86 4.62
C GLY A 71 -1.08 -5.09 4.71
N THR A 72 -0.02 -5.68 4.18
CA THR A 72 1.29 -5.04 4.15
C THR A 72 2.06 -5.55 2.96
N CYS A 73 3.10 -4.84 2.55
CA CYS A 73 3.87 -5.31 1.43
C CYS A 73 5.09 -6.06 1.92
N CYS A 74 5.13 -7.34 1.59
CA CYS A 74 6.20 -8.24 2.00
C CYS A 74 6.15 -9.45 1.09
N ASP A 75 7.17 -10.27 1.09
CA ASP A 75 7.18 -11.45 0.25
C ASP A 75 6.88 -12.71 1.07
N THR A 76 6.18 -13.64 0.45
CA THR A 76 5.82 -14.88 1.11
C THR A 76 5.77 -16.01 0.07
N CYS A 77 5.74 -17.25 0.53
CA CYS A 77 5.71 -18.38 -0.39
C CYS A 77 4.40 -19.13 -0.26
N GLU A 78 3.82 -19.49 -1.39
CA GLU A 78 2.62 -20.31 -1.42
C GLU A 78 2.45 -20.95 -2.79
N GLY A 1 -0.09 21.37 -7.82
CA GLY A 1 1.21 21.89 -7.42
C GLY A 1 1.13 22.65 -6.11
N SER A 2 -0.09 22.97 -5.71
CA SER A 2 -0.33 23.65 -4.45
C SER A 2 -1.67 23.20 -3.87
N MET A 3 -2.74 23.43 -4.61
CA MET A 3 -4.06 22.96 -4.20
C MET A 3 -4.17 21.45 -4.35
N ALA A 4 -4.25 20.76 -3.23
CA ALA A 4 -4.55 19.35 -3.25
C ALA A 4 -6.04 19.14 -3.36
N THR A 5 -6.45 18.40 -4.36
CA THR A 5 -7.85 18.09 -4.52
C THR A 5 -8.11 16.60 -4.34
N ALA A 6 -7.02 15.88 -4.07
CA ALA A 6 -7.06 14.46 -3.81
C ALA A 6 -5.68 14.00 -3.38
N CYS A 7 -5.51 12.71 -3.16
CA CYS A 7 -4.23 12.17 -2.74
C CYS A 7 -3.64 11.31 -3.84
N THR A 8 -2.57 11.80 -4.44
CA THR A 8 -1.82 11.04 -5.42
C THR A 8 -0.96 10.00 -4.72
N ILE A 9 -1.44 8.75 -4.73
CA ILE A 9 -0.75 7.68 -4.05
C ILE A 9 0.02 6.83 -5.05
N GLN A 10 0.91 6.00 -4.53
CA GLN A 10 1.63 5.06 -5.35
C GLN A 10 1.71 3.72 -4.64
N LEU A 11 1.07 2.71 -5.21
CA LEU A 11 1.15 1.36 -4.67
C LEU A 11 2.59 0.88 -4.72
N ARG A 12 2.98 0.07 -3.74
CA ARG A 12 4.36 -0.43 -3.66
C ARG A 12 4.70 -1.29 -4.88
N GLY A 13 3.68 -1.75 -5.58
CA GLY A 13 3.89 -2.52 -6.80
C GLY A 13 4.26 -1.63 -7.98
N GLY A 14 4.06 -0.32 -7.83
CA GLY A 14 4.46 0.61 -8.87
C GLY A 14 3.26 1.14 -9.63
N GLN A 15 2.26 1.62 -8.90
CA GLN A 15 1.02 2.06 -9.53
C GLN A 15 0.46 3.29 -8.84
N ILE A 16 0.42 4.39 -9.56
CA ILE A 16 -0.11 5.64 -9.02
C ILE A 16 -1.64 5.63 -9.10
N MET A 17 -2.28 6.03 -8.01
CA MET A 17 -3.74 6.11 -7.95
C MET A 17 -4.16 7.47 -7.42
N THR A 18 -5.37 7.89 -7.77
CA THR A 18 -5.91 9.13 -7.27
C THR A 18 -7.01 8.86 -6.26
N LEU A 19 -6.72 9.13 -5.00
CA LEU A 19 -7.66 8.88 -3.93
C LEU A 19 -8.33 10.18 -3.49
N LYS A 20 -9.64 10.15 -3.37
CA LYS A 20 -10.39 11.32 -2.93
C LYS A 20 -10.45 11.35 -1.42
N ARG A 21 -11.06 12.38 -0.85
CA ARG A 21 -11.11 12.53 0.60
C ARG A 21 -11.82 11.35 1.26
N ASP A 22 -11.17 10.79 2.26
CA ASP A 22 -11.73 9.72 3.08
C ASP A 22 -11.95 8.46 2.25
N GLU A 23 -11.24 8.38 1.13
CA GLU A 23 -11.23 7.19 0.31
C GLU A 23 -10.03 6.33 0.67
N THR A 24 -10.08 5.06 0.28
CA THR A 24 -9.00 4.14 0.56
C THR A 24 -8.61 3.41 -0.72
N LEU A 25 -7.45 2.78 -0.71
CA LEU A 25 -7.07 1.94 -1.83
C LEU A 25 -7.02 0.51 -1.35
N GLN A 26 -7.79 -0.33 -2.00
CA GLN A 26 -7.92 -1.71 -1.61
C GLN A 26 -7.00 -2.58 -2.44
N ASP A 27 -5.87 -2.92 -1.83
CA ASP A 27 -4.85 -3.75 -2.43
C ASP A 27 -4.11 -4.45 -1.31
N GLY A 28 -3.66 -5.68 -1.53
CA GLY A 28 -2.83 -6.27 -0.50
C GLY A 28 -1.49 -5.57 -0.47
N CYS A 29 -1.42 -4.60 0.41
CA CYS A 29 -0.26 -3.75 0.56
C CYS A 29 -0.46 -2.93 1.82
N ASP A 30 0.44 -2.01 2.10
CA ASP A 30 0.23 -1.06 3.18
C ASP A 30 -1.04 -0.28 2.88
N THR A 31 -2.06 -0.47 3.71
CA THR A 31 -3.38 0.08 3.45
C THR A 31 -3.34 1.60 3.33
N HIS A 32 -3.69 2.09 2.15
CA HIS A 32 -3.60 3.52 1.84
C HIS A 32 -4.90 4.23 2.17
N PHE A 33 -4.80 5.24 3.03
CA PHE A 33 -5.94 6.05 3.40
C PHE A 33 -5.71 7.50 3.00
N CYS A 34 -6.69 8.10 2.35
CA CYS A 34 -6.65 9.52 2.05
C CYS A 34 -7.75 10.21 2.84
N LYS A 35 -7.44 11.33 3.46
CA LYS A 35 -8.45 12.06 4.23
C LYS A 35 -8.29 13.56 4.07
N VAL A 36 -9.34 14.28 4.41
CA VAL A 36 -9.29 15.73 4.46
C VAL A 36 -9.60 16.21 5.87
N ASN A 37 -8.72 17.05 6.40
CA ASN A 37 -8.95 17.62 7.73
C ASN A 37 -9.57 18.99 7.60
N GLU A 38 -9.81 19.62 8.75
CA GLU A 38 -10.54 20.89 8.83
C GLU A 38 -9.89 22.01 8.01
N ARG A 39 -8.62 21.86 7.69
CA ARG A 39 -7.89 22.90 6.99
C ARG A 39 -8.12 22.82 5.48
N GLY A 40 -8.69 21.71 5.02
CA GLY A 40 -8.94 21.53 3.61
C GLY A 40 -7.80 20.83 2.89
N GLU A 41 -6.92 20.23 3.67
CA GLU A 41 -5.75 19.55 3.12
C GLU A 41 -6.09 18.08 2.88
N TYR A 42 -5.46 17.49 1.86
CA TYR A 42 -5.61 16.06 1.62
C TYR A 42 -4.40 15.32 2.16
N PHE A 43 -4.65 14.39 3.07
CA PHE A 43 -3.59 13.67 3.75
C PHE A 43 -3.51 12.23 3.24
N TRP A 44 -2.34 11.83 2.76
CA TRP A 44 -2.13 10.44 2.39
C TRP A 44 -1.48 9.69 3.54
N GLU A 45 -2.27 8.85 4.18
CA GLU A 45 -1.83 8.06 5.31
C GLU A 45 -1.60 6.62 4.87
N LYS A 46 -0.50 6.03 5.31
CA LYS A 46 -0.23 4.64 5.03
C LYS A 46 -0.28 3.83 6.32
N ARG A 47 -1.22 2.91 6.40
CA ARG A 47 -1.27 1.99 7.53
C ARG A 47 -0.25 0.89 7.31
N VAL A 48 0.82 0.95 8.09
CA VAL A 48 1.94 0.03 7.92
C VAL A 48 2.20 -0.77 9.18
N THR A 49 2.78 -1.94 9.02
CA THR A 49 3.17 -2.76 10.14
C THR A 49 4.42 -3.56 9.76
N GLY A 50 4.91 -4.39 10.68
CA GLY A 50 6.10 -5.15 10.40
C GLY A 50 5.78 -6.59 10.03
N CYS A 51 6.13 -6.97 8.82
CA CYS A 51 5.87 -8.32 8.34
C CYS A 51 7.03 -9.24 8.74
N PRO A 52 6.75 -10.55 8.92
CA PRO A 52 7.78 -11.53 9.29
C PRO A 52 8.86 -11.66 8.21
N PRO A 53 10.07 -12.12 8.59
CA PRO A 53 11.17 -12.30 7.64
C PRO A 53 10.84 -13.34 6.59
N PHE A 54 11.15 -13.02 5.35
CA PHE A 54 10.87 -13.91 4.23
C PHE A 54 12.12 -14.18 3.41
N ASP A 55 12.25 -15.41 2.96
CA ASP A 55 13.33 -15.80 2.08
C ASP A 55 12.77 -16.13 0.70
N GLU A 56 13.00 -15.24 -0.25
CA GLU A 56 12.55 -15.49 -1.62
C GLU A 56 13.37 -16.63 -2.23
N HIS A 57 14.54 -16.88 -1.66
CA HIS A 57 15.38 -18.02 -2.03
C HIS A 57 14.76 -19.33 -1.55
N LYS A 58 14.21 -19.31 -0.35
CA LYS A 58 13.62 -20.51 0.21
C LYS A 58 12.28 -20.78 -0.46
N CYS A 59 11.87 -19.84 -1.30
CA CYS A 59 10.76 -20.03 -2.19
C CYS A 59 11.29 -20.05 -3.62
N LEU A 60 10.40 -20.23 -4.61
CA LEU A 60 10.79 -20.34 -6.02
C LEU A 60 11.57 -21.63 -6.27
N ALA A 61 12.68 -21.77 -5.57
CA ALA A 61 13.51 -22.96 -5.64
C ALA A 61 12.72 -24.19 -5.23
N GLU A 62 11.78 -24.00 -4.30
CA GLU A 62 10.90 -25.08 -3.85
C GLU A 62 9.66 -25.18 -4.73
N GLY A 63 9.60 -24.36 -5.78
CA GLY A 63 8.49 -24.40 -6.71
C GLY A 63 7.33 -23.52 -6.27
N GLY A 64 7.54 -22.75 -5.21
CA GLY A 64 6.49 -21.89 -4.70
C GLY A 64 6.48 -20.55 -5.38
N LYS A 65 5.38 -19.83 -5.21
CA LYS A 65 5.21 -18.54 -5.85
C LYS A 65 5.16 -17.44 -4.80
N ILE A 66 5.58 -16.23 -5.15
CA ILE A 66 5.62 -15.14 -4.20
C ILE A 66 4.34 -14.32 -4.28
N MET A 67 3.65 -14.22 -3.17
CA MET A 67 2.38 -13.52 -3.10
C MET A 67 2.50 -12.28 -2.23
N LYS A 68 1.41 -11.54 -2.07
CA LYS A 68 1.39 -10.37 -1.22
C LYS A 68 0.56 -10.63 0.02
N ILE A 69 1.01 -10.09 1.16
CA ILE A 69 0.31 -10.30 2.42
C ILE A 69 -0.89 -9.36 2.55
N PRO A 70 -2.04 -9.90 2.98
CA PRO A 70 -3.22 -9.07 3.26
C PRO A 70 -3.05 -8.23 4.53
N GLY A 71 -3.08 -6.92 4.37
CA GLY A 71 -3.00 -6.02 5.52
C GLY A 71 -1.70 -5.22 5.57
N THR A 72 -0.74 -5.58 4.73
CA THR A 72 0.52 -4.86 4.64
C THR A 72 1.25 -5.26 3.37
N CYS A 73 2.29 -4.53 3.02
CA CYS A 73 3.04 -4.87 1.82
C CYS A 73 4.27 -5.67 2.21
N CYS A 74 4.31 -6.91 1.76
CA CYS A 74 5.43 -7.77 2.03
C CYS A 74 5.40 -8.93 1.05
N ASP A 75 6.49 -9.67 0.97
CA ASP A 75 6.58 -10.81 0.07
C ASP A 75 6.41 -12.09 0.87
N THR A 76 5.64 -13.02 0.33
CA THR A 76 5.42 -14.29 1.02
C THR A 76 5.36 -15.43 0.01
N CYS A 77 5.58 -16.65 0.47
CA CYS A 77 5.62 -17.80 -0.43
C CYS A 77 4.36 -18.64 -0.31
N GLU A 78 3.84 -19.06 -1.46
CA GLU A 78 2.72 -19.98 -1.51
C GLU A 78 3.13 -21.36 -0.98
N GLY A 1 -5.01 23.89 -8.20
CA GLY A 1 -3.68 23.33 -8.09
C GLY A 1 -2.83 24.04 -7.07
N SER A 2 -3.43 25.03 -6.41
CA SER A 2 -2.76 25.77 -5.36
C SER A 2 -2.89 25.03 -4.03
N MET A 3 -3.76 24.04 -4.02
CA MET A 3 -3.96 23.17 -2.87
C MET A 3 -4.04 21.73 -3.33
N ALA A 4 -4.20 20.83 -2.40
CA ALA A 4 -4.41 19.43 -2.74
C ALA A 4 -5.86 19.20 -3.06
N THR A 5 -6.12 18.51 -4.16
CA THR A 5 -7.48 18.17 -4.51
C THR A 5 -7.73 16.68 -4.32
N ALA A 6 -6.67 15.96 -4.01
CA ALA A 6 -6.74 14.53 -3.75
C ALA A 6 -5.40 14.04 -3.22
N CYS A 7 -5.28 12.74 -3.06
CA CYS A 7 -4.05 12.14 -2.57
C CYS A 7 -3.41 11.30 -3.66
N THR A 8 -2.27 11.77 -4.17
CA THR A 8 -1.50 11.02 -5.14
C THR A 8 -0.74 9.91 -4.42
N ILE A 9 -1.27 8.70 -4.48
CA ILE A 9 -0.67 7.58 -3.79
C ILE A 9 0.15 6.75 -4.77
N GLN A 10 0.93 5.84 -4.24
CA GLN A 10 1.70 4.93 -5.07
C GLN A 10 1.66 3.53 -4.48
N LEU A 11 1.07 2.60 -5.21
CA LEU A 11 1.05 1.22 -4.78
C LEU A 11 2.46 0.67 -4.80
N ARG A 12 2.78 -0.21 -3.86
CA ARG A 12 4.13 -0.75 -3.72
C ARG A 12 4.57 -1.47 -5.00
N GLY A 13 3.59 -1.93 -5.79
CA GLY A 13 3.89 -2.59 -7.05
C GLY A 13 4.45 -1.63 -8.08
N GLY A 14 4.23 -0.33 -7.88
CA GLY A 14 4.76 0.67 -8.77
C GLY A 14 3.70 1.41 -9.55
N GLN A 15 2.50 1.47 -9.00
CA GLN A 15 1.38 2.13 -9.67
C GLN A 15 0.91 3.35 -8.90
N ILE A 16 1.08 4.53 -9.52
CA ILE A 16 0.63 5.78 -8.92
C ILE A 16 -0.89 5.93 -9.12
N MET A 17 -1.61 6.11 -8.02
CA MET A 17 -3.07 6.16 -8.06
C MET A 17 -3.57 7.47 -7.45
N THR A 18 -4.84 7.79 -7.68
CA THR A 18 -5.41 9.02 -7.13
C THR A 18 -6.57 8.72 -6.19
N LEU A 19 -6.39 9.05 -4.93
CA LEU A 19 -7.44 8.84 -3.93
C LEU A 19 -8.09 10.16 -3.58
N LYS A 20 -9.41 10.15 -3.47
CA LYS A 20 -10.14 11.35 -3.11
C LYS A 20 -10.38 11.42 -1.62
N ARG A 21 -11.14 12.41 -1.19
CA ARG A 21 -11.36 12.65 0.23
C ARG A 21 -12.03 11.47 0.91
N ASP A 22 -11.40 10.96 1.95
CA ASP A 22 -11.95 9.91 2.81
C ASP A 22 -11.96 8.58 2.09
N GLU A 23 -11.35 8.54 0.91
CA GLU A 23 -11.26 7.32 0.13
C GLU A 23 -10.09 6.47 0.59
N THR A 24 -10.16 5.18 0.29
CA THR A 24 -9.11 4.25 0.63
C THR A 24 -8.79 3.39 -0.58
N LEU A 25 -7.61 2.80 -0.59
CA LEU A 25 -7.23 1.93 -1.68
C LEU A 25 -7.12 0.50 -1.17
N GLN A 26 -7.99 -0.35 -1.65
CA GLN A 26 -8.02 -1.74 -1.22
C GLN A 26 -7.18 -2.60 -2.15
N ASP A 27 -5.99 -2.90 -1.67
CA ASP A 27 -5.01 -3.70 -2.40
C ASP A 27 -4.18 -4.46 -1.38
N GLY A 28 -3.76 -5.69 -1.68
CA GLY A 28 -2.94 -6.38 -0.71
C GLY A 28 -1.58 -5.72 -0.60
N CYS A 29 -1.51 -4.80 0.33
CA CYS A 29 -0.32 -4.01 0.58
C CYS A 29 -0.58 -3.22 1.85
N ASP A 30 0.31 -2.31 2.21
CA ASP A 30 0.02 -1.37 3.27
C ASP A 30 -1.14 -0.48 2.82
N THR A 31 -2.20 -0.46 3.62
CA THR A 31 -3.44 0.18 3.22
C THR A 31 -3.30 1.70 3.11
N HIS A 32 -3.61 2.22 1.93
CA HIS A 32 -3.48 3.64 1.66
C HIS A 32 -4.76 4.38 2.04
N PHE A 33 -4.64 5.37 2.90
CA PHE A 33 -5.79 6.18 3.32
C PHE A 33 -5.62 7.63 2.87
N CYS A 34 -6.72 8.24 2.46
CA CYS A 34 -6.74 9.66 2.09
C CYS A 34 -7.86 10.37 2.85
N LYS A 35 -7.52 11.44 3.57
CA LYS A 35 -8.53 12.19 4.31
C LYS A 35 -8.20 13.68 4.32
N VAL A 36 -9.17 14.50 4.71
CA VAL A 36 -9.02 15.95 4.68
C VAL A 36 -9.39 16.60 6.01
N ASN A 37 -8.53 17.51 6.46
CA ASN A 37 -8.81 18.34 7.61
C ASN A 37 -9.39 19.66 7.12
N GLU A 38 -10.03 20.43 8.00
CA GLU A 38 -10.72 21.67 7.61
C GLU A 38 -9.77 22.71 7.02
N ARG A 39 -8.48 22.44 7.05
CA ARG A 39 -7.49 23.30 6.41
C ARG A 39 -7.58 23.15 4.89
N GLY A 40 -8.22 22.08 4.43
CA GLY A 40 -8.36 21.82 3.02
C GLY A 40 -7.18 21.07 2.45
N GLU A 41 -6.53 20.30 3.32
CA GLU A 41 -5.36 19.53 2.92
C GLU A 41 -5.67 18.04 2.91
N TYR A 42 -5.23 17.37 1.86
CA TYR A 42 -5.38 15.93 1.75
C TYR A 42 -4.17 15.24 2.39
N PHE A 43 -4.45 14.38 3.36
CA PHE A 43 -3.41 13.68 4.08
C PHE A 43 -3.32 12.24 3.59
N TRP A 44 -2.15 11.84 3.12
CA TRP A 44 -1.93 10.46 2.70
C TRP A 44 -1.00 9.74 3.68
N GLU A 45 -1.54 8.71 4.30
CA GLU A 45 -0.77 7.87 5.19
C GLU A 45 -1.07 6.41 4.88
N LYS A 46 -0.10 5.56 5.12
CA LYS A 46 -0.22 4.15 4.85
C LYS A 46 -0.31 3.39 6.17
N ARG A 47 -1.40 2.66 6.35
CA ARG A 47 -1.59 1.89 7.57
C ARG A 47 -0.71 0.66 7.51
N VAL A 48 0.34 0.64 8.33
CA VAL A 48 1.37 -0.37 8.23
C VAL A 48 1.56 -1.15 9.51
N THR A 49 2.07 -2.36 9.36
CA THR A 49 2.50 -3.18 10.48
C THR A 49 3.83 -3.84 10.12
N GLY A 50 4.33 -4.71 10.97
CA GLY A 50 5.62 -5.32 10.72
C GLY A 50 5.48 -6.71 10.16
N CYS A 51 6.25 -7.01 9.11
CA CYS A 51 6.23 -8.33 8.53
C CYS A 51 7.54 -9.06 8.83
N PRO A 52 7.47 -10.37 9.03
CA PRO A 52 8.65 -11.20 9.33
C PRO A 52 9.54 -11.39 8.10
N PRO A 53 10.86 -11.55 8.31
CA PRO A 53 11.81 -11.78 7.21
C PRO A 53 11.43 -13.00 6.39
N PHE A 54 11.44 -12.84 5.08
CA PHE A 54 11.02 -13.89 4.18
C PHE A 54 12.19 -14.38 3.33
N ASP A 55 12.31 -15.69 3.24
CA ASP A 55 13.33 -16.32 2.42
C ASP A 55 12.78 -16.60 1.03
N GLU A 56 13.03 -15.70 0.10
CA GLU A 56 12.55 -15.86 -1.27
C GLU A 56 13.25 -17.07 -1.93
N HIS A 57 14.49 -17.32 -1.54
CA HIS A 57 15.24 -18.48 -2.04
C HIS A 57 14.60 -19.78 -1.55
N LYS A 58 13.93 -19.70 -0.42
CA LYS A 58 13.28 -20.88 0.13
C LYS A 58 11.99 -21.17 -0.63
N CYS A 59 11.64 -20.22 -1.49
CA CYS A 59 10.56 -20.39 -2.42
C CYS A 59 11.16 -20.40 -3.83
N LEU A 60 10.30 -20.47 -4.85
CA LEU A 60 10.74 -20.44 -6.26
C LEU A 60 11.48 -21.71 -6.64
N ALA A 61 12.61 -21.94 -5.98
CA ALA A 61 13.44 -23.11 -6.21
C ALA A 61 12.65 -24.39 -5.91
N GLU A 62 11.69 -24.26 -4.99
CA GLU A 62 10.82 -25.36 -4.63
C GLU A 62 9.61 -25.44 -5.55
N GLY A 63 9.54 -24.53 -6.51
CA GLY A 63 8.43 -24.52 -7.44
C GLY A 63 7.27 -23.69 -6.93
N GLY A 64 7.50 -22.94 -5.85
CA GLY A 64 6.46 -22.11 -5.30
C GLY A 64 6.48 -20.72 -5.91
N LYS A 65 5.53 -19.89 -5.51
CA LYS A 65 5.41 -18.55 -6.06
C LYS A 65 5.29 -17.54 -4.93
N ILE A 66 5.60 -16.29 -5.24
CA ILE A 66 5.67 -15.26 -4.23
C ILE A 66 4.38 -14.43 -4.22
N MET A 67 3.81 -14.27 -3.04
CA MET A 67 2.57 -13.53 -2.86
C MET A 67 2.80 -12.42 -1.85
N LYS A 68 1.75 -11.67 -1.52
CA LYS A 68 1.86 -10.62 -0.51
C LYS A 68 1.00 -10.95 0.71
N ILE A 69 1.46 -10.53 1.86
CA ILE A 69 0.77 -10.78 3.12
C ILE A 69 -0.48 -9.89 3.25
N PRO A 70 -1.64 -10.49 3.53
CA PRO A 70 -2.89 -9.73 3.72
C PRO A 70 -2.81 -8.75 4.89
N GLY A 71 -3.10 -7.49 4.62
CA GLY A 71 -3.13 -6.48 5.66
C GLY A 71 -1.91 -5.58 5.65
N THR A 72 -0.82 -6.07 5.08
CA THR A 72 0.42 -5.30 5.04
C THR A 72 1.10 -5.53 3.70
N CYS A 73 2.22 -4.88 3.46
CA CYS A 73 2.96 -5.15 2.25
C CYS A 73 4.25 -5.88 2.58
N CYS A 74 4.33 -7.11 2.11
CA CYS A 74 5.53 -7.91 2.25
C CYS A 74 5.41 -9.08 1.29
N ASP A 75 6.51 -9.76 1.02
CA ASP A 75 6.48 -10.93 0.15
C ASP A 75 6.42 -12.19 0.98
N THR A 76 5.69 -13.18 0.48
CA THR A 76 5.60 -14.47 1.12
C THR A 76 5.49 -15.57 0.07
N CYS A 77 5.68 -16.80 0.48
CA CYS A 77 5.61 -17.93 -0.45
C CYS A 77 4.30 -18.67 -0.24
N GLU A 78 3.63 -19.01 -1.33
CA GLU A 78 2.32 -19.65 -1.27
C GLU A 78 2.36 -20.94 -0.45
N GLY A 1 -0.58 24.06 1.45
CA GLY A 1 -1.00 25.20 0.64
C GLY A 1 -0.99 24.88 -0.83
N SER A 2 -0.86 23.60 -1.15
CA SER A 2 -0.85 23.14 -2.52
C SER A 2 -2.29 22.85 -2.97
N MET A 3 -2.64 23.29 -4.17
CA MET A 3 -4.00 23.12 -4.66
C MET A 3 -4.23 21.70 -5.13
N ALA A 4 -5.03 21.00 -4.35
CA ALA A 4 -5.38 19.61 -4.63
C ALA A 4 -6.84 19.38 -4.30
N THR A 5 -7.42 18.37 -4.92
CA THR A 5 -8.79 18.00 -4.63
C THR A 5 -8.90 16.52 -4.28
N ALA A 6 -7.74 15.87 -4.21
CA ALA A 6 -7.65 14.46 -3.86
C ALA A 6 -6.19 14.11 -3.55
N CYS A 7 -5.93 12.83 -3.33
CA CYS A 7 -4.60 12.37 -2.98
C CYS A 7 -4.03 11.48 -4.08
N THR A 8 -2.90 11.90 -4.63
CA THR A 8 -2.19 11.10 -5.61
C THR A 8 -1.33 10.06 -4.89
N ILE A 9 -1.79 8.81 -4.88
CA ILE A 9 -1.10 7.75 -4.19
C ILE A 9 -0.38 6.84 -5.18
N GLN A 10 0.43 5.92 -4.67
CA GLN A 10 1.11 4.97 -5.53
C GLN A 10 1.25 3.62 -4.82
N LEU A 11 0.74 2.57 -5.46
CA LEU A 11 0.86 1.21 -4.92
C LEU A 11 2.29 0.72 -5.09
N ARG A 12 2.69 -0.29 -4.31
CA ARG A 12 4.04 -0.85 -4.38
C ARG A 12 4.31 -1.47 -5.75
N GLY A 13 3.25 -1.83 -6.46
CA GLY A 13 3.40 -2.40 -7.78
C GLY A 13 3.71 -1.35 -8.83
N GLY A 14 3.82 -0.10 -8.40
CA GLY A 14 4.14 0.98 -9.31
C GLY A 14 2.90 1.51 -9.99
N GLN A 15 1.83 1.61 -9.22
CA GLN A 15 0.53 2.01 -9.75
C GLN A 15 0.02 3.26 -9.06
N ILE A 16 -0.04 4.34 -9.80
CA ILE A 16 -0.50 5.60 -9.24
C ILE A 16 -2.02 5.64 -9.25
N MET A 17 -2.59 5.84 -8.06
CA MET A 17 -4.04 5.83 -7.89
C MET A 17 -4.49 7.16 -7.28
N THR A 18 -5.74 7.51 -7.47
CA THR A 18 -6.25 8.76 -6.92
C THR A 18 -7.36 8.53 -5.90
N LEU A 19 -7.06 8.80 -4.64
CA LEU A 19 -8.04 8.73 -3.56
C LEU A 19 -8.54 10.11 -3.25
N LYS A 20 -9.78 10.21 -2.84
CA LYS A 20 -10.35 11.50 -2.49
C LYS A 20 -10.41 11.62 -0.98
N ARG A 21 -11.07 12.67 -0.50
CA ARG A 21 -11.18 12.90 0.94
C ARG A 21 -11.86 11.73 1.65
N ASP A 22 -11.10 11.09 2.53
CA ASP A 22 -11.58 10.00 3.40
C ASP A 22 -11.81 8.73 2.59
N GLU A 23 -11.18 8.65 1.43
CA GLU A 23 -11.22 7.45 0.61
C GLU A 23 -10.04 6.57 0.97
N THR A 24 -10.19 5.26 0.77
CA THR A 24 -9.13 4.31 1.09
C THR A 24 -8.88 3.42 -0.11
N LEU A 25 -7.70 2.82 -0.17
CA LEU A 25 -7.35 1.98 -1.31
C LEU A 25 -7.20 0.55 -0.82
N GLN A 26 -8.03 -0.34 -1.36
CA GLN A 26 -7.98 -1.73 -1.00
C GLN A 26 -7.27 -2.54 -2.07
N ASP A 27 -6.02 -2.84 -1.79
CA ASP A 27 -5.16 -3.64 -2.65
C ASP A 27 -4.18 -4.35 -1.74
N GLY A 28 -3.75 -5.56 -2.08
CA GLY A 28 -2.81 -6.23 -1.19
C GLY A 28 -1.50 -5.49 -1.12
N CYS A 29 -1.42 -4.62 -0.13
CA CYS A 29 -0.24 -3.83 0.18
C CYS A 29 -0.51 -3.15 1.51
N ASP A 30 0.40 -2.29 1.94
CA ASP A 30 0.13 -1.44 3.09
C ASP A 30 -1.04 -0.52 2.78
N THR A 31 -1.97 -0.42 3.72
CA THR A 31 -3.25 0.22 3.48
C THR A 31 -3.11 1.75 3.31
N HIS A 32 -3.60 2.24 2.17
CA HIS A 32 -3.50 3.67 1.84
C HIS A 32 -4.75 4.42 2.30
N PHE A 33 -4.54 5.53 3.00
CA PHE A 33 -5.64 6.39 3.43
C PHE A 33 -5.44 7.82 2.93
N CYS A 34 -6.51 8.43 2.45
CA CYS A 34 -6.49 9.84 2.08
C CYS A 34 -7.52 10.59 2.90
N LYS A 35 -7.14 11.76 3.39
CA LYS A 35 -8.07 12.59 4.15
C LYS A 35 -7.87 14.05 3.79
N VAL A 36 -8.69 14.91 4.35
CA VAL A 36 -8.52 16.34 4.17
C VAL A 36 -8.77 17.03 5.51
N ASN A 37 -7.99 18.05 5.80
CA ASN A 37 -8.15 18.82 7.02
C ASN A 37 -9.21 19.88 6.81
N GLU A 38 -9.77 20.41 7.91
CA GLU A 38 -10.81 21.43 7.84
C GLU A 38 -10.37 22.65 7.01
N ARG A 39 -9.06 22.85 6.89
CA ARG A 39 -8.52 23.98 6.14
C ARG A 39 -8.42 23.67 4.65
N GLY A 40 -8.87 22.49 4.25
CA GLY A 40 -8.89 22.13 2.85
C GLY A 40 -7.59 21.51 2.36
N GLU A 41 -6.85 20.89 3.26
CA GLU A 41 -5.58 20.27 2.90
C GLU A 41 -5.72 18.76 2.85
N TYR A 42 -5.37 18.16 1.71
CA TYR A 42 -5.47 16.72 1.55
C TYR A 42 -4.21 16.01 2.05
N PHE A 43 -4.41 14.95 2.83
CA PHE A 43 -3.30 14.21 3.44
C PHE A 43 -3.34 12.75 3.00
N TRP A 44 -2.16 12.19 2.74
CA TRP A 44 -2.04 10.79 2.40
C TRP A 44 -1.11 10.08 3.39
N GLU A 45 -1.62 9.01 3.98
CA GLU A 45 -0.82 8.21 4.90
C GLU A 45 -0.88 6.74 4.49
N LYS A 46 0.25 6.06 4.62
CA LYS A 46 0.30 4.63 4.35
C LYS A 46 0.35 3.87 5.66
N ARG A 47 -0.67 3.08 5.93
CA ARG A 47 -0.70 2.27 7.13
C ARG A 47 0.16 1.03 6.94
N VAL A 48 1.31 1.04 7.58
CA VAL A 48 2.30 -0.01 7.41
C VAL A 48 2.51 -0.76 8.73
N THR A 49 2.89 -2.01 8.63
CA THR A 49 3.13 -2.83 9.80
C THR A 49 4.38 -3.68 9.55
N GLY A 50 4.68 -4.58 10.47
CA GLY A 50 5.83 -5.45 10.30
C GLY A 50 5.44 -6.80 9.77
N CYS A 51 5.89 -7.13 8.58
CA CYS A 51 5.53 -8.39 7.95
C CYS A 51 6.45 -9.50 8.45
N PRO A 52 5.95 -10.74 8.48
CA PRO A 52 6.75 -11.90 8.88
C PRO A 52 7.96 -12.09 7.98
N PRO A 53 9.18 -12.19 8.55
CA PRO A 53 10.39 -12.36 7.77
C PRO A 53 10.29 -13.55 6.83
N PHE A 54 10.64 -13.33 5.59
CA PHE A 54 10.44 -14.32 4.56
C PHE A 54 11.75 -14.68 3.89
N ASP A 55 12.02 -15.98 3.84
CA ASP A 55 13.17 -16.51 3.13
C ASP A 55 12.77 -16.88 1.72
N GLU A 56 13.09 -16.03 0.77
CA GLU A 56 12.79 -16.29 -0.62
C GLU A 56 13.55 -17.53 -1.10
N HIS A 57 14.63 -17.85 -0.40
CA HIS A 57 15.40 -19.08 -0.65
C HIS A 57 14.54 -20.31 -0.37
N LYS A 58 13.71 -20.20 0.65
CA LYS A 58 12.89 -21.31 1.10
C LYS A 58 11.64 -21.45 0.25
N CYS A 59 11.53 -20.55 -0.70
CA CYS A 59 10.58 -20.68 -1.78
C CYS A 59 11.38 -20.86 -3.06
N LEU A 60 10.71 -21.00 -4.20
CA LEU A 60 11.39 -21.13 -5.50
C LEU A 60 12.14 -22.45 -5.60
N ALA A 61 13.23 -22.55 -4.85
CA ALA A 61 14.07 -23.73 -4.84
C ALA A 61 13.29 -24.93 -4.30
N GLU A 62 12.36 -24.64 -3.40
CA GLU A 62 11.51 -25.66 -2.81
C GLU A 62 10.34 -26.01 -3.74
N GLY A 63 10.17 -25.24 -4.81
CA GLY A 63 9.12 -25.54 -5.76
C GLY A 63 7.88 -24.67 -5.58
N GLY A 64 8.09 -23.44 -5.12
CA GLY A 64 6.98 -22.53 -4.93
C GLY A 64 7.20 -21.21 -5.64
N LYS A 65 6.25 -20.29 -5.52
CA LYS A 65 6.39 -18.99 -6.15
C LYS A 65 6.02 -17.88 -5.17
N ILE A 66 6.46 -16.67 -5.46
CA ILE A 66 6.38 -15.58 -4.51
C ILE A 66 5.13 -14.73 -4.72
N MET A 67 4.33 -14.63 -3.68
CA MET A 67 3.13 -13.83 -3.67
C MET A 67 3.37 -12.60 -2.79
N LYS A 68 2.36 -11.77 -2.63
CA LYS A 68 2.46 -10.62 -1.75
C LYS A 68 1.46 -10.75 -0.62
N ILE A 69 1.79 -10.21 0.54
CA ILE A 69 0.93 -10.33 1.70
C ILE A 69 -0.23 -9.33 1.62
N PRO A 70 -1.44 -9.76 1.97
CA PRO A 70 -2.60 -8.88 2.09
C PRO A 70 -2.64 -8.15 3.43
N GLY A 71 -2.73 -6.83 3.38
CA GLY A 71 -2.80 -6.04 4.61
C GLY A 71 -1.55 -5.23 4.84
N THR A 72 -0.46 -5.69 4.26
CA THR A 72 0.82 -5.01 4.32
C THR A 72 1.64 -5.38 3.10
N CYS A 73 2.64 -4.61 2.76
CA CYS A 73 3.41 -4.92 1.58
C CYS A 73 4.67 -5.67 1.95
N CYS A 74 4.73 -6.91 1.50
CA CYS A 74 5.84 -7.80 1.76
C CYS A 74 5.78 -8.94 0.76
N ASP A 75 6.78 -9.81 0.77
CA ASP A 75 6.74 -11.00 -0.09
C ASP A 75 6.46 -12.23 0.75
N THR A 76 5.90 -13.25 0.13
CA THR A 76 5.66 -14.51 0.79
C THR A 76 5.57 -15.63 -0.25
N CYS A 77 5.57 -16.87 0.19
CA CYS A 77 5.54 -17.99 -0.74
C CYS A 77 4.17 -18.68 -0.70
N GLU A 78 3.70 -19.12 -1.86
CA GLU A 78 2.42 -19.80 -1.95
C GLU A 78 2.47 -21.15 -1.24
N GLY A 1 -1.82 24.51 2.23
CA GLY A 1 -0.45 24.29 1.83
C GLY A 1 -0.33 24.05 0.34
N SER A 2 -1.19 23.20 -0.19
CA SER A 2 -1.19 22.89 -1.62
C SER A 2 -2.62 22.67 -2.10
N MET A 3 -2.93 23.24 -3.25
CA MET A 3 -4.28 23.13 -3.80
C MET A 3 -4.50 21.77 -4.45
N ALA A 4 -5.24 20.93 -3.75
CA ALA A 4 -5.60 19.61 -4.25
C ALA A 4 -7.05 19.33 -3.96
N THR A 5 -7.66 18.48 -4.77
CA THR A 5 -9.04 18.10 -4.57
C THR A 5 -9.18 16.59 -4.44
N ALA A 6 -8.04 15.91 -4.44
CA ALA A 6 -7.98 14.48 -4.27
C ALA A 6 -6.55 14.10 -3.89
N CYS A 7 -6.29 12.82 -3.73
CA CYS A 7 -4.95 12.37 -3.40
C CYS A 7 -4.38 11.53 -4.55
N THR A 8 -3.42 12.10 -5.24
CA THR A 8 -2.76 11.41 -6.33
C THR A 8 -1.62 10.56 -5.78
N ILE A 9 -1.89 9.28 -5.60
CA ILE A 9 -0.93 8.39 -4.97
C ILE A 9 -0.23 7.53 -6.01
N GLN A 10 0.84 6.88 -5.60
CA GLN A 10 1.50 5.90 -6.44
C GLN A 10 1.78 4.65 -5.62
N LEU A 11 1.18 3.55 -6.03
CA LEU A 11 1.35 2.27 -5.34
C LEU A 11 2.81 1.86 -5.36
N ARG A 12 3.20 1.08 -4.37
CA ARG A 12 4.58 0.62 -4.23
C ARG A 12 4.99 -0.25 -5.41
N GLY A 13 4.00 -0.85 -6.09
CA GLY A 13 4.27 -1.64 -7.27
C GLY A 13 4.60 -0.76 -8.47
N GLY A 14 4.34 0.54 -8.34
CA GLY A 14 4.63 1.47 -9.41
C GLY A 14 3.40 1.78 -10.23
N GLN A 15 2.33 2.22 -9.56
CA GLN A 15 1.07 2.48 -10.22
C GLN A 15 0.41 3.73 -9.64
N ILE A 16 0.13 4.70 -10.50
CA ILE A 16 -0.46 5.96 -10.05
C ILE A 16 -1.97 5.80 -9.92
N MET A 17 -2.49 6.08 -8.73
CA MET A 17 -3.91 5.89 -8.45
C MET A 17 -4.50 7.19 -7.92
N THR A 18 -5.75 7.46 -8.27
CA THR A 18 -6.43 8.65 -7.81
C THR A 18 -7.41 8.35 -6.68
N LEU A 19 -7.04 8.74 -5.48
CA LEU A 19 -7.94 8.63 -4.34
C LEU A 19 -8.58 9.98 -4.09
N LYS A 20 -9.72 9.99 -3.45
CA LYS A 20 -10.41 11.23 -3.18
C LYS A 20 -10.64 11.38 -1.70
N ARG A 21 -11.33 12.44 -1.30
CA ARG A 21 -11.61 12.67 0.10
C ARG A 21 -12.37 11.51 0.71
N ASP A 22 -11.78 10.94 1.76
CA ASP A 22 -12.41 9.85 2.55
C ASP A 22 -12.34 8.53 1.79
N GLU A 23 -11.43 8.48 0.81
CA GLU A 23 -11.21 7.27 0.04
C GLU A 23 -10.03 6.47 0.59
N THR A 24 -10.04 5.19 0.30
CA THR A 24 -8.93 4.33 0.66
C THR A 24 -8.54 3.50 -0.56
N LEU A 25 -7.36 2.94 -0.57
CA LEU A 25 -6.92 2.14 -1.69
C LEU A 25 -6.75 0.71 -1.25
N GLN A 26 -7.51 -0.18 -1.86
CA GLN A 26 -7.44 -1.58 -1.52
C GLN A 26 -6.59 -2.34 -2.52
N ASP A 27 -5.36 -2.58 -2.13
CA ASP A 27 -4.40 -3.32 -2.91
C ASP A 27 -3.50 -4.03 -1.93
N GLY A 28 -3.01 -5.23 -2.24
CA GLY A 28 -2.17 -5.90 -1.26
C GLY A 28 -0.85 -5.19 -1.09
N CYS A 29 -0.83 -4.28 -0.13
CA CYS A 29 0.36 -3.54 0.25
C CYS A 29 0.05 -2.79 1.54
N ASP A 30 0.98 -1.97 2.01
CA ASP A 30 0.71 -1.06 3.11
C ASP A 30 -0.43 -0.11 2.72
N THR A 31 -1.55 -0.23 3.43
CA THR A 31 -2.81 0.41 3.04
C THR A 31 -2.69 1.93 2.89
N HIS A 32 -3.24 2.45 1.81
CA HIS A 32 -3.17 3.88 1.52
C HIS A 32 -4.50 4.57 1.86
N PHE A 33 -4.43 5.66 2.60
CA PHE A 33 -5.62 6.40 3.00
C PHE A 33 -5.57 7.84 2.48
N CYS A 34 -6.71 8.34 2.03
CA CYS A 34 -6.83 9.75 1.65
C CYS A 34 -7.98 10.38 2.41
N LYS A 35 -7.65 11.40 3.18
CA LYS A 35 -8.66 12.08 4.00
C LYS A 35 -8.41 13.59 3.99
N VAL A 36 -9.39 14.35 4.41
CA VAL A 36 -9.27 15.80 4.45
C VAL A 36 -9.44 16.32 5.87
N ASN A 37 -8.54 17.19 6.28
CA ASN A 37 -8.62 17.83 7.58
C ASN A 37 -9.62 18.98 7.48
N GLU A 38 -10.14 19.42 8.62
CA GLU A 38 -11.11 20.51 8.65
C GLU A 38 -10.50 21.82 8.13
N ARG A 39 -9.21 21.79 7.84
CA ARG A 39 -8.50 22.91 7.25
C ARG A 39 -8.53 22.86 5.72
N GLY A 40 -9.08 21.77 5.18
CA GLY A 40 -9.25 21.66 3.74
C GLY A 40 -8.12 20.92 3.05
N GLU A 41 -7.08 20.56 3.78
CA GLU A 41 -5.91 19.90 3.21
C GLU A 41 -6.17 18.42 2.98
N TYR A 42 -5.64 17.88 1.89
CA TYR A 42 -5.75 16.46 1.59
C TYR A 42 -4.56 15.69 2.15
N PHE A 43 -4.84 14.70 2.97
CA PHE A 43 -3.80 13.90 3.60
C PHE A 43 -3.78 12.49 3.03
N TRP A 44 -2.67 12.14 2.41
CA TRP A 44 -2.43 10.76 2.02
C TRP A 44 -1.41 10.14 2.95
N GLU A 45 -1.86 9.22 3.78
CA GLU A 45 -0.95 8.50 4.65
C GLU A 45 -0.87 7.04 4.22
N LYS A 46 0.24 6.42 4.54
CA LYS A 46 0.44 5.02 4.22
C LYS A 46 0.49 4.24 5.51
N ARG A 47 -0.47 3.35 5.72
CA ARG A 47 -0.52 2.56 6.94
C ARG A 47 0.47 1.41 6.80
N VAL A 48 1.58 1.51 7.51
CA VAL A 48 2.66 0.55 7.36
C VAL A 48 2.87 -0.25 8.64
N THR A 49 3.17 -1.52 8.48
CA THR A 49 3.42 -2.39 9.61
C THR A 49 4.69 -3.21 9.35
N GLY A 50 5.07 -4.05 10.30
CA GLY A 50 6.28 -4.84 10.15
C GLY A 50 5.96 -6.26 9.74
N CYS A 51 6.49 -6.67 8.60
CA CYS A 51 6.27 -8.02 8.11
C CYS A 51 7.37 -8.95 8.62
N PRO A 52 7.03 -10.22 8.86
CA PRO A 52 7.99 -11.20 9.38
C PRO A 52 9.02 -11.60 8.33
N PRO A 53 10.25 -11.95 8.77
CA PRO A 53 11.31 -12.41 7.87
C PRO A 53 10.86 -13.62 7.06
N PHE A 54 11.15 -13.58 5.78
CA PHE A 54 10.69 -14.60 4.85
C PHE A 54 11.88 -15.26 4.17
N ASP A 55 11.88 -16.59 4.17
CA ASP A 55 12.90 -17.37 3.49
C ASP A 55 12.44 -17.68 2.06
N GLU A 56 12.88 -16.87 1.12
CA GLU A 56 12.50 -17.04 -0.28
C GLU A 56 13.12 -18.32 -0.84
N HIS A 57 14.22 -18.76 -0.25
CA HIS A 57 14.88 -20.00 -0.64
C HIS A 57 14.04 -21.20 -0.21
N LYS A 58 13.21 -20.98 0.80
CA LYS A 58 12.32 -22.02 1.28
C LYS A 58 11.11 -22.10 0.35
N CYS A 59 11.13 -21.23 -0.63
CA CYS A 59 10.16 -21.25 -1.71
C CYS A 59 10.92 -21.36 -3.02
N LEU A 60 10.21 -21.27 -4.14
CA LEU A 60 10.83 -21.30 -5.49
C LEU A 60 11.45 -22.67 -5.77
N ALA A 61 12.56 -22.94 -5.11
CA ALA A 61 13.28 -24.20 -5.28
C ALA A 61 12.40 -25.39 -4.87
N GLU A 62 11.50 -25.15 -3.93
CA GLU A 62 10.54 -26.16 -3.49
C GLU A 62 9.47 -26.38 -4.55
N GLY A 63 9.29 -25.38 -5.41
CA GLY A 63 8.21 -25.42 -6.37
C GLY A 63 7.05 -24.53 -5.96
N GLY A 64 7.32 -23.59 -5.06
CA GLY A 64 6.29 -22.70 -4.59
C GLY A 64 6.34 -21.36 -5.29
N LYS A 65 5.40 -20.48 -4.95
CA LYS A 65 5.33 -19.17 -5.59
C LYS A 65 5.27 -18.07 -4.54
N ILE A 66 5.87 -16.93 -4.86
CA ILE A 66 5.96 -15.82 -3.92
C ILE A 66 4.77 -14.88 -4.08
N MET A 67 4.07 -14.65 -2.99
CA MET A 67 2.90 -13.78 -2.98
C MET A 67 3.15 -12.60 -2.07
N LYS A 68 2.15 -11.74 -1.92
CA LYS A 68 2.27 -10.56 -1.08
C LYS A 68 1.40 -10.70 0.16
N ILE A 69 1.80 -10.05 1.24
CA ILE A 69 1.08 -10.12 2.50
C ILE A 69 -0.05 -9.09 2.55
N PRO A 70 -1.27 -9.49 2.96
CA PRO A 70 -2.40 -8.58 3.10
C PRO A 70 -2.19 -7.56 4.21
N GLY A 71 -2.12 -6.29 3.85
CA GLY A 71 -2.03 -5.23 4.83
C GLY A 71 -0.67 -4.54 4.83
N THR A 72 0.29 -5.11 4.13
CA THR A 72 1.62 -4.52 4.04
C THR A 72 2.30 -4.98 2.76
N CYS A 73 3.40 -4.36 2.41
CA CYS A 73 4.16 -4.84 1.27
C CYS A 73 5.32 -5.70 1.75
N CYS A 74 5.26 -6.96 1.41
CA CYS A 74 6.29 -7.92 1.76
C CYS A 74 6.11 -9.14 0.89
N ASP A 75 7.00 -10.11 1.00
CA ASP A 75 6.88 -11.32 0.21
C ASP A 75 6.62 -12.52 1.10
N THR A 76 5.83 -13.45 0.59
CA THR A 76 5.53 -14.68 1.30
C THR A 76 5.42 -15.82 0.30
N CYS A 77 5.40 -17.05 0.78
CA CYS A 77 5.32 -18.20 -0.11
C CYS A 77 3.98 -18.90 0.06
N GLU A 78 3.39 -19.31 -1.05
CA GLU A 78 2.13 -20.04 -1.00
C GLU A 78 2.36 -21.44 -0.44
N GLY A 1 -7.02 29.31 -2.89
CA GLY A 1 -5.60 29.11 -3.11
C GLY A 1 -5.32 27.78 -3.77
N SER A 2 -4.05 27.43 -3.87
CA SER A 2 -3.64 26.19 -4.49
C SER A 2 -3.82 25.03 -3.51
N MET A 3 -4.93 24.32 -3.64
CA MET A 3 -5.25 23.22 -2.76
C MET A 3 -5.47 21.95 -3.55
N ALA A 4 -5.36 20.82 -2.88
CA ALA A 4 -5.60 19.53 -3.51
C ALA A 4 -7.05 19.13 -3.34
N THR A 5 -7.55 18.34 -4.26
CA THR A 5 -8.91 17.85 -4.18
C THR A 5 -8.92 16.34 -3.99
N ALA A 6 -7.73 15.78 -3.80
CA ALA A 6 -7.57 14.35 -3.60
C ALA A 6 -6.14 14.06 -3.17
N CYS A 7 -5.82 12.79 -2.98
CA CYS A 7 -4.49 12.38 -2.56
C CYS A 7 -3.79 11.62 -3.68
N THR A 8 -2.71 12.19 -4.19
CA THR A 8 -1.93 11.55 -5.23
C THR A 8 -0.94 10.57 -4.61
N ILE A 9 -1.32 9.30 -4.61
CA ILE A 9 -0.53 8.26 -3.96
C ILE A 9 0.32 7.53 -4.99
N GLN A 10 1.23 6.70 -4.51
CA GLN A 10 1.95 5.79 -5.38
C GLN A 10 2.11 4.44 -4.71
N LEU A 11 1.65 3.39 -5.38
CA LEU A 11 1.82 2.03 -4.90
C LEU A 11 3.30 1.65 -4.98
N ARG A 12 3.71 0.66 -4.19
CA ARG A 12 5.10 0.22 -4.16
C ARG A 12 5.52 -0.31 -5.53
N GLY A 13 4.55 -0.76 -6.30
CA GLY A 13 4.81 -1.24 -7.64
C GLY A 13 5.16 -0.13 -8.61
N GLY A 14 4.96 1.11 -8.19
CA GLY A 14 5.30 2.24 -9.02
C GLY A 14 4.08 2.83 -9.72
N GLN A 15 2.92 2.56 -9.17
CA GLN A 15 1.66 3.01 -9.76
C GLN A 15 1.11 4.22 -9.02
N ILE A 16 1.05 5.35 -9.71
CA ILE A 16 0.49 6.56 -9.13
C ILE A 16 -1.03 6.51 -9.21
N MET A 17 -1.67 6.59 -8.05
CA MET A 17 -3.11 6.45 -7.97
C MET A 17 -3.71 7.69 -7.31
N THR A 18 -4.97 7.99 -7.61
CA THR A 18 -5.63 9.15 -7.05
C THR A 18 -6.79 8.73 -6.14
N LEU A 19 -6.68 9.03 -4.85
CA LEU A 19 -7.72 8.73 -3.90
C LEU A 19 -8.44 10.00 -3.48
N LYS A 20 -9.76 9.95 -3.45
CA LYS A 20 -10.53 11.07 -2.94
C LYS A 20 -10.62 10.99 -1.42
N ARG A 21 -11.36 11.92 -0.82
CA ARG A 21 -11.47 11.95 0.62
C ARG A 21 -12.22 10.71 1.14
N ASP A 22 -11.60 10.03 2.09
CA ASP A 22 -12.15 8.81 2.71
C ASP A 22 -12.08 7.63 1.75
N GLU A 23 -11.36 7.81 0.65
CA GLU A 23 -11.05 6.71 -0.24
C GLU A 23 -9.78 6.01 0.24
N THR A 24 -9.73 4.72 0.03
CA THR A 24 -8.58 3.94 0.43
C THR A 24 -8.11 3.12 -0.75
N LEU A 25 -6.87 2.66 -0.70
CA LEU A 25 -6.35 1.82 -1.75
C LEU A 25 -6.12 0.43 -1.19
N GLN A 26 -6.91 -0.50 -1.66
CA GLN A 26 -6.84 -1.87 -1.20
C GLN A 26 -5.86 -2.66 -2.04
N ASP A 27 -4.67 -2.82 -1.50
CA ASP A 27 -3.59 -3.56 -2.12
C ASP A 27 -2.78 -4.17 -1.00
N GLY A 28 -2.24 -5.36 -1.17
CA GLY A 28 -1.34 -5.86 -0.16
C GLY A 28 -0.07 -5.04 -0.19
N CYS A 29 -0.06 -4.01 0.64
CA CYS A 29 1.04 -3.08 0.74
C CYS A 29 0.76 -2.17 1.92
N ASP A 30 1.57 -1.13 2.08
CA ASP A 30 1.24 -0.04 3.00
C ASP A 30 -0.17 0.45 2.67
N THR A 31 -1.11 0.24 3.58
CA THR A 31 -2.50 0.57 3.31
C THR A 31 -2.68 2.08 3.20
N HIS A 32 -3.09 2.53 2.03
CA HIS A 32 -3.17 3.95 1.73
C HIS A 32 -4.54 4.51 2.11
N PHE A 33 -4.53 5.49 3.01
CA PHE A 33 -5.74 6.19 3.41
C PHE A 33 -5.64 7.65 2.99
N CYS A 34 -6.72 8.18 2.42
CA CYS A 34 -6.75 9.59 2.06
C CYS A 34 -7.77 10.33 2.91
N LYS A 35 -7.28 11.24 3.75
CA LYS A 35 -8.14 12.03 4.62
C LYS A 35 -7.79 13.51 4.48
N VAL A 36 -8.80 14.37 4.49
CA VAL A 36 -8.56 15.80 4.32
C VAL A 36 -8.95 16.56 5.58
N ASN A 37 -8.13 17.54 5.95
CA ASN A 37 -8.39 18.38 7.11
C ASN A 37 -9.49 19.39 6.77
N GLU A 38 -10.07 19.98 7.81
CA GLU A 38 -11.17 20.94 7.65
C GLU A 38 -10.75 22.14 6.81
N ARG A 39 -9.45 22.44 6.80
CA ARG A 39 -8.92 23.59 6.09
C ARG A 39 -8.84 23.29 4.59
N GLY A 40 -8.86 22.00 4.25
CA GLY A 40 -8.88 21.60 2.86
C GLY A 40 -7.59 20.95 2.39
N GLU A 41 -6.85 20.32 3.30
CA GLU A 41 -5.65 19.62 2.91
C GLU A 41 -5.85 18.11 2.91
N TYR A 42 -5.60 17.50 1.76
CA TYR A 42 -5.67 16.05 1.62
C TYR A 42 -4.36 15.40 2.03
N PHE A 43 -4.45 14.44 2.95
CA PHE A 43 -3.28 13.77 3.48
C PHE A 43 -3.20 12.34 2.96
N TRP A 44 -2.08 12.00 2.35
CA TRP A 44 -1.82 10.63 1.96
C TRP A 44 -1.13 9.90 3.11
N GLU A 45 -1.93 9.19 3.89
CA GLU A 45 -1.43 8.47 5.04
C GLU A 45 -1.26 6.99 4.73
N LYS A 46 -0.06 6.48 4.95
CA LYS A 46 0.19 5.06 4.78
C LYS A 46 0.08 4.34 6.11
N ARG A 47 -0.78 3.35 6.19
CA ARG A 47 -0.85 2.51 7.37
C ARG A 47 0.22 1.43 7.24
N VAL A 48 1.26 1.54 8.05
CA VAL A 48 2.40 0.66 7.93
C VAL A 48 2.36 -0.42 9.00
N THR A 49 2.71 -1.64 8.62
CA THR A 49 2.84 -2.74 9.55
C THR A 49 4.04 -3.57 9.14
N GLY A 50 4.50 -4.44 10.02
CA GLY A 50 5.68 -5.22 9.74
C GLY A 50 5.35 -6.61 9.25
N CYS A 51 6.22 -7.16 8.42
CA CYS A 51 5.99 -8.48 7.88
C CYS A 51 7.03 -9.47 8.42
N PRO A 52 6.60 -10.72 8.64
CA PRO A 52 7.49 -11.77 9.13
C PRO A 52 8.54 -12.17 8.09
N PRO A 53 9.73 -12.59 8.56
CA PRO A 53 10.85 -12.98 7.69
C PRO A 53 10.48 -14.10 6.71
N PHE A 54 10.96 -13.99 5.49
CA PHE A 54 10.61 -14.93 4.44
C PHE A 54 11.86 -15.44 3.72
N ASP A 55 11.82 -16.71 3.33
CA ASP A 55 12.90 -17.30 2.55
C ASP A 55 12.41 -17.61 1.15
N GLU A 56 12.83 -16.81 0.19
CA GLU A 56 12.45 -17.03 -1.20
C GLU A 56 13.14 -18.29 -1.74
N HIS A 57 14.23 -18.68 -1.09
CA HIS A 57 14.92 -19.93 -1.41
C HIS A 57 14.12 -21.12 -0.91
N LYS A 58 13.49 -20.93 0.24
CA LYS A 58 12.71 -21.98 0.85
C LYS A 58 11.39 -22.14 0.11
N CYS A 59 11.16 -21.21 -0.79
CA CYS A 59 10.08 -21.30 -1.75
C CYS A 59 10.67 -21.49 -3.14
N LEU A 60 9.82 -21.56 -4.17
CA LEU A 60 10.26 -21.73 -5.56
C LEU A 60 10.87 -23.11 -5.78
N ALA A 61 12.00 -23.34 -5.12
CA ALA A 61 12.73 -24.60 -5.23
C ALA A 61 11.85 -25.78 -4.81
N GLU A 62 10.98 -25.54 -3.83
CA GLU A 62 10.08 -26.58 -3.33
C GLU A 62 8.81 -26.69 -4.17
N GLY A 63 8.66 -25.80 -5.14
CA GLY A 63 7.48 -25.85 -6.00
C GLY A 63 6.40 -24.89 -5.55
N GLY A 64 6.80 -23.76 -4.98
CA GLY A 64 5.84 -22.77 -4.53
C GLY A 64 6.01 -21.46 -5.26
N LYS A 65 5.03 -20.59 -5.15
CA LYS A 65 5.07 -19.29 -5.82
C LYS A 65 5.03 -18.17 -4.79
N ILE A 66 5.58 -17.02 -5.14
CA ILE A 66 5.71 -15.92 -4.20
C ILE A 66 4.53 -14.96 -4.35
N MET A 67 3.88 -14.69 -3.24
CA MET A 67 2.74 -13.78 -3.20
C MET A 67 3.04 -12.62 -2.25
N LYS A 68 2.08 -11.73 -2.07
CA LYS A 68 2.24 -10.63 -1.13
C LYS A 68 1.41 -10.89 0.12
N ILE A 69 1.90 -10.42 1.26
CA ILE A 69 1.22 -10.60 2.52
C ILE A 69 0.06 -9.62 2.65
N PRO A 70 -1.15 -10.12 2.94
CA PRO A 70 -2.34 -9.27 3.08
C PRO A 70 -2.16 -8.22 4.18
N GLY A 71 -2.16 -6.95 3.78
CA GLY A 71 -2.09 -5.87 4.74
C GLY A 71 -0.73 -5.18 4.79
N THR A 72 0.22 -5.68 4.01
CA THR A 72 1.54 -5.07 3.96
C THR A 72 2.26 -5.48 2.67
N CYS A 73 3.37 -4.82 2.36
CA CYS A 73 4.14 -5.23 1.20
C CYS A 73 5.29 -6.09 1.65
N CYS A 74 5.26 -7.34 1.25
CA CYS A 74 6.31 -8.29 1.60
C CYS A 74 6.19 -9.50 0.67
N ASP A 75 7.16 -10.39 0.71
CA ASP A 75 7.11 -11.61 -0.08
C ASP A 75 6.73 -12.78 0.81
N THR A 76 5.91 -13.68 0.28
CA THR A 76 5.52 -14.88 0.99
C THR A 76 5.32 -16.02 0.01
N CYS A 77 5.27 -17.24 0.50
CA CYS A 77 5.19 -18.40 -0.37
C CYS A 77 3.81 -19.06 -0.27
N GLU A 78 3.32 -19.51 -1.41
CA GLU A 78 2.07 -20.27 -1.48
C GLU A 78 2.08 -21.43 -0.48
N GLY A 1 -3.45 22.33 -8.59
CA GLY A 1 -2.13 22.92 -8.63
C GLY A 1 -1.69 23.41 -7.27
N SER A 2 -2.39 24.41 -6.75
CA SER A 2 -2.09 24.93 -5.43
C SER A 2 -2.78 24.08 -4.36
N MET A 3 -4.07 23.87 -4.53
CA MET A 3 -4.83 23.03 -3.62
C MET A 3 -5.11 21.69 -4.28
N ALA A 4 -5.35 20.68 -3.48
CA ALA A 4 -5.65 19.36 -3.97
C ALA A 4 -7.08 18.98 -3.66
N THR A 5 -7.67 18.19 -4.54
CA THR A 5 -9.02 17.69 -4.33
C THR A 5 -9.03 16.17 -4.21
N ALA A 6 -7.85 15.60 -3.98
CA ALA A 6 -7.70 14.17 -3.83
C ALA A 6 -6.29 13.87 -3.34
N CYS A 7 -6.01 12.60 -3.12
CA CYS A 7 -4.68 12.19 -2.70
C CYS A 7 -4.03 11.37 -3.80
N THR A 8 -3.01 11.96 -4.43
CA THR A 8 -2.25 11.28 -5.46
C THR A 8 -1.16 10.43 -4.81
N ILE A 9 -1.41 9.13 -4.71
CA ILE A 9 -0.50 8.25 -4.01
C ILE A 9 0.38 7.50 -4.99
N GLN A 10 1.48 6.96 -4.47
CA GLN A 10 2.36 6.15 -5.28
C GLN A 10 2.66 4.86 -4.51
N LEU A 11 2.13 3.75 -5.00
CA LEU A 11 2.31 2.46 -4.35
C LEU A 11 3.79 2.14 -4.25
N ARG A 12 4.16 1.44 -3.19
CA ARG A 12 5.57 1.12 -2.95
C ARG A 12 6.12 0.20 -4.05
N GLY A 13 5.21 -0.33 -4.86
CA GLY A 13 5.60 -1.16 -5.98
C GLY A 13 5.91 -0.35 -7.23
N GLY A 14 5.49 0.91 -7.24
CA GLY A 14 5.75 1.76 -8.39
C GLY A 14 4.52 2.01 -9.24
N GLN A 15 3.41 2.36 -8.59
CA GLN A 15 2.15 2.60 -9.29
C GLN A 15 1.42 3.80 -8.69
N ILE A 16 1.12 4.78 -9.51
CA ILE A 16 0.45 5.99 -9.03
C ILE A 16 -1.06 5.84 -9.08
N MET A 17 -1.70 6.15 -7.96
CA MET A 17 -3.16 6.05 -7.85
C MET A 17 -3.75 7.39 -7.44
N THR A 18 -5.02 7.59 -7.76
CA THR A 18 -5.71 8.79 -7.34
C THR A 18 -6.86 8.44 -6.39
N LEU A 19 -6.68 8.77 -5.12
CA LEU A 19 -7.68 8.49 -4.10
C LEU A 19 -8.47 9.74 -3.79
N LYS A 20 -9.78 9.63 -3.75
CA LYS A 20 -10.63 10.74 -3.38
C LYS A 20 -10.80 10.80 -1.87
N ARG A 21 -11.66 11.71 -1.43
CA ARG A 21 -11.89 11.90 0.00
C ARG A 21 -12.43 10.62 0.64
N ASP A 22 -11.70 10.14 1.65
CA ASP A 22 -12.08 8.98 2.45
C ASP A 22 -12.04 7.69 1.62
N GLU A 23 -11.31 7.73 0.53
CA GLU A 23 -11.06 6.54 -0.26
C GLU A 23 -9.83 5.83 0.27
N THR A 24 -9.75 4.53 0.05
CA THR A 24 -8.62 3.75 0.50
C THR A 24 -8.05 2.94 -0.66
N LEU A 25 -6.81 2.51 -0.55
CA LEU A 25 -6.21 1.72 -1.61
C LEU A 25 -5.92 0.33 -1.06
N GLN A 26 -6.56 -0.66 -1.66
CA GLN A 26 -6.35 -2.02 -1.23
C GLN A 26 -5.43 -2.76 -2.19
N ASP A 27 -4.19 -2.86 -1.76
CA ASP A 27 -3.14 -3.59 -2.46
C ASP A 27 -2.35 -4.32 -1.40
N GLY A 28 -1.82 -5.51 -1.68
CA GLY A 28 -1.01 -6.15 -0.66
C GLY A 28 0.26 -5.36 -0.46
N CYS A 29 0.19 -4.45 0.47
CA CYS A 29 1.27 -3.56 0.81
C CYS A 29 0.88 -2.80 2.06
N ASP A 30 1.71 -1.83 2.42
CA ASP A 30 1.30 -0.81 3.36
C ASP A 30 -0.02 -0.17 2.86
N THR A 31 -0.99 -0.03 3.75
CA THR A 31 -2.33 0.40 3.34
C THR A 31 -2.44 1.92 3.27
N HIS A 32 -2.91 2.42 2.14
CA HIS A 32 -2.96 3.85 1.88
C HIS A 32 -4.35 4.40 2.15
N PHE A 33 -4.42 5.43 2.99
CA PHE A 33 -5.68 6.10 3.29
C PHE A 33 -5.66 7.55 2.79
N CYS A 34 -6.81 8.05 2.38
CA CYS A 34 -6.98 9.45 2.03
C CYS A 34 -8.19 10.00 2.75
N LYS A 35 -8.02 11.09 3.48
CA LYS A 35 -9.12 11.68 4.25
C LYS A 35 -9.01 13.19 4.28
N VAL A 36 -10.12 13.85 4.60
CA VAL A 36 -10.16 15.32 4.67
C VAL A 36 -10.67 15.81 6.02
N ASN A 37 -9.96 16.79 6.56
CA ASN A 37 -10.40 17.49 7.77
C ASN A 37 -11.03 18.82 7.36
N GLU A 38 -11.64 19.55 8.29
CA GLU A 38 -12.33 20.80 7.99
C GLU A 38 -11.42 21.81 7.30
N ARG A 39 -10.11 21.58 7.42
CA ARG A 39 -9.11 22.49 6.88
C ARG A 39 -9.04 22.40 5.35
N GLY A 40 -9.67 21.36 4.80
CA GLY A 40 -9.64 21.15 3.36
C GLY A 40 -8.39 20.40 2.94
N GLU A 41 -7.73 19.82 3.92
CA GLU A 41 -6.51 19.07 3.68
C GLU A 41 -6.81 17.63 3.32
N TYR A 42 -6.21 17.16 2.23
CA TYR A 42 -6.28 15.75 1.89
C TYR A 42 -5.07 15.05 2.48
N PHE A 43 -5.33 14.27 3.51
CA PHE A 43 -4.29 13.60 4.25
C PHE A 43 -4.02 12.22 3.66
N TRP A 44 -2.82 12.04 3.12
CA TRP A 44 -2.39 10.71 2.73
C TRP A 44 -1.54 10.13 3.84
N GLU A 45 -2.16 9.34 4.69
CA GLU A 45 -1.45 8.66 5.75
C GLU A 45 -1.44 7.17 5.48
N LYS A 46 -0.29 6.56 5.73
CA LYS A 46 -0.10 5.16 5.40
C LYS A 46 -0.21 4.29 6.65
N ARG A 47 -0.54 3.03 6.46
CA ARG A 47 -0.71 2.10 7.56
C ARG A 47 0.31 0.97 7.43
N VAL A 48 1.31 1.00 8.30
CA VAL A 48 2.44 0.10 8.18
C VAL A 48 2.57 -0.83 9.38
N THR A 49 3.19 -1.97 9.14
CA THR A 49 3.56 -2.90 10.19
C THR A 49 4.84 -3.63 9.77
N GLY A 50 5.34 -4.51 10.62
CA GLY A 50 6.57 -5.21 10.32
C GLY A 50 6.32 -6.61 9.84
N CYS A 51 7.03 -7.01 8.79
CA CYS A 51 6.84 -8.34 8.23
C CYS A 51 7.91 -9.30 8.74
N PRO A 52 7.58 -10.59 8.83
CA PRO A 52 8.54 -11.62 9.25
C PRO A 52 9.50 -11.98 8.12
N PRO A 53 10.66 -12.59 8.45
CA PRO A 53 11.64 -13.00 7.45
C PRO A 53 11.09 -14.06 6.50
N PHE A 54 11.32 -13.87 5.22
CA PHE A 54 10.78 -14.77 4.20
C PHE A 54 11.90 -15.58 3.54
N ASP A 55 11.58 -16.83 3.18
CA ASP A 55 12.51 -17.67 2.45
C ASP A 55 12.03 -17.86 1.02
N GLU A 56 12.64 -17.16 0.09
CA GLU A 56 12.25 -17.26 -1.32
C GLU A 56 12.68 -18.62 -1.90
N HIS A 57 13.68 -19.25 -1.27
CA HIS A 57 14.13 -20.58 -1.68
C HIS A 57 13.16 -21.63 -1.18
N LYS A 58 12.57 -21.35 -0.02
CA LYS A 58 11.57 -22.24 0.55
C LYS A 58 10.30 -22.17 -0.28
N CYS A 59 10.26 -21.17 -1.15
CA CYS A 59 9.24 -21.06 -2.16
C CYS A 59 9.87 -21.26 -3.54
N LEU A 60 9.08 -21.07 -4.61
CA LEU A 60 9.55 -21.21 -6.00
C LEU A 60 9.91 -22.65 -6.33
N ALA A 61 10.94 -23.15 -5.68
CA ALA A 61 11.44 -24.51 -5.90
C ALA A 61 10.33 -25.53 -5.69
N GLU A 62 9.44 -25.26 -4.75
CA GLU A 62 8.34 -26.16 -4.44
C GLU A 62 7.16 -25.95 -5.39
N GLY A 63 7.27 -24.94 -6.25
CA GLY A 63 6.19 -24.64 -7.18
C GLY A 63 5.31 -23.53 -6.68
N GLY A 64 5.74 -22.85 -5.62
CA GLY A 64 4.96 -21.79 -5.04
C GLY A 64 5.23 -20.45 -5.70
N LYS A 65 4.39 -19.48 -5.41
CA LYS A 65 4.51 -18.14 -6.00
C LYS A 65 4.82 -17.13 -4.92
N ILE A 66 5.47 -16.04 -5.30
CA ILE A 66 5.82 -15.00 -4.34
C ILE A 66 4.79 -13.89 -4.38
N MET A 67 4.09 -13.73 -3.27
CA MET A 67 2.97 -12.79 -3.19
C MET A 67 3.29 -11.67 -2.21
N LYS A 68 2.33 -10.78 -2.03
CA LYS A 68 2.51 -9.62 -1.17
C LYS A 68 1.68 -9.76 0.10
N ILE A 69 2.14 -9.13 1.18
CA ILE A 69 1.45 -9.17 2.46
C ILE A 69 0.51 -7.97 2.61
N PRO A 70 -0.70 -8.19 3.13
CA PRO A 70 -1.59 -7.08 3.48
C PRO A 70 -1.20 -6.40 4.80
N GLY A 71 -1.04 -5.08 4.75
CA GLY A 71 -0.72 -4.34 5.97
C GLY A 71 0.70 -3.79 5.96
N THR A 72 1.52 -4.37 5.11
CA THR A 72 2.89 -3.94 4.95
C THR A 72 3.43 -4.46 3.63
N CYS A 73 4.53 -3.92 3.17
CA CYS A 73 5.08 -4.38 1.91
C CYS A 73 6.19 -5.37 2.19
N CYS A 74 5.98 -6.60 1.78
CA CYS A 74 6.94 -7.66 1.98
C CYS A 74 6.60 -8.80 1.04
N ASP A 75 7.51 -9.76 0.93
CA ASP A 75 7.28 -10.90 0.06
C ASP A 75 6.85 -12.12 0.87
N THR A 76 5.93 -12.89 0.33
CA THR A 76 5.45 -14.09 1.00
C THR A 76 5.24 -15.20 -0.03
N CYS A 77 5.06 -16.43 0.41
CA CYS A 77 4.90 -17.55 -0.51
C CYS A 77 3.46 -18.04 -0.55
N GLU A 78 3.05 -18.47 -1.73
CA GLU A 78 1.75 -19.11 -1.94
C GLU A 78 1.62 -20.39 -1.11
N GLY A 1 1.39 22.14 -7.21
CA GLY A 1 0.68 21.27 -6.29
C GLY A 1 0.35 21.97 -4.99
N SER A 2 -0.40 23.06 -5.08
CA SER A 2 -0.80 23.80 -3.89
C SER A 2 -2.21 23.42 -3.46
N MET A 3 -3.15 23.52 -4.39
CA MET A 3 -4.53 23.14 -4.13
C MET A 3 -4.75 21.69 -4.50
N ALA A 4 -5.13 20.87 -3.53
CA ALA A 4 -5.44 19.48 -3.79
C ALA A 4 -6.89 19.20 -3.53
N THR A 5 -7.48 18.41 -4.41
CA THR A 5 -8.85 17.99 -4.25
C THR A 5 -8.93 16.49 -3.99
N ALA A 6 -7.75 15.91 -3.76
CA ALA A 6 -7.64 14.50 -3.43
C ALA A 6 -6.21 14.20 -2.97
N CYS A 7 -5.90 12.94 -2.77
CA CYS A 7 -4.59 12.52 -2.30
C CYS A 7 -3.86 11.76 -3.38
N THR A 8 -2.73 12.29 -3.81
CA THR A 8 -1.90 11.64 -4.81
C THR A 8 -1.06 10.53 -4.16
N ILE A 9 -1.47 9.29 -4.35
CA ILE A 9 -0.74 8.17 -3.77
C ILE A 9 0.04 7.44 -4.85
N GLN A 10 0.98 6.60 -4.44
CA GLN A 10 1.71 5.78 -5.37
C GLN A 10 1.89 4.38 -4.79
N LEU A 11 1.36 3.39 -5.48
CA LEU A 11 1.50 2.00 -5.08
C LEU A 11 2.96 1.58 -5.23
N ARG A 12 3.40 0.67 -4.37
CA ARG A 12 4.79 0.21 -4.38
C ARG A 12 5.12 -0.54 -5.67
N GLY A 13 4.09 -0.88 -6.43
CA GLY A 13 4.28 -1.50 -7.73
C GLY A 13 4.69 -0.48 -8.78
N GLY A 14 4.54 0.80 -8.45
CA GLY A 14 4.94 1.85 -9.37
C GLY A 14 3.75 2.45 -10.11
N GLN A 15 2.65 2.64 -9.40
CA GLN A 15 1.43 3.18 -9.98
C GLN A 15 0.90 4.34 -9.15
N ILE A 16 0.80 5.50 -9.78
CA ILE A 16 0.27 6.69 -9.12
C ILE A 16 -1.25 6.68 -9.19
N MET A 17 -1.89 6.78 -8.03
CA MET A 17 -3.35 6.68 -7.94
C MET A 17 -3.90 7.93 -7.26
N THR A 18 -5.10 8.33 -7.65
CA THR A 18 -5.73 9.48 -7.04
C THR A 18 -6.83 9.06 -6.08
N LEU A 19 -6.59 9.24 -4.79
CA LEU A 19 -7.57 8.87 -3.78
C LEU A 19 -8.33 10.10 -3.31
N LYS A 20 -9.63 10.01 -3.25
CA LYS A 20 -10.46 11.15 -2.87
C LYS A 20 -10.77 11.13 -1.37
N ARG A 21 -11.60 12.05 -0.92
CA ARG A 21 -11.95 12.14 0.49
C ARG A 21 -12.56 10.84 0.98
N ASP A 22 -11.97 10.27 2.02
CA ASP A 22 -12.46 9.04 2.64
C ASP A 22 -12.26 7.82 1.75
N GLU A 23 -11.46 7.98 0.70
CA GLU A 23 -11.13 6.86 -0.16
C GLU A 23 -9.97 6.07 0.43
N THR A 24 -9.98 4.78 0.19
CA THR A 24 -8.91 3.91 0.59
C THR A 24 -8.47 3.06 -0.59
N LEU A 25 -7.24 2.59 -0.58
CA LEU A 25 -6.74 1.81 -1.70
C LEU A 25 -6.54 0.38 -1.27
N GLN A 26 -7.19 -0.53 -1.98
CA GLN A 26 -7.11 -1.93 -1.67
C GLN A 26 -6.03 -2.62 -2.49
N ASP A 27 -4.89 -2.83 -1.86
CA ASP A 27 -3.76 -3.53 -2.44
C ASP A 27 -2.97 -4.13 -1.30
N GLY A 28 -2.37 -5.31 -1.49
CA GLY A 28 -1.57 -5.84 -0.42
C GLY A 28 -0.29 -5.05 -0.28
N CYS A 29 -0.33 -4.07 0.61
CA CYS A 29 0.78 -3.18 0.88
C CYS A 29 0.44 -2.40 2.13
N ASP A 30 1.27 -1.44 2.50
CA ASP A 30 0.91 -0.52 3.57
C ASP A 30 -0.31 0.28 3.13
N THR A 31 -1.43 0.06 3.82
CA THR A 31 -2.73 0.55 3.39
C THR A 31 -2.75 2.07 3.25
N HIS A 32 -3.19 2.53 2.09
CA HIS A 32 -3.23 3.94 1.78
C HIS A 32 -4.60 4.54 2.10
N PHE A 33 -4.61 5.54 2.98
CA PHE A 33 -5.84 6.23 3.34
C PHE A 33 -5.80 7.68 2.90
N CYS A 34 -6.93 8.21 2.47
CA CYS A 34 -7.04 9.63 2.14
C CYS A 34 -8.17 10.27 2.95
N LYS A 35 -7.81 11.17 3.82
CA LYS A 35 -8.79 11.89 4.63
C LYS A 35 -8.66 13.38 4.36
N VAL A 36 -9.59 14.17 4.87
CA VAL A 36 -9.51 15.61 4.71
C VAL A 36 -9.93 16.29 6.00
N ASN A 37 -9.18 17.30 6.40
CA ASN A 37 -9.52 18.05 7.60
C ASN A 37 -10.56 19.10 7.24
N GLU A 38 -11.25 19.63 8.25
CA GLU A 38 -12.30 20.62 8.01
C GLU A 38 -11.75 21.90 7.40
N ARG A 39 -10.43 22.06 7.42
CA ARG A 39 -9.78 23.18 6.75
C ARG A 39 -9.80 22.99 5.24
N GLY A 40 -10.17 21.79 4.80
CA GLY A 40 -10.22 21.49 3.38
C GLY A 40 -8.90 20.95 2.88
N GLU A 41 -8.12 20.37 3.78
CA GLU A 41 -6.81 19.86 3.45
C GLU A 41 -6.80 18.34 3.46
N TYR A 42 -6.31 17.74 2.38
CA TYR A 42 -6.30 16.29 2.24
C TYR A 42 -5.03 15.68 2.84
N PHE A 43 -5.22 14.63 3.62
CA PHE A 43 -4.12 13.96 4.30
C PHE A 43 -3.98 12.53 3.80
N TRP A 44 -2.81 12.20 3.29
CA TRP A 44 -2.53 10.85 2.84
C TRP A 44 -1.73 10.10 3.90
N GLU A 45 -2.36 9.10 4.50
CA GLU A 45 -1.70 8.28 5.49
C GLU A 45 -1.38 6.91 4.93
N LYS A 46 -0.19 6.44 5.19
CA LYS A 46 0.20 5.10 4.84
C LYS A 46 0.30 4.27 6.12
N ARG A 47 -0.54 3.28 6.27
CA ARG A 47 -0.49 2.44 7.46
C ARG A 47 0.56 1.37 7.26
N VAL A 48 1.68 1.53 7.92
CA VAL A 48 2.85 0.70 7.66
C VAL A 48 3.15 -0.22 8.84
N THR A 49 3.68 -1.39 8.53
CA THR A 49 4.09 -2.34 9.54
C THR A 49 5.20 -3.21 8.96
N GLY A 50 5.90 -3.94 9.82
CA GLY A 50 7.00 -4.75 9.36
C GLY A 50 6.58 -6.19 9.20
N CYS A 51 7.03 -6.82 8.14
CA CYS A 51 6.61 -8.17 7.82
C CYS A 51 7.54 -9.20 8.47
N PRO A 52 7.02 -10.41 8.71
CA PRO A 52 7.84 -11.53 9.18
C PRO A 52 8.85 -11.94 8.12
N PRO A 53 10.06 -12.35 8.53
CA PRO A 53 11.11 -12.72 7.59
C PRO A 53 10.68 -13.82 6.63
N PHE A 54 10.90 -13.56 5.36
CA PHE A 54 10.54 -14.50 4.32
C PHE A 54 11.78 -15.09 3.68
N ASP A 55 11.71 -16.39 3.36
CA ASP A 55 12.79 -17.05 2.66
C ASP A 55 12.33 -17.41 1.26
N GLU A 56 12.81 -16.67 0.28
CA GLU A 56 12.46 -16.96 -1.11
C GLU A 56 13.12 -18.28 -1.56
N HIS A 57 14.13 -18.71 -0.80
CA HIS A 57 14.79 -19.99 -1.05
C HIS A 57 13.90 -21.12 -0.55
N LYS A 58 13.20 -20.85 0.55
CA LYS A 58 12.29 -21.83 1.12
C LYS A 58 11.06 -21.93 0.23
N CYS A 59 10.94 -20.99 -0.67
CA CYS A 59 9.92 -21.06 -1.70
C CYS A 59 10.61 -21.31 -3.03
N LEU A 60 9.84 -21.35 -4.12
CA LEU A 60 10.37 -21.61 -5.46
C LEU A 60 10.88 -23.04 -5.57
N ALA A 61 11.95 -23.33 -4.83
CA ALA A 61 12.59 -24.64 -4.83
C ALA A 61 11.61 -25.73 -4.40
N GLU A 62 10.78 -25.39 -3.44
CA GLU A 62 9.76 -26.31 -2.93
C GLU A 62 8.61 -26.49 -3.92
N GLY A 63 8.53 -25.60 -4.91
CA GLY A 63 7.44 -25.66 -5.87
C GLY A 63 6.36 -24.65 -5.55
N GLY A 64 6.76 -23.53 -4.99
CA GLY A 64 5.81 -22.49 -4.63
C GLY A 64 6.01 -21.23 -5.44
N LYS A 65 5.10 -20.28 -5.28
CA LYS A 65 5.13 -19.03 -6.01
C LYS A 65 5.08 -17.85 -5.05
N ILE A 66 5.75 -16.76 -5.40
CA ILE A 66 5.88 -15.63 -4.51
C ILE A 66 4.75 -14.63 -4.71
N MET A 67 4.12 -14.25 -3.61
CA MET A 67 2.95 -13.37 -3.64
C MET A 67 3.17 -12.16 -2.72
N LYS A 68 2.15 -11.33 -2.61
CA LYS A 68 2.19 -10.14 -1.77
C LYS A 68 1.40 -10.38 -0.49
N ILE A 69 1.90 -9.86 0.63
CA ILE A 69 1.21 -9.99 1.91
C ILE A 69 0.10 -8.94 2.04
N PRO A 70 -1.08 -9.34 2.51
CA PRO A 70 -2.17 -8.40 2.81
C PRO A 70 -1.88 -7.62 4.11
N GLY A 71 -1.85 -6.31 4.00
CA GLY A 71 -1.64 -5.48 5.17
C GLY A 71 -0.30 -4.79 5.19
N THR A 72 0.64 -5.27 4.37
CA THR A 72 1.95 -4.64 4.23
C THR A 72 2.61 -5.10 2.95
N CYS A 73 3.69 -4.46 2.55
CA CYS A 73 4.38 -4.88 1.34
C CYS A 73 5.56 -5.75 1.72
N CYS A 74 5.50 -6.99 1.26
CA CYS A 74 6.53 -7.96 1.55
C CYS A 74 6.40 -9.12 0.58
N ASP A 75 7.37 -10.01 0.58
CA ASP A 75 7.29 -11.22 -0.24
C ASP A 75 6.77 -12.37 0.61
N THR A 76 5.97 -13.23 0.02
CA THR A 76 5.47 -14.40 0.73
C THR A 76 5.29 -15.56 -0.25
N CYS A 77 5.18 -16.77 0.27
CA CYS A 77 5.10 -17.95 -0.58
C CYS A 77 3.72 -18.58 -0.53
N GLU A 78 3.17 -18.84 -1.71
CA GLU A 78 1.86 -19.46 -1.83
C GLU A 78 1.99 -20.96 -2.03
N GLY A 1 -6.73 27.21 -6.00
CA GLY A 1 -5.46 27.21 -6.70
C GLY A 1 -4.34 26.70 -5.83
N SER A 2 -3.40 25.99 -6.44
CA SER A 2 -2.23 25.43 -5.74
C SER A 2 -2.64 24.37 -4.71
N MET A 3 -3.92 23.98 -4.73
CA MET A 3 -4.44 23.02 -3.78
C MET A 3 -4.49 21.62 -4.36
N ALA A 4 -4.65 20.62 -3.51
CA ALA A 4 -4.90 19.26 -3.94
C ALA A 4 -6.38 18.98 -3.84
N THR A 5 -6.91 18.26 -4.81
CA THR A 5 -8.31 17.89 -4.80
C THR A 5 -8.49 16.44 -4.39
N ALA A 6 -7.36 15.78 -4.14
CA ALA A 6 -7.36 14.39 -3.73
C ALA A 6 -5.95 13.98 -3.30
N CYS A 7 -5.77 12.70 -3.03
CA CYS A 7 -4.46 12.19 -2.63
C CYS A 7 -3.91 11.29 -3.71
N THR A 8 -2.85 11.75 -4.36
CA THR A 8 -2.18 10.98 -5.37
C THR A 8 -1.25 9.96 -4.72
N ILE A 9 -1.71 8.72 -4.64
CA ILE A 9 -0.92 7.67 -3.99
C ILE A 9 -0.22 6.83 -5.04
N GLN A 10 0.68 5.98 -4.60
CA GLN A 10 1.37 5.06 -5.50
C GLN A 10 1.58 3.72 -4.81
N LEU A 11 1.06 2.66 -5.40
CA LEU A 11 1.17 1.32 -4.85
C LEU A 11 2.60 0.80 -4.98
N ARG A 12 2.88 -0.29 -4.27
CA ARG A 12 4.20 -0.92 -4.26
C ARG A 12 4.62 -1.36 -5.66
N GLY A 13 3.64 -1.69 -6.50
CA GLY A 13 3.93 -2.13 -7.84
C GLY A 13 4.26 -0.99 -8.79
N GLY A 14 4.25 0.24 -8.27
CA GLY A 14 4.54 1.39 -9.09
C GLY A 14 3.30 1.85 -9.82
N GLN A 15 2.20 1.84 -9.11
CA GLN A 15 0.90 2.15 -9.68
C GLN A 15 0.29 3.35 -8.98
N ILE A 16 0.16 4.44 -9.70
CA ILE A 16 -0.36 5.68 -9.13
C ILE A 16 -1.89 5.66 -9.10
N MET A 17 -2.45 5.84 -7.92
CA MET A 17 -3.90 5.73 -7.74
C MET A 17 -4.45 7.04 -7.18
N THR A 18 -5.67 7.38 -7.57
CA THR A 18 -6.31 8.60 -7.10
C THR A 18 -7.29 8.33 -5.96
N LEU A 19 -6.91 8.73 -4.76
CA LEU A 19 -7.76 8.58 -3.59
C LEU A 19 -8.37 9.92 -3.22
N LYS A 20 -9.66 9.94 -2.98
CA LYS A 20 -10.34 11.18 -2.62
C LYS A 20 -10.56 11.27 -1.11
N ARG A 21 -11.24 12.32 -0.68
CA ARG A 21 -11.45 12.61 0.75
C ARG A 21 -12.04 11.41 1.49
N ASP A 22 -11.25 10.88 2.41
CA ASP A 22 -11.65 9.77 3.28
C ASP A 22 -11.87 8.49 2.51
N GLU A 23 -11.29 8.43 1.32
CA GLU A 23 -11.25 7.18 0.57
C GLU A 23 -9.99 6.42 0.93
N THR A 24 -10.02 5.11 0.76
CA THR A 24 -8.89 4.26 1.11
C THR A 24 -8.57 3.35 -0.06
N LEU A 25 -7.38 2.76 -0.04
CA LEU A 25 -6.99 1.86 -1.11
C LEU A 25 -6.85 0.46 -0.56
N GLN A 26 -7.60 -0.46 -1.11
CA GLN A 26 -7.56 -1.82 -0.66
C GLN A 26 -6.73 -2.68 -1.61
N ASP A 27 -5.50 -2.91 -1.19
CA ASP A 27 -4.54 -3.73 -1.89
C ASP A 27 -3.63 -4.33 -0.83
N GLY A 28 -3.15 -5.56 -1.02
CA GLY A 28 -2.25 -6.09 -0.02
C GLY A 28 -0.94 -5.34 -0.02
N CYS A 29 -0.88 -4.34 0.86
CA CYS A 29 0.29 -3.54 1.10
C CYS A 29 0.01 -2.69 2.33
N ASP A 30 0.92 -1.78 2.66
CA ASP A 30 0.65 -0.79 3.71
C ASP A 30 -0.65 -0.06 3.37
N THR A 31 -1.63 -0.12 4.27
CA THR A 31 -2.96 0.44 4.01
C THR A 31 -2.89 1.94 3.75
N HIS A 32 -3.38 2.35 2.58
CA HIS A 32 -3.32 3.74 2.16
C HIS A 32 -4.60 4.48 2.54
N PHE A 33 -4.46 5.57 3.30
CA PHE A 33 -5.59 6.39 3.67
C PHE A 33 -5.45 7.80 3.09
N CYS A 34 -6.56 8.36 2.64
CA CYS A 34 -6.60 9.76 2.22
C CYS A 34 -7.58 10.51 3.09
N LYS A 35 -7.09 11.50 3.83
CA LYS A 35 -7.96 12.33 4.65
C LYS A 35 -7.61 13.78 4.46
N VAL A 36 -8.60 14.65 4.50
CA VAL A 36 -8.39 16.06 4.29
C VAL A 36 -8.56 16.80 5.62
N ASN A 37 -7.80 17.87 5.80
CA ASN A 37 -7.93 18.70 7.00
C ASN A 37 -8.99 19.77 6.79
N GLU A 38 -9.47 20.37 7.87
CA GLU A 38 -10.49 21.41 7.80
C GLU A 38 -10.00 22.64 7.02
N ARG A 39 -8.68 22.72 6.84
CA ARG A 39 -8.09 23.81 6.06
C ARG A 39 -8.12 23.50 4.56
N GLY A 40 -8.56 22.29 4.23
CA GLY A 40 -8.75 21.92 2.83
C GLY A 40 -7.55 21.23 2.22
N GLU A 41 -6.67 20.67 3.04
CA GLU A 41 -5.51 19.96 2.51
C GLU A 41 -5.64 18.46 2.65
N TYR A 42 -5.30 17.75 1.59
CA TYR A 42 -5.36 16.30 1.57
C TYR A 42 -4.06 15.71 2.10
N PHE A 43 -4.18 14.78 3.02
CA PHE A 43 -3.03 14.15 3.65
C PHE A 43 -3.00 12.66 3.30
N TRP A 44 -1.86 12.22 2.78
CA TRP A 44 -1.66 10.80 2.53
C TRP A 44 -0.69 10.22 3.55
N GLU A 45 -1.18 9.27 4.32
CA GLU A 45 -0.38 8.58 5.32
C GLU A 45 -0.69 7.10 5.25
N LYS A 46 0.33 6.27 5.39
CA LYS A 46 0.15 4.82 5.28
C LYS A 46 0.01 4.19 6.65
N ARG A 47 -0.81 3.15 6.69
CA ARG A 47 -0.99 2.35 7.90
C ARG A 47 -0.16 1.07 7.79
N VAL A 48 0.90 1.00 8.57
CA VAL A 48 1.85 -0.11 8.47
C VAL A 48 1.72 -1.09 9.63
N THR A 49 2.13 -2.32 9.38
CA THR A 49 2.13 -3.36 10.39
C THR A 49 3.45 -4.13 10.31
N GLY A 50 3.60 -5.17 11.11
CA GLY A 50 4.81 -5.96 11.07
C GLY A 50 4.60 -7.30 10.37
N CYS A 51 5.24 -7.49 9.23
CA CYS A 51 5.14 -8.74 8.50
C CYS A 51 6.22 -9.72 8.98
N PRO A 52 5.96 -11.03 8.86
CA PRO A 52 6.90 -12.06 9.29
C PRO A 52 8.05 -12.27 8.28
N PRO A 53 9.23 -12.67 8.77
CA PRO A 53 10.39 -12.97 7.91
C PRO A 53 10.10 -14.05 6.88
N PHE A 54 10.82 -14.00 5.77
CA PHE A 54 10.59 -14.94 4.67
C PHE A 54 11.92 -15.40 4.05
N ASP A 55 12.02 -16.70 3.84
CA ASP A 55 13.15 -17.29 3.15
C ASP A 55 12.79 -17.55 1.71
N GLU A 56 13.24 -16.69 0.82
CA GLU A 56 12.93 -16.84 -0.60
C GLU A 56 13.53 -18.14 -1.16
N HIS A 57 14.66 -18.57 -0.60
CA HIS A 57 15.33 -19.81 -1.00
C HIS A 57 14.49 -21.02 -0.63
N LYS A 58 13.63 -20.83 0.35
CA LYS A 58 12.73 -21.89 0.80
C LYS A 58 11.57 -21.98 -0.17
N CYS A 59 11.51 -21.00 -1.04
CA CYS A 59 10.58 -21.00 -2.17
C CYS A 59 11.42 -21.09 -3.43
N LEU A 60 10.77 -21.02 -4.59
CA LEU A 60 11.45 -21.10 -5.90
C LEU A 60 12.02 -22.49 -6.13
N ALA A 61 12.89 -22.91 -5.22
CA ALA A 61 13.52 -24.22 -5.27
C ALA A 61 12.46 -25.33 -5.30
N GLU A 62 11.37 -25.12 -4.56
CA GLU A 62 10.26 -26.06 -4.54
C GLU A 62 9.29 -25.79 -5.68
N GLY A 63 9.58 -24.78 -6.49
CA GLY A 63 8.72 -24.44 -7.59
C GLY A 63 7.62 -23.47 -7.22
N GLY A 64 7.74 -22.87 -6.03
CA GLY A 64 6.75 -21.94 -5.56
C GLY A 64 6.95 -20.55 -6.12
N LYS A 65 5.96 -19.71 -5.94
CA LYS A 65 6.00 -18.34 -6.46
C LYS A 65 5.96 -17.34 -5.32
N ILE A 66 6.56 -16.17 -5.53
CA ILE A 66 6.66 -15.14 -4.50
C ILE A 66 5.57 -14.10 -4.70
N MET A 67 4.78 -13.88 -3.66
CA MET A 67 3.66 -12.94 -3.72
C MET A 67 3.78 -11.91 -2.59
N LYS A 68 2.82 -10.99 -2.53
CA LYS A 68 2.77 -10.03 -1.43
C LYS A 68 1.63 -10.34 -0.49
N ILE A 69 1.81 -10.01 0.79
CA ILE A 69 0.86 -10.34 1.84
C ILE A 69 -0.35 -9.40 1.83
N PRO A 70 -1.56 -9.91 2.13
CA PRO A 70 -2.73 -9.06 2.29
C PRO A 70 -2.69 -8.29 3.61
N GLY A 71 -2.61 -6.96 3.51
CA GLY A 71 -2.62 -6.12 4.69
C GLY A 71 -1.29 -5.43 4.96
N THR A 72 -0.26 -5.85 4.23
CA THR A 72 1.05 -5.21 4.32
C THR A 72 1.92 -5.64 3.16
N CYS A 73 3.00 -4.92 2.92
CA CYS A 73 3.88 -5.29 1.83
C CYS A 73 5.07 -6.08 2.36
N CYS A 74 5.15 -7.33 1.90
CA CYS A 74 6.17 -8.25 2.32
C CYS A 74 6.26 -9.37 1.29
N ASP A 75 7.19 -10.27 1.46
CA ASP A 75 7.33 -11.39 0.53
C ASP A 75 6.74 -12.64 1.15
N THR A 76 6.17 -13.49 0.32
CA THR A 76 5.60 -14.75 0.79
C THR A 76 5.56 -15.77 -0.36
N CYS A 77 5.63 -17.04 -0.01
CA CYS A 77 5.67 -18.10 -1.02
C CYS A 77 4.31 -18.78 -1.14
N GLU A 78 3.86 -18.91 -2.38
CA GLU A 78 2.62 -19.62 -2.70
C GLU A 78 1.43 -19.03 -1.93
N GLY A 1 -5.23 28.57 -3.28
CA GLY A 1 -4.76 28.08 -4.56
C GLY A 1 -3.78 26.95 -4.40
N SER A 2 -3.66 26.10 -5.44
CA SER A 2 -2.74 24.97 -5.41
C SER A 2 -3.11 23.98 -4.32
N MET A 3 -4.39 23.98 -3.95
CA MET A 3 -4.90 23.09 -2.93
C MET A 3 -5.31 21.76 -3.55
N ALA A 4 -5.05 20.68 -2.83
CA ALA A 4 -5.34 19.34 -3.32
C ALA A 4 -6.83 19.05 -3.23
N THR A 5 -7.33 18.31 -4.21
CA THR A 5 -8.73 17.90 -4.22
C THR A 5 -8.83 16.40 -4.00
N ALA A 6 -7.68 15.79 -3.74
CA ALA A 6 -7.58 14.37 -3.45
C ALA A 6 -6.17 14.04 -3.00
N CYS A 7 -5.89 12.76 -2.81
CA CYS A 7 -4.57 12.32 -2.38
C CYS A 7 -3.89 11.54 -3.51
N THR A 8 -2.83 12.12 -4.05
CA THR A 8 -2.05 11.46 -5.07
C THR A 8 -1.10 10.43 -4.43
N ILE A 9 -1.44 9.15 -4.59
CA ILE A 9 -0.64 8.10 -3.97
C ILE A 9 0.18 7.38 -5.03
N GLN A 10 1.11 6.55 -4.58
CA GLN A 10 1.87 5.71 -5.48
C GLN A 10 2.04 4.33 -4.86
N LEU A 11 1.50 3.32 -5.54
CA LEU A 11 1.63 1.94 -5.09
C LEU A 11 3.09 1.50 -5.16
N ARG A 12 3.45 0.55 -4.31
CA ARG A 12 4.81 0.02 -4.27
C ARG A 12 5.24 -0.53 -5.63
N GLY A 13 4.26 -1.04 -6.39
CA GLY A 13 4.55 -1.63 -7.69
C GLY A 13 4.81 -0.59 -8.77
N GLY A 14 4.62 0.68 -8.44
CA GLY A 14 4.86 1.74 -9.41
C GLY A 14 3.59 2.17 -10.12
N GLN A 15 2.58 2.52 -9.34
CA GLN A 15 1.28 2.93 -9.89
C GLN A 15 0.71 4.10 -9.11
N ILE A 16 0.52 5.22 -9.78
CA ILE A 16 -0.01 6.43 -9.12
C ILE A 16 -1.54 6.41 -9.15
N MET A 17 -2.15 6.60 -8.00
CA MET A 17 -3.61 6.61 -7.91
C MET A 17 -4.07 7.91 -7.25
N THR A 18 -5.29 8.31 -7.56
CA THR A 18 -5.88 9.48 -6.92
C THR A 18 -7.00 9.06 -5.97
N LEU A 19 -6.75 9.17 -4.68
CA LEU A 19 -7.74 8.81 -3.69
C LEU A 19 -8.47 10.04 -3.21
N LYS A 20 -9.78 9.95 -3.15
CA LYS A 20 -10.59 11.06 -2.69
C LYS A 20 -10.72 11.01 -1.17
N ARG A 21 -11.46 11.95 -0.61
CA ARG A 21 -11.62 12.02 0.84
C ARG A 21 -12.12 10.70 1.43
N ASP A 22 -11.33 10.15 2.35
CA ASP A 22 -11.68 8.95 3.11
C ASP A 22 -11.61 7.70 2.25
N GLU A 23 -11.18 7.87 1.01
CA GLU A 23 -10.94 6.75 0.12
C GLU A 23 -9.65 6.05 0.52
N THR A 24 -9.62 4.76 0.32
CA THR A 24 -8.45 3.96 0.60
C THR A 24 -8.13 3.11 -0.63
N LEU A 25 -6.90 2.63 -0.72
CA LEU A 25 -6.52 1.82 -1.84
C LEU A 25 -6.25 0.40 -1.37
N GLN A 26 -7.09 -0.52 -1.80
CA GLN A 26 -6.95 -1.91 -1.40
C GLN A 26 -6.13 -2.69 -2.42
N ASP A 27 -4.88 -2.87 -2.07
CA ASP A 27 -3.91 -3.62 -2.85
C ASP A 27 -3.04 -4.35 -1.85
N GLY A 28 -2.56 -5.56 -2.16
CA GLY A 28 -1.72 -6.22 -1.18
C GLY A 28 -0.40 -5.51 -1.06
N CYS A 29 -0.38 -4.57 -0.14
CA CYS A 29 0.76 -3.73 0.13
C CYS A 29 0.47 -2.95 1.40
N ASP A 30 1.35 -2.02 1.75
CA ASP A 30 1.10 -1.08 2.84
C ASP A 30 -0.11 -0.22 2.45
N THR A 31 -1.21 -0.38 3.19
CA THR A 31 -2.49 0.18 2.80
C THR A 31 -2.46 1.72 2.74
N HIS A 32 -2.93 2.26 1.64
CA HIS A 32 -2.91 3.70 1.43
C HIS A 32 -4.21 4.34 1.88
N PHE A 33 -4.11 5.40 2.68
CA PHE A 33 -5.28 6.10 3.21
C PHE A 33 -5.27 7.57 2.79
N CYS A 34 -6.43 8.10 2.43
CA CYS A 34 -6.57 9.52 2.13
C CYS A 34 -7.46 10.19 3.17
N LYS A 35 -6.86 11.05 3.99
CA LYS A 35 -7.59 11.73 5.05
C LYS A 35 -7.46 13.24 4.88
N VAL A 36 -8.59 13.93 4.77
CA VAL A 36 -8.58 15.37 4.63
C VAL A 36 -8.97 16.05 5.94
N ASN A 37 -8.36 17.19 6.22
CA ASN A 37 -8.74 17.98 7.39
C ASN A 37 -9.79 18.98 6.95
N GLU A 38 -10.57 19.51 7.87
CA GLU A 38 -11.69 20.39 7.55
C GLU A 38 -11.20 21.74 7.01
N ARG A 39 -9.88 21.89 6.92
CA ARG A 39 -9.28 23.04 6.25
C ARG A 39 -9.29 22.83 4.75
N GLY A 40 -9.66 21.63 4.33
CA GLY A 40 -9.69 21.30 2.92
C GLY A 40 -8.36 20.78 2.43
N GLU A 41 -7.60 20.17 3.34
CA GLU A 41 -6.27 19.69 3.01
C GLU A 41 -6.18 18.18 3.13
N TYR A 42 -5.78 17.55 2.03
CA TYR A 42 -5.70 16.10 1.96
C TYR A 42 -4.33 15.61 2.41
N PHE A 43 -4.34 14.66 3.33
CA PHE A 43 -3.13 14.05 3.85
C PHE A 43 -3.05 12.61 3.37
N TRP A 44 -1.88 12.20 2.91
CA TRP A 44 -1.68 10.84 2.47
C TRP A 44 -0.73 10.11 3.40
N GLU A 45 -1.28 9.18 4.16
CA GLU A 45 -0.47 8.33 5.01
C GLU A 45 -0.53 6.90 4.53
N LYS A 46 0.51 6.14 4.83
CA LYS A 46 0.60 4.76 4.40
C LYS A 46 0.64 3.84 5.61
N ARG A 47 -0.29 2.91 5.65
CA ARG A 47 -0.36 1.96 6.76
C ARG A 47 0.76 0.94 6.59
N VAL A 48 1.78 1.08 7.43
CA VAL A 48 2.98 0.27 7.32
C VAL A 48 3.25 -0.47 8.62
N THR A 49 3.98 -1.56 8.51
CA THR A 49 4.35 -2.34 9.67
C THR A 49 5.50 -3.29 9.28
N GLY A 50 5.85 -4.17 10.19
CA GLY A 50 6.85 -5.18 9.88
C GLY A 50 6.19 -6.50 9.56
N CYS A 51 6.50 -7.04 8.39
CA CYS A 51 5.88 -8.29 7.95
C CYS A 51 6.62 -9.48 8.56
N PRO A 52 5.94 -10.61 8.76
CA PRO A 52 6.58 -11.84 9.22
C PRO A 52 7.70 -12.23 8.27
N PRO A 53 8.91 -12.47 8.80
CA PRO A 53 10.07 -12.74 7.97
C PRO A 53 9.84 -13.92 7.03
N PHE A 54 10.10 -13.66 5.77
CA PHE A 54 9.80 -14.62 4.72
C PHE A 54 11.08 -15.17 4.12
N ASP A 55 11.15 -16.48 4.02
CA ASP A 55 12.28 -17.14 3.43
C ASP A 55 11.98 -17.48 1.98
N GLU A 56 12.46 -16.64 1.07
CA GLU A 56 12.25 -16.86 -0.36
C GLU A 56 13.07 -18.06 -0.82
N HIS A 57 14.04 -18.45 0.00
CA HIS A 57 14.82 -19.67 -0.21
C HIS A 57 13.94 -20.89 0.01
N LYS A 58 13.03 -20.77 0.97
CA LYS A 58 12.15 -21.86 1.33
C LYS A 58 11.07 -22.01 0.27
N CYS A 59 10.98 -21.02 -0.57
CA CYS A 59 10.09 -21.07 -1.71
C CYS A 59 10.95 -21.12 -2.96
N LEU A 60 10.31 -21.19 -4.13
CA LEU A 60 11.01 -21.31 -5.41
C LEU A 60 11.67 -22.68 -5.51
N ALA A 61 12.54 -22.96 -4.54
CA ALA A 61 13.22 -24.24 -4.43
C ALA A 61 12.22 -25.38 -4.25
N GLU A 62 11.07 -25.06 -3.65
CA GLU A 62 10.00 -26.04 -3.46
C GLU A 62 9.07 -26.06 -4.68
N GLY A 63 9.25 -25.10 -5.58
CA GLY A 63 8.35 -24.97 -6.71
C GLY A 63 7.10 -24.19 -6.36
N GLY A 64 7.20 -23.37 -5.31
CA GLY A 64 6.07 -22.57 -4.88
C GLY A 64 6.04 -21.21 -5.53
N LYS A 65 5.06 -20.39 -5.16
CA LYS A 65 4.92 -19.06 -5.73
C LYS A 65 5.08 -17.99 -4.68
N ILE A 66 5.61 -16.85 -5.09
CA ILE A 66 5.78 -15.72 -4.20
C ILE A 66 4.63 -14.74 -4.40
N MET A 67 3.87 -14.52 -3.35
CA MET A 67 2.71 -13.64 -3.39
C MET A 67 2.88 -12.49 -2.43
N LYS A 68 1.87 -11.64 -2.34
CA LYS A 68 1.93 -10.45 -1.50
C LYS A 68 1.11 -10.63 -0.23
N ILE A 69 1.55 -9.98 0.85
CA ILE A 69 0.80 -10.01 2.10
C ILE A 69 -0.21 -8.88 2.16
N PRO A 70 -1.44 -9.16 2.63
CA PRO A 70 -2.45 -8.12 2.85
C PRO A 70 -2.23 -7.36 4.16
N GLY A 71 -2.16 -6.04 4.08
CA GLY A 71 -2.01 -5.22 5.27
C GLY A 71 -0.65 -4.56 5.33
N THR A 72 0.30 -5.10 4.60
CA THR A 72 1.63 -4.52 4.52
C THR A 72 2.28 -4.97 3.23
N CYS A 73 3.36 -4.34 2.84
CA CYS A 73 4.01 -4.74 1.61
C CYS A 73 5.15 -5.69 1.93
N CYS A 74 4.97 -6.92 1.49
CA CYS A 74 5.93 -7.97 1.74
C CYS A 74 5.63 -9.10 0.78
N ASP A 75 6.44 -10.13 0.82
CA ASP A 75 6.22 -11.28 -0.04
C ASP A 75 6.02 -12.55 0.79
N THR A 76 5.26 -13.48 0.26
CA THR A 76 4.98 -14.74 0.92
C THR A 76 5.06 -15.87 -0.10
N CYS A 77 4.96 -17.11 0.36
CA CYS A 77 5.00 -18.26 -0.53
C CYS A 77 3.74 -19.08 -0.35
N GLU A 78 3.04 -19.33 -1.44
CA GLU A 78 1.80 -20.09 -1.37
C GLU A 78 1.81 -21.21 -2.42
N GLY A 1 -3.84 29.17 -4.73
CA GLY A 1 -4.21 29.02 -6.12
C GLY A 1 -4.39 27.56 -6.52
N SER A 2 -3.67 26.69 -5.83
CA SER A 2 -3.78 25.26 -6.06
C SER A 2 -3.65 24.49 -4.75
N MET A 3 -4.77 24.00 -4.26
CA MET A 3 -4.78 23.18 -3.06
C MET A 3 -5.15 21.75 -3.44
N ALA A 4 -4.71 20.79 -2.64
CA ALA A 4 -4.99 19.39 -2.90
C ALA A 4 -6.49 19.13 -2.85
N THR A 5 -6.99 18.45 -3.86
CA THR A 5 -8.37 18.02 -3.88
C THR A 5 -8.48 16.52 -3.70
N ALA A 6 -7.33 15.88 -3.55
CA ALA A 6 -7.25 14.45 -3.34
C ALA A 6 -5.82 14.07 -2.95
N CYS A 7 -5.59 12.78 -2.79
CA CYS A 7 -4.29 12.28 -2.39
C CYS A 7 -3.67 11.48 -3.52
N THR A 8 -2.61 12.02 -4.10
CA THR A 8 -1.89 11.36 -5.17
C THR A 8 -0.86 10.38 -4.60
N ILE A 9 -1.17 9.09 -4.66
CA ILE A 9 -0.32 8.07 -4.09
C ILE A 9 0.39 7.29 -5.19
N GLN A 10 1.42 6.55 -4.83
CA GLN A 10 2.09 5.65 -5.78
C GLN A 10 2.38 4.31 -5.11
N LEU A 11 1.84 3.25 -5.69
CA LEU A 11 1.97 1.90 -5.14
C LEU A 11 3.41 1.39 -5.27
N ARG A 12 3.74 0.36 -4.50
CA ARG A 12 5.05 -0.28 -4.55
C ARG A 12 5.25 -0.96 -5.91
N GLY A 13 4.15 -1.28 -6.57
CA GLY A 13 4.22 -1.90 -7.89
C GLY A 13 4.49 -0.89 -8.98
N GLY A 14 4.59 0.37 -8.61
CA GLY A 14 4.87 1.41 -9.58
C GLY A 14 3.61 1.90 -10.27
N GLN A 15 2.66 2.37 -9.47
CA GLN A 15 1.40 2.87 -10.01
C GLN A 15 0.90 4.07 -9.23
N ILE A 16 0.68 5.17 -9.93
CA ILE A 16 0.16 6.37 -9.32
C ILE A 16 -1.36 6.29 -9.27
N MET A 17 -1.91 6.36 -8.07
CA MET A 17 -3.34 6.22 -7.88
C MET A 17 -3.91 7.48 -7.27
N THR A 18 -5.15 7.79 -7.63
CA THR A 18 -5.80 8.97 -7.13
C THR A 18 -6.84 8.61 -6.06
N LEU A 19 -6.51 8.94 -4.81
CA LEU A 19 -7.43 8.71 -3.71
C LEU A 19 -8.10 10.00 -3.31
N LYS A 20 -9.41 9.96 -3.14
CA LYS A 20 -10.15 11.14 -2.74
C LYS A 20 -10.41 11.12 -1.25
N ARG A 21 -11.21 12.06 -0.76
CA ARG A 21 -11.50 12.16 0.66
C ARG A 21 -12.14 10.86 1.16
N ASP A 22 -11.59 10.32 2.25
CA ASP A 22 -12.16 9.15 2.93
C ASP A 22 -11.93 7.87 2.11
N GLU A 23 -11.13 7.98 1.06
CA GLU A 23 -10.88 6.83 0.19
C GLU A 23 -9.64 6.08 0.64
N THR A 24 -9.59 4.80 0.30
CA THR A 24 -8.48 3.94 0.67
C THR A 24 -8.04 3.13 -0.53
N LEU A 25 -6.81 2.64 -0.51
CA LEU A 25 -6.33 1.83 -1.61
C LEU A 25 -6.11 0.41 -1.12
N GLN A 26 -6.73 -0.53 -1.80
CA GLN A 26 -6.61 -1.92 -1.44
C GLN A 26 -5.69 -2.65 -2.41
N ASP A 27 -4.46 -2.84 -1.96
CA ASP A 27 -3.43 -3.56 -2.70
C ASP A 27 -2.59 -4.28 -1.68
N GLY A 28 -2.05 -5.45 -2.00
CA GLY A 28 -1.16 -6.06 -1.04
C GLY A 28 0.11 -5.24 -0.91
N CYS A 29 0.08 -4.35 0.06
CA CYS A 29 1.17 -3.46 0.40
C CYS A 29 0.77 -2.76 1.69
N ASP A 30 1.55 -1.79 2.15
CA ASP A 30 1.09 -0.95 3.25
C ASP A 30 -0.15 -0.19 2.82
N THR A 31 -1.19 -0.25 3.64
CA THR A 31 -2.51 0.23 3.24
C THR A 31 -2.55 1.76 3.19
N HIS A 32 -2.93 2.28 2.03
CA HIS A 32 -2.92 3.72 1.80
C HIS A 32 -4.27 4.34 2.15
N PHE A 33 -4.24 5.34 3.02
CA PHE A 33 -5.45 6.05 3.43
C PHE A 33 -5.39 7.51 3.01
N CYS A 34 -6.53 8.05 2.58
CA CYS A 34 -6.64 9.47 2.28
C CYS A 34 -7.80 10.09 3.03
N LYS A 35 -7.51 11.13 3.79
CA LYS A 35 -8.55 11.88 4.47
C LYS A 35 -8.26 13.36 4.35
N VAL A 36 -9.15 14.18 4.86
CA VAL A 36 -8.99 15.63 4.73
C VAL A 36 -9.42 16.31 6.02
N ASN A 37 -8.81 17.44 6.33
CA ASN A 37 -9.24 18.25 7.47
C ASN A 37 -10.13 19.39 6.99
N GLU A 38 -10.66 20.15 7.95
CA GLU A 38 -11.65 21.18 7.67
C GLU A 38 -11.15 22.24 6.69
N ARG A 39 -9.83 22.46 6.66
CA ARG A 39 -9.26 23.49 5.79
C ARG A 39 -9.10 23.00 4.36
N GLY A 40 -9.48 21.76 4.11
CA GLY A 40 -9.35 21.18 2.79
C GLY A 40 -7.99 20.54 2.58
N GLU A 41 -7.37 20.17 3.69
CA GLU A 41 -6.05 19.57 3.66
C GLU A 41 -6.14 18.06 3.62
N TYR A 42 -5.72 17.47 2.52
CA TYR A 42 -5.73 16.02 2.36
C TYR A 42 -4.47 15.40 2.95
N PHE A 43 -4.66 14.39 3.76
CA PHE A 43 -3.57 13.69 4.41
C PHE A 43 -3.46 12.27 3.87
N TRP A 44 -2.36 11.97 3.22
CA TRP A 44 -2.08 10.61 2.80
C TRP A 44 -1.18 9.93 3.83
N GLU A 45 -1.71 8.93 4.49
CA GLU A 45 -0.93 8.16 5.44
C GLU A 45 -0.94 6.69 5.06
N LYS A 46 0.10 5.97 5.46
CA LYS A 46 0.28 4.59 5.09
C LYS A 46 0.20 3.71 6.33
N ARG A 47 -0.56 2.65 6.25
CA ARG A 47 -0.75 1.74 7.38
C ARG A 47 0.17 0.54 7.21
N VAL A 48 1.21 0.49 8.03
CA VAL A 48 2.20 -0.57 7.94
C VAL A 48 2.17 -1.45 9.18
N THR A 49 2.43 -2.72 9.00
CA THR A 49 2.59 -3.64 10.10
C THR A 49 3.86 -4.45 9.90
N GLY A 50 4.20 -5.30 10.84
CA GLY A 50 5.46 -5.99 10.77
C GLY A 50 5.34 -7.38 10.20
N CYS A 51 5.72 -7.50 8.93
CA CYS A 51 5.71 -8.77 8.24
C CYS A 51 6.99 -9.53 8.54
N PRO A 52 6.86 -10.85 8.77
CA PRO A 52 7.98 -11.69 9.18
C PRO A 52 9.01 -11.86 8.06
N PRO A 53 10.26 -12.20 8.41
CA PRO A 53 11.30 -12.44 7.40
C PRO A 53 10.91 -13.60 6.49
N PHE A 54 11.06 -13.39 5.20
CA PHE A 54 10.61 -14.35 4.22
C PHE A 54 11.79 -14.98 3.49
N ASP A 55 11.80 -16.29 3.45
CA ASP A 55 12.82 -17.03 2.74
C ASP A 55 12.34 -17.39 1.34
N GLU A 56 12.76 -16.62 0.36
CA GLU A 56 12.44 -16.91 -1.03
C GLU A 56 13.17 -18.19 -1.45
N HIS A 57 14.19 -18.55 -0.66
CA HIS A 57 14.90 -19.83 -0.80
C HIS A 57 13.97 -20.98 -0.41
N LYS A 58 13.12 -20.72 0.57
CA LYS A 58 12.21 -21.73 1.09
C LYS A 58 11.02 -21.85 0.14
N CYS A 59 10.96 -20.93 -0.80
CA CYS A 59 10.01 -20.99 -1.88
C CYS A 59 10.79 -21.20 -3.17
N LEU A 60 10.09 -21.26 -4.30
CA LEU A 60 10.71 -21.49 -5.62
C LEU A 60 11.30 -22.89 -5.70
N ALA A 61 12.24 -23.18 -4.81
CA ALA A 61 12.90 -24.47 -4.73
C ALA A 61 11.89 -25.59 -4.55
N GLU A 62 10.81 -25.30 -3.82
CA GLU A 62 9.76 -26.26 -3.58
C GLU A 62 8.70 -26.24 -4.69
N GLY A 63 8.85 -25.31 -5.62
CA GLY A 63 7.89 -25.16 -6.69
C GLY A 63 6.72 -24.26 -6.31
N GLY A 64 6.94 -23.42 -5.31
CA GLY A 64 5.91 -22.50 -4.87
C GLY A 64 6.02 -21.15 -5.56
N LYS A 65 5.07 -20.27 -5.28
CA LYS A 65 5.02 -18.97 -5.92
C LYS A 65 5.09 -17.85 -4.88
N ILE A 66 5.60 -16.69 -5.30
CA ILE A 66 5.77 -15.57 -4.40
C ILE A 66 4.60 -14.59 -4.55
N MET A 67 4.01 -14.21 -3.43
CA MET A 67 2.77 -13.44 -3.41
C MET A 67 2.89 -12.22 -2.52
N LYS A 68 1.77 -11.50 -2.38
CA LYS A 68 1.73 -10.27 -1.57
C LYS A 68 1.07 -10.56 -0.22
N ILE A 69 1.53 -9.86 0.82
CA ILE A 69 0.88 -9.92 2.12
C ILE A 69 -0.17 -8.82 2.26
N PRO A 70 -1.38 -9.16 2.70
CA PRO A 70 -2.42 -8.17 2.96
C PRO A 70 -2.17 -7.39 4.26
N GLY A 71 -2.04 -6.07 4.15
CA GLY A 71 -1.92 -5.25 5.34
C GLY A 71 -0.54 -4.62 5.50
N THR A 72 0.41 -5.09 4.72
CA THR A 72 1.76 -4.55 4.73
C THR A 72 2.45 -4.94 3.44
N CYS A 73 3.57 -4.32 3.13
CA CYS A 73 4.26 -4.68 1.92
C CYS A 73 5.38 -5.62 2.26
N CYS A 74 5.23 -6.85 1.79
CA CYS A 74 6.19 -7.91 1.97
C CYS A 74 5.85 -9.02 0.99
N ASP A 75 6.81 -9.85 0.67
CA ASP A 75 6.56 -10.96 -0.24
C ASP A 75 6.43 -12.24 0.57
N THR A 76 5.60 -13.16 0.10
CA THR A 76 5.35 -14.40 0.79
C THR A 76 5.26 -15.55 -0.21
N CYS A 77 5.19 -16.78 0.26
CA CYS A 77 5.16 -17.93 -0.64
C CYS A 77 3.84 -18.69 -0.52
N GLU A 78 3.17 -18.86 -1.66
CA GLU A 78 1.95 -19.68 -1.77
C GLU A 78 0.97 -19.41 -0.64
N GLY A 1 -5.19 30.15 -4.02
CA GLY A 1 -5.77 29.03 -3.32
C GLY A 1 -5.31 27.70 -3.85
N SER A 2 -4.02 27.62 -4.19
CA SER A 2 -3.44 26.41 -4.74
C SER A 2 -3.37 25.30 -3.70
N MET A 3 -4.27 24.33 -3.84
CA MET A 3 -4.31 23.21 -2.94
C MET A 3 -4.69 21.95 -3.71
N ALA A 4 -4.44 20.81 -3.11
CA ALA A 4 -4.76 19.54 -3.75
C ALA A 4 -6.26 19.28 -3.70
N THR A 5 -6.75 18.56 -4.70
CA THR A 5 -8.15 18.19 -4.74
C THR A 5 -8.32 16.68 -4.52
N ALA A 6 -7.19 16.02 -4.27
CA ALA A 6 -7.17 14.57 -4.03
C ALA A 6 -5.79 14.13 -3.55
N CYS A 7 -5.63 12.83 -3.31
CA CYS A 7 -4.37 12.28 -2.85
C CYS A 7 -3.75 11.39 -3.91
N THR A 8 -2.65 11.84 -4.48
CA THR A 8 -1.92 11.08 -5.47
C THR A 8 -0.93 10.14 -4.80
N ILE A 9 -1.23 8.84 -4.81
CA ILE A 9 -0.45 7.87 -4.07
C ILE A 9 0.35 6.98 -5.02
N GLN A 10 1.21 6.14 -4.46
CA GLN A 10 1.95 5.17 -5.25
C GLN A 10 2.00 3.82 -4.54
N LEU A 11 1.51 2.79 -5.22
CA LEU A 11 1.57 1.43 -4.67
C LEU A 11 2.99 0.86 -4.79
N ARG A 12 3.31 -0.14 -3.98
CA ARG A 12 4.63 -0.77 -3.97
C ARG A 12 4.90 -1.45 -5.31
N GLY A 13 3.83 -1.74 -6.06
CA GLY A 13 3.98 -2.40 -7.34
C GLY A 13 4.27 -1.44 -8.48
N GLY A 14 4.43 -0.16 -8.14
CA GLY A 14 4.76 0.85 -9.14
C GLY A 14 3.52 1.35 -9.84
N GLN A 15 2.53 1.76 -9.06
CA GLN A 15 1.26 2.21 -9.58
C GLN A 15 0.80 3.47 -8.87
N ILE A 16 0.74 4.57 -9.61
CA ILE A 16 0.30 5.83 -9.04
C ILE A 16 -1.22 5.93 -9.11
N MET A 17 -1.85 5.91 -7.93
CA MET A 17 -3.30 5.87 -7.85
C MET A 17 -3.83 7.20 -7.31
N THR A 18 -5.00 7.60 -7.77
CA THR A 18 -5.60 8.84 -7.33
C THR A 18 -6.76 8.58 -6.38
N LEU A 19 -6.55 8.89 -5.10
CA LEU A 19 -7.58 8.73 -4.10
C LEU A 19 -8.26 10.07 -3.84
N LYS A 20 -9.56 10.03 -3.57
CA LYS A 20 -10.29 11.24 -3.24
C LYS A 20 -10.50 11.32 -1.73
N ARG A 21 -11.30 12.28 -1.31
CA ARG A 21 -11.48 12.59 0.10
C ARG A 21 -12.05 11.39 0.87
N ASP A 22 -11.34 10.98 1.92
CA ASP A 22 -11.75 9.88 2.81
C ASP A 22 -11.75 8.55 2.08
N GLU A 23 -11.12 8.52 0.92
CA GLU A 23 -10.97 7.30 0.15
C GLU A 23 -9.75 6.54 0.63
N THR A 24 -9.81 5.24 0.52
CA THR A 24 -8.70 4.39 0.90
C THR A 24 -8.36 3.48 -0.25
N LEU A 25 -7.17 2.89 -0.23
CA LEU A 25 -6.75 2.03 -1.32
C LEU A 25 -6.67 0.60 -0.82
N GLN A 26 -7.52 -0.23 -1.39
CA GLN A 26 -7.59 -1.62 -1.02
C GLN A 26 -6.70 -2.46 -1.93
N ASP A 27 -5.54 -2.78 -1.41
CA ASP A 27 -4.53 -3.57 -2.10
C ASP A 27 -3.69 -4.25 -1.05
N GLY A 28 -3.22 -5.46 -1.30
CA GLY A 28 -2.31 -6.05 -0.35
C GLY A 28 -1.01 -5.28 -0.34
N CYS A 29 -0.94 -4.33 0.58
CA CYS A 29 0.20 -3.48 0.78
C CYS A 29 -0.02 -2.74 2.08
N ASP A 30 0.87 -1.82 2.43
CA ASP A 30 0.59 -0.92 3.54
C ASP A 30 -0.64 -0.09 3.18
N THR A 31 -1.55 0.05 4.12
CA THR A 31 -2.85 0.63 3.82
C THR A 31 -2.76 2.14 3.60
N HIS A 32 -3.15 2.57 2.41
CA HIS A 32 -3.07 3.97 2.03
C HIS A 32 -4.37 4.70 2.36
N PHE A 33 -4.27 5.77 3.14
CA PHE A 33 -5.44 6.56 3.52
C PHE A 33 -5.35 7.98 2.94
N CYS A 34 -6.46 8.43 2.35
CA CYS A 34 -6.57 9.83 1.93
C CYS A 34 -7.63 10.51 2.78
N LYS A 35 -7.19 11.45 3.61
CA LYS A 35 -8.11 12.17 4.45
C LYS A 35 -7.93 13.66 4.27
N VAL A 36 -8.98 14.42 4.54
CA VAL A 36 -8.92 15.86 4.43
C VAL A 36 -8.95 16.51 5.80
N ASN A 37 -8.07 17.48 5.98
CA ASN A 37 -8.02 18.27 7.21
C ASN A 37 -9.17 19.26 7.23
N GLU A 38 -9.38 19.92 8.36
CA GLU A 38 -10.46 20.89 8.52
C GLU A 38 -10.45 21.97 7.45
N ARG A 39 -9.34 22.11 6.75
CA ARG A 39 -9.15 23.19 5.78
C ARG A 39 -9.20 22.70 4.34
N GLY A 40 -9.60 21.44 4.16
CA GLY A 40 -9.74 20.89 2.82
C GLY A 40 -8.47 20.27 2.29
N GLU A 41 -7.43 20.27 3.11
CA GLU A 41 -6.13 19.76 2.72
C GLU A 41 -6.14 18.24 2.71
N TYR A 42 -5.68 17.66 1.60
CA TYR A 42 -5.65 16.20 1.45
C TYR A 42 -4.34 15.62 1.95
N PHE A 43 -4.44 14.61 2.80
CA PHE A 43 -3.28 13.94 3.37
C PHE A 43 -3.23 12.48 2.95
N TRP A 44 -2.08 12.05 2.45
CA TRP A 44 -1.85 10.65 2.13
C TRP A 44 -0.97 10.02 3.18
N GLU A 45 -1.56 9.15 3.97
CA GLU A 45 -0.84 8.46 5.02
C GLU A 45 -0.70 6.97 4.67
N LYS A 46 0.44 6.39 5.02
CA LYS A 46 0.70 4.98 4.76
C LYS A 46 0.71 4.20 6.07
N ARG A 47 -0.22 3.26 6.20
CA ARG A 47 -0.31 2.44 7.41
C ARG A 47 0.46 1.14 7.22
N VAL A 48 1.60 1.04 7.88
CA VAL A 48 2.50 -0.10 7.70
C VAL A 48 2.49 -0.99 8.94
N THR A 49 2.80 -2.27 8.75
CA THR A 49 2.96 -3.20 9.86
C THR A 49 4.19 -4.07 9.62
N GLY A 50 4.49 -4.95 10.55
CA GLY A 50 5.68 -5.78 10.43
C GLY A 50 5.36 -7.17 9.94
N CYS A 51 6.02 -7.58 8.87
CA CYS A 51 5.82 -8.90 8.32
C CYS A 51 6.92 -9.85 8.81
N PRO A 52 6.64 -11.16 8.84
CA PRO A 52 7.59 -12.16 9.31
C PRO A 52 8.74 -12.38 8.32
N PRO A 53 9.92 -12.81 8.83
CA PRO A 53 11.11 -13.08 7.99
C PRO A 53 10.81 -14.15 6.95
N PHE A 54 11.32 -13.94 5.75
CA PHE A 54 11.00 -14.79 4.63
C PHE A 54 12.25 -15.30 3.92
N ASP A 55 12.21 -16.54 3.46
CA ASP A 55 13.28 -17.13 2.66
C ASP A 55 12.80 -17.30 1.23
N GLU A 56 13.25 -16.44 0.34
CA GLU A 56 12.86 -16.52 -1.06
C GLU A 56 13.42 -17.78 -1.71
N HIS A 57 14.56 -18.27 -1.20
CA HIS A 57 15.18 -19.47 -1.73
C HIS A 57 14.47 -20.70 -1.19
N LYS A 58 13.94 -20.59 0.02
CA LYS A 58 13.19 -21.68 0.60
C LYS A 58 11.80 -21.73 -0.01
N CYS A 59 11.56 -20.79 -0.90
CA CYS A 59 10.43 -20.86 -1.82
C CYS A 59 10.98 -21.05 -3.22
N LEU A 60 10.12 -21.14 -4.22
CA LEU A 60 10.53 -21.29 -5.62
C LEU A 60 11.11 -22.68 -5.85
N ALA A 61 12.21 -22.97 -5.17
CA ALA A 61 12.88 -24.26 -5.27
C ALA A 61 11.96 -25.39 -4.85
N GLU A 62 10.99 -25.05 -4.00
CA GLU A 62 10.02 -26.02 -3.51
C GLU A 62 8.88 -26.23 -4.51
N GLY A 63 8.78 -25.31 -5.47
CA GLY A 63 7.71 -25.36 -6.45
C GLY A 63 6.62 -24.34 -6.17
N GLY A 64 6.96 -23.29 -5.46
CA GLY A 64 6.00 -22.24 -5.17
C GLY A 64 6.39 -20.93 -5.82
N LYS A 65 5.62 -19.88 -5.55
CA LYS A 65 5.93 -18.56 -6.09
C LYS A 65 5.79 -17.52 -4.99
N ILE A 66 6.33 -16.33 -5.23
CA ILE A 66 6.36 -15.30 -4.21
C ILE A 66 5.16 -14.38 -4.37
N MET A 67 4.33 -14.36 -3.33
CA MET A 67 3.09 -13.60 -3.33
C MET A 67 3.20 -12.41 -2.39
N LYS A 68 2.11 -11.66 -2.27
CA LYS A 68 2.06 -10.54 -1.36
C LYS A 68 1.22 -10.90 -0.14
N ILE A 69 1.69 -10.49 1.03
CA ILE A 69 0.96 -10.73 2.27
C ILE A 69 -0.29 -9.87 2.35
N PRO A 70 -1.44 -10.46 2.67
CA PRO A 70 -2.69 -9.71 2.83
C PRO A 70 -2.65 -8.76 4.00
N GLY A 71 -2.74 -7.46 3.71
CA GLY A 71 -2.79 -6.47 4.76
C GLY A 71 -1.55 -5.63 4.88
N THR A 72 -0.50 -6.01 4.16
CA THR A 72 0.75 -5.27 4.18
C THR A 72 1.57 -5.59 2.96
N CYS A 73 2.65 -4.84 2.74
CA CYS A 73 3.53 -5.14 1.63
C CYS A 73 4.74 -5.90 2.14
N CYS A 74 4.86 -7.12 1.68
CA CYS A 74 5.98 -7.97 2.01
C CYS A 74 6.03 -9.09 0.99
N ASP A 75 7.08 -9.90 1.01
CA ASP A 75 7.18 -11.02 0.10
C ASP A 75 6.98 -12.31 0.87
N THR A 76 6.15 -13.19 0.35
CA THR A 76 5.83 -14.43 1.02
C THR A 76 5.69 -15.56 -0.01
N CYS A 77 5.69 -16.79 0.45
CA CYS A 77 5.57 -17.94 -0.44
C CYS A 77 4.19 -18.55 -0.33
N GLU A 78 3.67 -19.00 -1.46
CA GLU A 78 2.37 -19.68 -1.50
C GLU A 78 1.25 -18.76 -0.99
N GLY A 1 -7.13 26.23 -6.84
CA GLY A 1 -6.89 24.80 -6.85
C GLY A 1 -5.41 24.48 -6.81
N SER A 2 -4.64 25.39 -6.22
CA SER A 2 -3.20 25.22 -6.13
C SER A 2 -2.83 24.14 -5.11
N MET A 3 -3.71 23.90 -4.15
CA MET A 3 -3.50 22.87 -3.15
C MET A 3 -4.07 21.55 -3.62
N ALA A 4 -3.68 20.47 -2.95
CA ALA A 4 -4.16 19.14 -3.30
C ALA A 4 -5.66 19.03 -3.09
N THR A 5 -6.33 18.48 -4.07
CA THR A 5 -7.76 18.25 -3.99
C THR A 5 -8.05 16.77 -3.80
N ALA A 6 -6.99 16.01 -3.52
CA ALA A 6 -7.08 14.58 -3.26
C ALA A 6 -5.71 14.09 -2.78
N CYS A 7 -5.56 12.78 -2.63
CA CYS A 7 -4.29 12.22 -2.23
C CYS A 7 -3.68 11.43 -3.37
N THR A 8 -2.60 11.94 -3.93
CA THR A 8 -1.92 11.28 -5.01
C THR A 8 -0.88 10.32 -4.46
N ILE A 9 -1.20 9.03 -4.51
CA ILE A 9 -0.34 8.01 -3.93
C ILE A 9 0.41 7.27 -5.03
N GLN A 10 1.37 6.45 -4.63
CA GLN A 10 2.12 5.64 -5.57
C GLN A 10 2.33 4.24 -5.00
N LEU A 11 1.68 3.26 -5.61
CA LEU A 11 1.76 1.87 -5.15
C LEU A 11 3.15 1.30 -5.39
N ARG A 12 3.55 0.33 -4.57
CA ARG A 12 4.83 -0.34 -4.73
C ARG A 12 4.90 -1.08 -6.06
N GLY A 13 3.74 -1.29 -6.67
CA GLY A 13 3.68 -1.88 -7.99
C GLY A 13 4.15 -0.91 -9.07
N GLY A 14 4.12 0.38 -8.75
CA GLY A 14 4.56 1.41 -9.69
C GLY A 14 3.42 2.22 -10.24
N GLN A 15 2.27 2.16 -9.55
CA GLN A 15 1.08 2.86 -10.02
C GLN A 15 0.77 4.09 -9.19
N ILE A 16 0.64 5.22 -9.85
CA ILE A 16 0.23 6.45 -9.19
C ILE A 16 -1.29 6.50 -9.17
N MET A 17 -1.87 6.58 -7.98
CA MET A 17 -3.31 6.49 -7.82
C MET A 17 -3.84 7.75 -7.14
N THR A 18 -5.07 8.12 -7.48
CA THR A 18 -5.68 9.30 -6.91
C THR A 18 -6.82 8.94 -5.95
N LEU A 19 -6.60 9.14 -4.67
CA LEU A 19 -7.62 8.87 -3.66
C LEU A 19 -8.29 10.17 -3.24
N LYS A 20 -9.61 10.14 -3.12
CA LYS A 20 -10.34 11.31 -2.64
C LYS A 20 -10.47 11.29 -1.13
N ARG A 21 -11.20 12.25 -0.60
CA ARG A 21 -11.45 12.32 0.83
C ARG A 21 -12.21 11.07 1.28
N ASP A 22 -11.64 10.37 2.28
CA ASP A 22 -12.25 9.18 2.88
C ASP A 22 -12.11 7.95 1.97
N GLU A 23 -11.33 8.10 0.92
CA GLU A 23 -11.07 6.98 0.02
C GLU A 23 -9.80 6.24 0.44
N THR A 24 -9.81 4.94 0.20
CA THR A 24 -8.69 4.09 0.56
C THR A 24 -8.27 3.27 -0.66
N LEU A 25 -7.07 2.71 -0.64
CA LEU A 25 -6.59 1.93 -1.76
C LEU A 25 -6.45 0.48 -1.34
N GLN A 26 -7.19 -0.37 -2.03
CA GLN A 26 -7.17 -1.79 -1.73
C GLN A 26 -6.19 -2.51 -2.64
N ASP A 27 -5.03 -2.81 -2.07
CA ASP A 27 -3.95 -3.50 -2.76
C ASP A 27 -3.10 -4.19 -1.72
N GLY A 28 -2.56 -5.37 -2.02
CA GLY A 28 -1.71 -6.01 -1.05
C GLY A 28 -0.41 -5.26 -0.89
N CYS A 29 -0.43 -4.35 0.07
CA CYS A 29 0.71 -3.55 0.45
C CYS A 29 0.32 -2.84 1.73
N ASP A 30 1.18 -1.94 2.21
CA ASP A 30 0.83 -1.10 3.35
C ASP A 30 -0.40 -0.25 2.98
N THR A 31 -1.50 -0.51 3.67
CA THR A 31 -2.80 0.06 3.31
C THR A 31 -2.78 1.59 3.25
N HIS A 32 -3.16 2.13 2.11
CA HIS A 32 -3.12 3.57 1.87
C HIS A 32 -4.47 4.22 2.20
N PHE A 33 -4.43 5.21 3.07
CA PHE A 33 -5.63 5.95 3.46
C PHE A 33 -5.52 7.41 3.04
N CYS A 34 -6.65 8.00 2.70
CA CYS A 34 -6.70 9.43 2.37
C CYS A 34 -7.80 10.13 3.17
N LYS A 35 -7.40 11.12 3.94
CA LYS A 35 -8.33 11.95 4.70
C LYS A 35 -8.02 13.41 4.45
N VAL A 36 -8.81 14.31 4.99
CA VAL A 36 -8.57 15.73 4.81
C VAL A 36 -8.97 16.52 6.05
N ASN A 37 -8.16 17.49 6.43
CA ASN A 37 -8.45 18.34 7.56
C ASN A 37 -9.50 19.36 7.14
N GLU A 38 -10.23 19.91 8.09
CA GLU A 38 -11.33 20.85 7.79
C GLU A 38 -10.83 22.06 7.02
N ARG A 39 -9.54 22.33 7.11
CA ARG A 39 -8.95 23.49 6.46
C ARG A 39 -8.67 23.21 4.98
N GLY A 40 -8.96 21.98 4.56
CA GLY A 40 -8.91 21.67 3.14
C GLY A 40 -7.59 21.06 2.68
N GLU A 41 -6.89 20.37 3.57
CA GLU A 41 -5.65 19.71 3.18
C GLU A 41 -5.74 18.22 3.37
N TYR A 42 -5.35 17.49 2.33
CA TYR A 42 -5.46 16.04 2.32
C TYR A 42 -4.23 15.38 2.96
N PHE A 43 -4.48 14.32 3.70
CA PHE A 43 -3.45 13.60 4.41
C PHE A 43 -3.38 12.16 3.92
N TRP A 44 -2.26 11.79 3.34
CA TRP A 44 -2.03 10.42 2.91
C TRP A 44 -1.31 9.65 4.00
N GLU A 45 -1.96 8.62 4.49
CA GLU A 45 -1.37 7.79 5.52
C GLU A 45 -1.17 6.37 5.00
N LYS A 46 0.00 5.81 5.27
CA LYS A 46 0.26 4.42 4.98
C LYS A 46 0.16 3.61 6.26
N ARG A 47 -0.80 2.72 6.32
CA ARG A 47 -0.91 1.84 7.45
C ARG A 47 0.10 0.71 7.32
N VAL A 48 1.15 0.80 8.14
CA VAL A 48 2.26 -0.13 8.08
C VAL A 48 2.34 -0.93 9.37
N THR A 49 2.65 -2.20 9.24
CA THR A 49 2.86 -3.05 10.40
C THR A 49 4.13 -3.88 10.15
N GLY A 50 4.42 -4.82 11.03
CA GLY A 50 5.64 -5.59 10.89
C GLY A 50 5.39 -6.94 10.28
N CYS A 51 5.93 -7.16 9.09
CA CYS A 51 5.80 -8.44 8.42
C CYS A 51 6.94 -9.37 8.82
N PRO A 52 6.66 -10.67 8.96
CA PRO A 52 7.68 -11.67 9.26
C PRO A 52 8.62 -11.86 8.07
N PRO A 53 9.94 -11.90 8.32
CA PRO A 53 10.92 -12.12 7.27
C PRO A 53 10.59 -13.36 6.46
N PHE A 54 10.64 -13.20 5.15
CA PHE A 54 10.23 -14.25 4.24
C PHE A 54 11.42 -14.89 3.58
N ASP A 55 11.40 -16.22 3.52
CA ASP A 55 12.47 -16.96 2.88
C ASP A 55 12.09 -17.27 1.44
N GLU A 56 12.59 -16.47 0.50
CA GLU A 56 12.31 -16.71 -0.90
C GLU A 56 13.08 -17.95 -1.36
N HIS A 57 14.08 -18.35 -0.58
CA HIS A 57 14.83 -19.58 -0.84
C HIS A 57 13.99 -20.79 -0.48
N LYS A 58 13.26 -20.69 0.63
CA LYS A 58 12.39 -21.77 1.06
C LYS A 58 11.16 -21.86 0.17
N CYS A 59 11.03 -20.89 -0.72
CA CYS A 59 10.07 -20.96 -1.81
C CYS A 59 10.85 -21.08 -3.12
N LEU A 60 10.14 -21.14 -4.25
CA LEU A 60 10.76 -21.24 -5.58
C LEU A 60 11.43 -22.59 -5.77
N ALA A 61 12.48 -22.83 -4.99
CA ALA A 61 13.24 -24.07 -5.06
C ALA A 61 12.34 -25.28 -4.87
N GLU A 62 11.34 -25.14 -4.00
CA GLU A 62 10.39 -26.22 -3.73
C GLU A 62 9.22 -26.21 -4.72
N GLY A 63 9.29 -25.32 -5.71
CA GLY A 63 8.25 -25.27 -6.71
C GLY A 63 7.11 -24.36 -6.30
N GLY A 64 7.44 -23.31 -5.56
CA GLY A 64 6.41 -22.39 -5.10
C GLY A 64 6.41 -21.08 -5.86
N LYS A 65 5.46 -20.22 -5.53
CA LYS A 65 5.32 -18.93 -6.20
C LYS A 65 5.13 -17.82 -5.16
N ILE A 66 5.63 -16.64 -5.48
CA ILE A 66 5.74 -15.57 -4.49
C ILE A 66 4.58 -14.56 -4.62
N MET A 67 3.98 -14.23 -3.49
CA MET A 67 2.89 -13.27 -3.44
C MET A 67 3.21 -12.19 -2.44
N LYS A 68 2.29 -11.26 -2.25
CA LYS A 68 2.48 -10.17 -1.30
C LYS A 68 1.43 -10.25 -0.18
N ILE A 69 1.82 -9.83 1.01
CA ILE A 69 0.93 -9.90 2.17
C ILE A 69 -0.11 -8.78 2.15
N PRO A 70 -1.35 -9.05 2.61
CA PRO A 70 -2.37 -8.02 2.80
C PRO A 70 -2.18 -7.26 4.11
N GLY A 71 -2.26 -5.94 4.05
CA GLY A 71 -2.16 -5.14 5.24
C GLY A 71 -0.82 -4.42 5.35
N THR A 72 0.20 -5.05 4.80
CA THR A 72 1.54 -4.49 4.79
C THR A 72 2.25 -4.93 3.53
N CYS A 73 3.36 -4.31 3.20
CA CYS A 73 4.07 -4.70 2.00
C CYS A 73 5.19 -5.65 2.37
N CYS A 74 5.05 -6.87 1.92
CA CYS A 74 6.03 -7.91 2.16
C CYS A 74 5.74 -9.05 1.20
N ASP A 75 6.66 -9.99 1.05
CA ASP A 75 6.42 -11.13 0.16
C ASP A 75 6.11 -12.38 0.97
N THR A 76 5.42 -13.31 0.33
CA THR A 76 5.09 -14.58 0.94
C THR A 76 5.05 -15.66 -0.13
N CYS A 77 5.03 -16.92 0.28
CA CYS A 77 5.04 -18.02 -0.66
C CYS A 77 3.69 -18.72 -0.67
N GLU A 78 3.12 -18.85 -1.86
CA GLU A 78 1.78 -19.43 -2.02
C GLU A 78 1.80 -20.92 -1.72
N GLY A 1 2.07 24.11 -0.15
CA GLY A 1 1.96 25.08 -1.22
C GLY A 1 1.25 24.51 -2.44
N SER A 2 1.51 23.25 -2.73
CA SER A 2 0.87 22.57 -3.84
C SER A 2 -0.60 22.33 -3.52
N MET A 3 -1.46 22.66 -4.46
CA MET A 3 -2.90 22.53 -4.28
C MET A 3 -3.32 21.07 -4.32
N ALA A 4 -3.81 20.59 -3.20
CA ALA A 4 -4.27 19.22 -3.11
C ALA A 4 -5.78 19.17 -3.13
N THR A 5 -6.30 18.44 -4.09
CA THR A 5 -7.72 18.15 -4.13
C THR A 5 -7.94 16.64 -4.14
N ALA A 6 -6.85 15.92 -3.90
CA ALA A 6 -6.86 14.46 -3.82
C ALA A 6 -5.49 13.97 -3.37
N CYS A 7 -5.36 12.67 -3.20
CA CYS A 7 -4.11 12.07 -2.75
C CYS A 7 -3.51 11.21 -3.85
N THR A 8 -2.35 11.62 -4.35
CA THR A 8 -1.65 10.84 -5.35
C THR A 8 -0.82 9.74 -4.66
N ILE A 9 -1.26 8.50 -4.82
CA ILE A 9 -0.59 7.38 -4.17
C ILE A 9 0.09 6.51 -5.22
N GLN A 10 1.00 5.66 -4.77
CA GLN A 10 1.60 4.67 -5.64
C GLN A 10 1.59 3.32 -4.93
N LEU A 11 0.87 2.38 -5.51
CA LEU A 11 0.74 1.05 -4.92
C LEU A 11 2.08 0.34 -4.90
N ARG A 12 2.26 -0.49 -3.87
CA ARG A 12 3.50 -1.25 -3.71
C ARG A 12 3.61 -2.30 -4.82
N GLY A 13 2.48 -2.59 -5.45
CA GLY A 13 2.48 -3.50 -6.59
C GLY A 13 2.97 -2.83 -7.86
N GLY A 14 2.92 -1.51 -7.89
CA GLY A 14 3.47 -0.75 -8.99
C GLY A 14 2.42 -0.04 -9.81
N GLN A 15 1.70 0.89 -9.19
CA GLN A 15 0.64 1.61 -9.88
C GLN A 15 0.34 2.94 -9.17
N ILE A 16 0.39 4.03 -9.93
CA ILE A 16 0.05 5.35 -9.40
C ILE A 16 -1.45 5.57 -9.46
N MET A 17 -2.04 5.93 -8.33
CA MET A 17 -3.49 6.06 -8.23
C MET A 17 -3.86 7.40 -7.62
N THR A 18 -5.00 7.95 -8.03
CA THR A 18 -5.50 9.16 -7.42
C THR A 18 -6.68 8.88 -6.49
N LEU A 19 -6.45 9.04 -5.20
CA LEU A 19 -7.49 8.83 -4.21
C LEU A 19 -8.13 10.15 -3.84
N LYS A 20 -9.44 10.14 -3.68
CA LYS A 20 -10.15 11.36 -3.35
C LYS A 20 -10.42 11.40 -1.84
N ARG A 21 -11.06 12.46 -1.35
CA ARG A 21 -11.25 12.62 0.08
C ARG A 21 -12.08 11.50 0.69
N ASP A 22 -11.49 10.86 1.70
CA ASP A 22 -12.11 9.79 2.48
C ASP A 22 -12.26 8.52 1.65
N GLU A 23 -11.40 8.40 0.64
CA GLU A 23 -11.34 7.20 -0.18
C GLU A 23 -10.19 6.31 0.30
N THR A 24 -10.39 5.00 0.19
CA THR A 24 -9.37 4.04 0.58
C THR A 24 -9.07 3.13 -0.59
N LEU A 25 -7.90 2.52 -0.60
CA LEU A 25 -7.51 1.70 -1.72
C LEU A 25 -7.44 0.25 -1.29
N GLN A 26 -8.17 -0.60 -2.00
CA GLN A 26 -8.23 -2.00 -1.70
C GLN A 26 -7.27 -2.79 -2.58
N ASP A 27 -6.13 -3.13 -1.99
CA ASP A 27 -5.09 -3.90 -2.66
C ASP A 27 -4.31 -4.60 -1.57
N GLY A 28 -3.82 -5.82 -1.81
CA GLY A 28 -3.05 -6.46 -0.77
C GLY A 28 -1.71 -5.80 -0.61
N CYS A 29 -1.67 -4.83 0.29
CA CYS A 29 -0.50 -4.04 0.58
C CYS A 29 -0.78 -3.27 1.87
N ASP A 30 0.15 -2.40 2.24
CA ASP A 30 -0.08 -1.43 3.31
C ASP A 30 -1.30 -0.59 2.93
N THR A 31 -2.33 -0.64 3.75
CA THR A 31 -3.62 -0.03 3.43
C THR A 31 -3.49 1.49 3.26
N HIS A 32 -3.94 1.98 2.11
CA HIS A 32 -3.79 3.39 1.77
C HIS A 32 -5.07 4.16 2.08
N PHE A 33 -4.95 5.16 2.95
CA PHE A 33 -6.09 6.02 3.29
C PHE A 33 -5.85 7.44 2.80
N CYS A 34 -6.87 8.06 2.23
CA CYS A 34 -6.82 9.46 1.88
C CYS A 34 -7.95 10.21 2.55
N LYS A 35 -7.61 11.23 3.31
CA LYS A 35 -8.61 12.05 3.97
C LYS A 35 -8.24 13.52 3.81
N VAL A 36 -9.12 14.43 4.21
CA VAL A 36 -8.83 15.85 4.12
C VAL A 36 -9.23 16.55 5.41
N ASN A 37 -8.41 17.47 5.87
CA ASN A 37 -8.69 18.21 7.09
C ASN A 37 -9.70 19.31 6.80
N GLU A 38 -10.31 19.87 7.84
CA GLU A 38 -11.35 20.89 7.70
C GLU A 38 -10.81 22.22 7.19
N ARG A 39 -9.53 22.25 6.82
CA ARG A 39 -8.93 23.42 6.18
C ARG A 39 -8.81 23.19 4.67
N GLY A 40 -9.11 21.98 4.23
CA GLY A 40 -9.04 21.67 2.82
C GLY A 40 -7.71 21.06 2.41
N GLU A 41 -7.06 20.38 3.36
CA GLU A 41 -5.77 19.77 3.08
C GLU A 41 -5.86 18.25 3.11
N TYR A 42 -5.37 17.61 2.06
CA TYR A 42 -5.47 16.16 1.91
C TYR A 42 -4.29 15.46 2.55
N PHE A 43 -4.59 14.38 3.26
CA PHE A 43 -3.59 13.59 3.96
C PHE A 43 -3.64 12.15 3.49
N TRP A 44 -2.50 11.64 3.05
CA TRP A 44 -2.38 10.26 2.67
C TRP A 44 -1.62 9.48 3.74
N GLU A 45 -2.33 8.67 4.51
CA GLU A 45 -1.69 7.84 5.49
C GLU A 45 -1.61 6.40 4.99
N LYS A 46 -0.46 5.79 5.20
CA LYS A 46 -0.28 4.38 4.90
C LYS A 46 -0.40 3.60 6.18
N ARG A 47 -1.42 2.76 6.30
CA ARG A 47 -1.58 1.96 7.48
C ARG A 47 -0.57 0.82 7.41
N VAL A 48 0.46 0.92 8.22
CA VAL A 48 1.62 0.04 8.10
C VAL A 48 1.89 -0.71 9.38
N THR A 49 2.53 -1.86 9.23
CA THR A 49 2.96 -2.67 10.34
C THR A 49 4.27 -3.38 9.95
N GLY A 50 4.74 -4.29 10.78
CA GLY A 50 5.97 -4.97 10.48
C GLY A 50 5.73 -6.35 9.92
N CYS A 51 6.24 -6.60 8.72
CA CYS A 51 6.10 -7.91 8.11
C CYS A 51 7.30 -8.78 8.49
N PRO A 52 7.13 -10.11 8.49
CA PRO A 52 8.20 -11.04 8.84
C PRO A 52 9.31 -11.05 7.79
N PRO A 53 10.54 -11.37 8.20
CA PRO A 53 11.65 -11.55 7.25
C PRO A 53 11.37 -12.72 6.32
N PHE A 54 11.59 -12.51 5.04
CA PHE A 54 11.25 -13.51 4.05
C PHE A 54 12.47 -13.91 3.23
N ASP A 55 12.49 -15.17 2.81
CA ASP A 55 13.54 -15.67 1.94
C ASP A 55 12.96 -16.01 0.58
N GLU A 56 13.20 -15.16 -0.39
CA GLU A 56 12.71 -15.41 -1.75
C GLU A 56 13.46 -16.58 -2.37
N HIS A 57 14.65 -16.88 -1.84
CA HIS A 57 15.44 -18.03 -2.27
C HIS A 57 14.84 -19.31 -1.75
N LYS A 58 14.30 -19.26 -0.53
CA LYS A 58 13.71 -20.44 0.08
C LYS A 58 12.37 -20.75 -0.58
N CYS A 59 11.91 -19.81 -1.40
CA CYS A 59 10.75 -20.03 -2.24
C CYS A 59 11.23 -20.06 -3.69
N LEU A 60 10.31 -20.22 -4.63
CA LEU A 60 10.64 -20.26 -6.07
C LEU A 60 11.41 -21.52 -6.40
N ALA A 61 12.67 -21.55 -5.97
CA ALA A 61 13.56 -22.68 -6.20
C ALA A 61 12.96 -23.97 -5.64
N GLU A 62 12.19 -23.82 -4.56
CA GLU A 62 11.56 -24.97 -3.93
C GLU A 62 10.24 -25.34 -4.58
N GLY A 63 9.85 -24.59 -5.60
CA GLY A 63 8.65 -24.91 -6.34
C GLY A 63 7.46 -24.08 -5.91
N GLY A 64 7.72 -22.99 -5.21
CA GLY A 64 6.65 -22.14 -4.74
C GLY A 64 6.60 -20.83 -5.49
N LYS A 65 5.68 -19.95 -5.09
CA LYS A 65 5.54 -18.64 -5.71
C LYS A 65 5.33 -17.57 -4.65
N ILE A 66 5.61 -16.33 -5.03
CA ILE A 66 5.63 -15.24 -4.07
C ILE A 66 4.33 -14.45 -4.11
N MET A 67 3.66 -14.39 -2.96
CA MET A 67 2.39 -13.69 -2.80
C MET A 67 2.59 -12.37 -2.06
N LYS A 68 1.48 -11.69 -1.81
CA LYS A 68 1.49 -10.42 -1.09
C LYS A 68 0.70 -10.56 0.22
N ILE A 69 1.14 -9.84 1.25
CA ILE A 69 0.47 -9.89 2.55
C ILE A 69 -0.68 -8.89 2.61
N PRO A 70 -1.81 -9.27 3.23
CA PRO A 70 -2.91 -8.34 3.52
C PRO A 70 -2.66 -7.50 4.78
N GLY A 71 -2.76 -6.19 4.63
CA GLY A 71 -2.56 -5.30 5.77
C GLY A 71 -1.25 -4.55 5.66
N THR A 72 -0.27 -5.21 5.06
CA THR A 72 1.00 -4.60 4.74
C THR A 72 1.57 -5.28 3.52
N CYS A 73 2.32 -4.57 2.73
CA CYS A 73 2.81 -5.16 1.51
C CYS A 73 4.22 -5.65 1.73
N CYS A 74 4.38 -6.95 1.56
CA CYS A 74 5.62 -7.62 1.81
C CYS A 74 5.61 -8.91 1.02
N ASP A 75 6.77 -9.42 0.69
CA ASP A 75 6.85 -10.63 -0.11
C ASP A 75 6.71 -11.84 0.79
N THR A 76 5.92 -12.81 0.38
CA THR A 76 5.72 -14.01 1.16
C THR A 76 5.54 -15.20 0.22
N CYS A 77 5.90 -16.38 0.68
CA CYS A 77 5.77 -17.58 -0.12
C CYS A 77 4.50 -18.31 0.28
N GLU A 78 3.86 -18.96 -0.70
CA GLU A 78 2.59 -19.67 -0.49
C GLU A 78 2.59 -20.49 0.79
N GLY A 1 1.14 24.57 0.65
CA GLY A 1 0.82 25.57 -0.35
C GLY A 1 0.48 24.94 -1.69
N SER A 2 0.85 23.67 -1.85
CA SER A 2 0.54 22.92 -3.05
C SER A 2 -0.94 22.58 -3.07
N MET A 3 -1.66 23.10 -4.06
CA MET A 3 -3.08 22.85 -4.18
C MET A 3 -3.34 21.39 -4.54
N ALA A 4 -3.89 20.68 -3.59
CA ALA A 4 -4.30 19.31 -3.81
C ALA A 4 -5.81 19.21 -3.76
N THR A 5 -6.37 18.53 -4.73
CA THR A 5 -7.79 18.30 -4.76
C THR A 5 -8.11 16.84 -4.54
N ALA A 6 -7.06 16.06 -4.31
CA ALA A 6 -7.17 14.64 -4.05
C ALA A 6 -5.82 14.11 -3.59
N CYS A 7 -5.71 12.81 -3.41
CA CYS A 7 -4.46 12.21 -3.00
C CYS A 7 -3.91 11.35 -4.12
N THR A 8 -2.82 11.81 -4.71
CA THR A 8 -2.11 11.03 -5.71
C THR A 8 -1.27 9.96 -5.01
N ILE A 9 -1.79 8.75 -4.96
CA ILE A 9 -1.11 7.67 -4.26
C ILE A 9 -0.36 6.78 -5.24
N GLN A 10 0.45 5.88 -4.71
CA GLN A 10 1.12 4.91 -5.54
C GLN A 10 1.18 3.58 -4.80
N LEU A 11 0.61 2.54 -5.43
CA LEU A 11 0.65 1.20 -4.85
C LEU A 11 2.08 0.69 -4.86
N ARG A 12 2.42 -0.19 -3.92
CA ARG A 12 3.76 -0.77 -3.86
C ARG A 12 4.02 -1.63 -5.09
N GLY A 13 2.94 -2.03 -5.76
CA GLY A 13 3.06 -2.74 -7.01
C GLY A 13 3.58 -1.86 -8.13
N GLY A 14 3.47 -0.55 -7.94
CA GLY A 14 4.01 0.38 -8.93
C GLY A 14 2.93 1.02 -9.76
N GLN A 15 1.85 1.42 -9.12
CA GLN A 15 0.71 1.99 -9.83
C GLN A 15 0.24 3.26 -9.15
N ILE A 16 0.28 4.36 -9.89
CA ILE A 16 -0.18 5.64 -9.36
C ILE A 16 -1.70 5.72 -9.46
N MET A 17 -2.35 5.97 -8.34
CA MET A 17 -3.81 5.95 -8.27
C MET A 17 -4.34 7.28 -7.75
N THR A 18 -5.57 7.61 -8.11
CA THR A 18 -6.19 8.84 -7.68
C THR A 18 -7.25 8.59 -6.61
N LEU A 19 -6.94 8.97 -5.38
CA LEU A 19 -7.90 8.85 -4.28
C LEU A 19 -8.48 10.20 -3.92
N LYS A 20 -9.75 10.23 -3.60
CA LYS A 20 -10.42 11.46 -3.26
C LYS A 20 -10.63 11.55 -1.75
N ARG A 21 -11.22 12.64 -1.29
CA ARG A 21 -11.40 12.87 0.14
C ARG A 21 -12.21 11.75 0.79
N ASP A 22 -11.61 11.15 1.82
CA ASP A 22 -12.24 10.12 2.64
C ASP A 22 -12.36 8.81 1.84
N GLU A 23 -11.58 8.71 0.77
CA GLU A 23 -11.51 7.48 0.00
C GLU A 23 -10.27 6.69 0.40
N THR A 24 -10.36 5.37 0.26
CA THR A 24 -9.26 4.51 0.61
C THR A 24 -8.98 3.58 -0.55
N LEU A 25 -7.79 2.98 -0.57
CA LEU A 25 -7.47 2.03 -1.62
C LEU A 25 -7.32 0.66 -1.01
N GLN A 26 -8.25 -0.21 -1.32
CA GLN A 26 -8.24 -1.54 -0.77
C GLN A 26 -7.53 -2.50 -1.70
N ASP A 27 -6.28 -2.73 -1.36
CA ASP A 27 -5.40 -3.65 -2.04
C ASP A 27 -4.54 -4.29 -0.97
N GLY A 28 -4.19 -5.56 -1.07
CA GLY A 28 -3.34 -6.12 -0.05
C GLY A 28 -1.98 -5.46 -0.09
N CYS A 29 -1.84 -4.44 0.73
CA CYS A 29 -0.65 -3.61 0.73
C CYS A 29 -0.70 -2.69 1.94
N ASP A 30 0.25 -1.77 2.02
CA ASP A 30 0.15 -0.68 2.97
C ASP A 30 -1.15 0.07 2.70
N THR A 31 -2.11 -0.01 3.63
CA THR A 31 -3.45 0.52 3.38
C THR A 31 -3.42 2.03 3.16
N HIS A 32 -3.84 2.45 1.97
CA HIS A 32 -3.77 3.85 1.59
C HIS A 32 -5.03 4.59 2.00
N PHE A 33 -4.89 5.53 2.93
CA PHE A 33 -6.00 6.37 3.36
C PHE A 33 -5.84 7.79 2.83
N CYS A 34 -6.87 8.29 2.16
CA CYS A 34 -6.91 9.67 1.73
C CYS A 34 -8.02 10.40 2.45
N LYS A 35 -7.67 11.42 3.21
CA LYS A 35 -8.65 12.21 3.94
C LYS A 35 -8.28 13.68 3.83
N VAL A 36 -9.16 14.57 4.27
CA VAL A 36 -8.87 15.99 4.18
C VAL A 36 -9.32 16.70 5.45
N ASN A 37 -8.50 17.62 5.92
CA ASN A 37 -8.84 18.41 7.09
C ASN A 37 -9.68 19.62 6.66
N GLU A 38 -10.37 20.25 7.61
CA GLU A 38 -11.22 21.40 7.31
C GLU A 38 -10.42 22.60 6.80
N ARG A 39 -9.09 22.48 6.82
CA ARG A 39 -8.22 23.49 6.22
C ARG A 39 -8.26 23.37 4.70
N GLY A 40 -8.78 22.25 4.22
CA GLY A 40 -8.84 22.00 2.80
C GLY A 40 -7.60 21.30 2.29
N GLU A 41 -6.96 20.55 3.18
CA GLU A 41 -5.71 19.90 2.83
C GLU A 41 -5.83 18.39 2.91
N TYR A 42 -5.42 17.72 1.85
CA TYR A 42 -5.54 16.27 1.75
C TYR A 42 -4.35 15.57 2.41
N PHE A 43 -4.66 14.55 3.19
CA PHE A 43 -3.66 13.77 3.91
C PHE A 43 -3.63 12.36 3.35
N TRP A 44 -2.44 11.82 3.16
CA TRP A 44 -2.29 10.47 2.68
C TRP A 44 -1.39 9.66 3.61
N GLU A 45 -1.99 8.74 4.34
CA GLU A 45 -1.23 7.85 5.21
C GLU A 45 -1.27 6.43 4.69
N LYS A 46 -0.13 5.77 4.69
CA LYS A 46 -0.08 4.36 4.41
C LYS A 46 -0.04 3.58 5.71
N ARG A 47 -1.05 2.78 5.96
CA ARG A 47 -1.07 1.98 7.16
C ARG A 47 -0.10 0.82 7.02
N VAL A 48 1.01 0.90 7.74
CA VAL A 48 2.09 -0.07 7.62
C VAL A 48 2.30 -0.82 8.92
N THR A 49 2.85 -2.02 8.81
CA THR A 49 3.16 -2.83 9.97
C THR A 49 4.51 -3.52 9.77
N GLY A 50 4.89 -4.36 10.71
CA GLY A 50 6.14 -5.09 10.60
C GLY A 50 5.93 -6.50 10.14
N CYS A 51 6.31 -6.79 8.90
CA CYS A 51 6.12 -8.12 8.35
C CYS A 51 7.33 -8.99 8.64
N PRO A 52 7.15 -10.32 8.71
CA PRO A 52 8.24 -11.26 8.99
C PRO A 52 9.31 -11.23 7.91
N PRO A 53 10.58 -11.46 8.28
CA PRO A 53 11.65 -11.65 7.31
C PRO A 53 11.41 -12.89 6.47
N PHE A 54 11.65 -12.78 5.17
CA PHE A 54 11.34 -13.85 4.24
C PHE A 54 12.54 -14.19 3.38
N ASP A 55 12.82 -15.48 3.28
CA ASP A 55 13.88 -15.98 2.43
C ASP A 55 13.30 -16.39 1.09
N GLU A 56 13.44 -15.53 0.10
CA GLU A 56 12.97 -15.85 -1.25
C GLU A 56 13.71 -17.07 -1.80
N HIS A 57 14.89 -17.34 -1.23
CA HIS A 57 15.67 -18.53 -1.57
C HIS A 57 14.92 -19.79 -1.13
N LYS A 58 14.16 -19.66 -0.05
CA LYS A 58 13.45 -20.79 0.50
C LYS A 58 12.21 -21.06 -0.34
N CYS A 59 11.92 -20.13 -1.24
CA CYS A 59 10.89 -20.30 -2.22
C CYS A 59 11.53 -20.34 -3.60
N LEU A 60 10.70 -20.41 -4.65
CA LEU A 60 11.20 -20.48 -6.04
C LEU A 60 11.90 -21.81 -6.28
N ALA A 61 12.99 -22.02 -5.54
CA ALA A 61 13.76 -23.25 -5.60
C ALA A 61 12.89 -24.44 -5.19
N GLU A 62 11.84 -24.17 -4.44
CA GLU A 62 10.91 -25.20 -3.99
C GLU A 62 9.83 -25.48 -5.04
N GLY A 63 9.71 -24.60 -6.04
CA GLY A 63 8.70 -24.77 -7.06
C GLY A 63 7.44 -23.99 -6.77
N GLY A 64 7.54 -23.00 -5.89
CA GLY A 64 6.39 -22.18 -5.54
C GLY A 64 6.53 -20.76 -6.08
N LYS A 65 5.70 -19.85 -5.58
CA LYS A 65 5.77 -18.46 -6.02
C LYS A 65 5.62 -17.54 -4.82
N ILE A 66 5.90 -16.27 -5.04
CA ILE A 66 5.92 -15.29 -3.96
C ILE A 66 4.62 -14.51 -3.93
N MET A 67 3.88 -14.70 -2.84
CA MET A 67 2.59 -14.04 -2.64
C MET A 67 2.78 -12.78 -1.80
N LYS A 68 1.67 -12.13 -1.51
CA LYS A 68 1.67 -11.00 -0.61
C LYS A 68 1.08 -11.42 0.73
N ILE A 69 1.52 -10.77 1.79
CA ILE A 69 0.97 -11.04 3.11
C ILE A 69 -0.36 -10.33 3.28
N PRO A 70 -1.42 -11.07 3.66
CA PRO A 70 -2.74 -10.50 3.85
C PRO A 70 -2.75 -9.38 4.90
N GLY A 71 -3.03 -8.16 4.45
CA GLY A 71 -3.10 -7.03 5.35
C GLY A 71 -1.96 -6.05 5.19
N THR A 72 -0.97 -6.38 4.36
CA THR A 72 0.17 -5.49 4.14
C THR A 72 0.91 -5.86 2.86
N CYS A 73 1.92 -5.08 2.51
CA CYS A 73 2.76 -5.45 1.39
C CYS A 73 4.07 -6.03 1.91
N CYS A 74 4.28 -7.30 1.61
CA CYS A 74 5.50 -7.99 1.97
C CYS A 74 5.60 -9.25 1.13
N ASP A 75 6.77 -9.85 1.07
CA ASP A 75 6.96 -11.03 0.27
C ASP A 75 6.82 -12.27 1.13
N THR A 76 6.12 -13.28 0.59
CA THR A 76 5.99 -14.54 1.27
C THR A 76 5.79 -15.66 0.24
N CYS A 77 6.03 -16.89 0.63
CA CYS A 77 5.93 -18.02 -0.28
C CYS A 77 4.66 -18.79 0.01
N GLU A 78 4.04 -19.33 -1.04
CA GLU A 78 2.78 -20.06 -0.89
C GLU A 78 2.95 -21.27 0.02
#